data_5TFT
#
_entry.id   5TFT
#
_cell.length_a   57.474
_cell.length_b   192.563
_cell.length_c   247.901
_cell.angle_alpha   90.00
_cell.angle_beta   90.00
_cell.angle_gamma   90.00
#
_symmetry.space_group_name_H-M   'P 21 21 21'
#
loop_
_entity.id
_entity.type
_entity.pdbx_description
1 polymer 'Cytochrome P450 2D6'
2 non-polymer 'PROTOPORPHYRIN IX CONTAINING FE'
3 non-polymer 'ZINC ION'
4 non-polymer (4S)-4-[2,4-difluoro-5-({[1-(trifluoromethyl)cyclopropyl]amino}methyl)phenyl]-4-methyl-5,6-dihydro-4H-1,3-thiazin-2-amine
5 water water
#
_entity_poly.entity_id   1
_entity_poly.type   'polypeptide(L)'
_entity_poly.pdbx_seq_one_letter_code
;MAKKTSSKGKLPPGPLPLPGLGNLLHVDFQNTPYCFDQLRRRFGDVFSLQLAWTPVVVLNGLAAVREALVTHGEDTADRP
PVPITQILGFGPRSQGVFLARYGPAWREQRRFSVSTLRNLGLGKKSLEQWVTEEAACLCAAFANHSGRPFRPNGLLDKAV
SNVIASLTCGRRFEYDDPRFLRLLDLAQEGLKEESGFLREVLNAVPVLLHIPALAGKVLRFQKAFLTQLDELLTEHRMTW
DPAQPPRDLTEAFLAEMEKAKGNPESSFNDENLRIVVADLFSAGMVTTSTTLAWGLLLMILHPDVQRRVQQEIDDVIGQV
RRPEMGDQAHMPYTTAVIHEVQRFGDIVPLGVTHMTSRDIEVQGFRIPKGTTLITNLSSVLKDEAVWEKPFRFHPEHFLD
AQGHFVKPEAFLPFSAGRRACLGEPLARMELFLFFTSLLQHFSFSVPTGQPRPSHHGVFAFLVSPSPYELCAVPRHHHH
;
_entity_poly.pdbx_strand_id   A,B,C,D
#
loop_
_chem_comp.id
_chem_comp.type
_chem_comp.name
_chem_comp.formula
HEM non-polymer 'PROTOPORPHYRIN IX CONTAINING FE' 'C34 H32 Fe N4 O4'
P6U non-polymer (4S)-4-[2,4-difluoro-5-({[1-(trifluoromethyl)cyclopropyl]amino}methyl)phenyl]-4-methyl-5,6-dihydro-4H-1,3-thiazin-2-amine 'C16 H18 F5 N3 S'
ZN non-polymer 'ZINC ION' 'Zn 2'
#
# COMPACT_ATOMS: atom_id res chain seq x y z
N GLY A 9 2.30 31.73 35.06
CA GLY A 9 3.10 30.80 34.29
C GLY A 9 4.14 31.50 33.43
N LYS A 10 4.82 30.72 32.58
CA LYS A 10 5.84 31.26 31.70
C LYS A 10 5.24 31.87 30.44
N LEU A 11 5.68 33.08 30.09
CA LEU A 11 5.30 33.70 28.83
C LEU A 11 6.04 33.00 27.69
N PRO A 12 5.40 32.89 26.52
CA PRO A 12 6.00 32.25 25.35
C PRO A 12 7.31 32.93 24.91
N PRO A 13 8.25 32.15 24.35
CA PRO A 13 9.53 32.67 23.87
C PRO A 13 9.38 33.56 22.64
N GLY A 14 10.50 34.08 22.14
CA GLY A 14 10.48 34.96 20.99
C GLY A 14 11.76 35.78 20.88
N PRO A 15 11.96 36.44 19.73
CA PRO A 15 13.15 37.25 19.47
C PRO A 15 13.29 38.44 20.41
N LEU A 16 14.42 39.14 20.34
CA LEU A 16 14.72 40.24 21.24
C LEU A 16 13.84 41.47 20.98
N PRO A 17 13.11 41.91 22.02
CA PRO A 17 12.25 43.09 21.94
C PRO A 17 13.02 44.41 22.03
N LEU A 18 13.08 45.14 20.92
CA LEU A 18 13.72 46.45 20.90
C LEU A 18 12.94 47.44 21.76
N PRO A 19 13.63 48.48 22.28
CA PRO A 19 12.96 49.45 23.17
C PRO A 19 11.81 50.21 22.50
N GLY A 20 12.00 50.63 21.26
CA GLY A 20 11.00 51.44 20.57
C GLY A 20 10.06 50.65 19.67
N LEU A 21 10.63 49.97 18.68
CA LEU A 21 9.82 49.26 17.70
C LEU A 21 9.48 47.83 18.14
N GLY A 22 10.17 47.36 19.16
CA GLY A 22 9.95 46.01 19.66
C GLY A 22 10.45 44.94 18.70
N ASN A 23 9.51 44.21 18.11
CA ASN A 23 9.86 43.18 17.13
C ASN A 23 9.38 43.55 15.74
N LEU A 24 9.35 44.84 15.45
CA LEU A 24 8.90 45.34 14.15
C LEU A 24 9.95 45.04 13.07
N LEU A 25 11.21 44.96 13.49
CA LEU A 25 12.30 44.74 12.56
C LEU A 25 12.58 43.26 12.32
N HIS A 26 11.97 42.41 13.14
CA HIS A 26 12.14 40.96 13.00
C HIS A 26 11.08 40.36 12.08
N VAL A 27 10.19 41.23 11.59
CA VAL A 27 9.16 40.81 10.64
C VAL A 27 9.21 41.70 9.39
N ASP A 28 9.23 41.07 8.22
CA ASP A 28 9.34 41.80 6.97
C ASP A 28 8.01 42.35 6.47
N PHE A 29 6.91 41.83 7.02
CA PHE A 29 5.54 42.22 6.66
C PHE A 29 5.17 41.90 5.20
N GLN A 30 6.17 41.51 4.42
CA GLN A 30 5.94 40.87 3.13
C GLN A 30 6.43 39.43 3.26
N ASN A 31 5.59 38.48 2.85
CA ASN A 31 5.81 37.07 3.11
C ASN A 31 5.95 36.82 4.62
N THR A 32 5.06 37.43 5.39
CA THR A 32 4.99 37.22 6.83
C THR A 32 4.82 35.73 7.23
N PRO A 33 3.98 34.97 6.51
CA PRO A 33 3.88 33.55 6.87
C PRO A 33 5.22 32.81 6.74
N TYR A 34 6.03 33.20 5.76
CA TYR A 34 7.36 32.59 5.61
C TYR A 34 8.26 32.95 6.78
N CYS A 35 8.12 34.19 7.28
CA CYS A 35 8.90 34.64 8.43
C CYS A 35 8.47 33.92 9.70
N PHE A 36 7.17 33.62 9.80
CA PHE A 36 6.65 32.93 10.97
C PHE A 36 7.07 31.46 11.01
N ASP A 37 7.33 30.89 9.84
CA ASP A 37 7.81 29.52 9.75
C ASP A 37 9.24 29.43 10.26
N GLN A 38 9.97 30.53 10.15
CA GLN A 38 11.34 30.61 10.67
C GLN A 38 11.30 30.76 12.19
N LEU A 39 10.40 31.59 12.68
CA LEU A 39 10.26 31.83 14.12
C LEU A 39 9.72 30.60 14.83
N ARG A 40 8.90 29.83 14.15
CA ARG A 40 8.37 28.58 14.70
C ARG A 40 9.47 27.55 14.84
N ARG A 41 10.37 27.51 13.87
CA ARG A 41 11.50 26.58 13.89
C ARG A 41 12.65 27.12 14.74
N ARG A 42 12.39 28.19 15.50
CA ARG A 42 13.40 28.79 16.34
C ARG A 42 12.90 29.00 17.78
N PHE A 43 11.59 29.05 17.94
CA PHE A 43 11.01 29.32 19.27
C PHE A 43 9.86 28.38 19.62
N GLY A 44 9.38 27.62 18.64
CA GLY A 44 8.33 26.66 18.89
C GLY A 44 6.97 27.03 18.30
N ASP A 45 5.96 26.26 18.66
CA ASP A 45 4.63 26.42 18.09
C ASP A 45 3.85 27.58 18.71
N VAL A 46 4.33 28.06 19.85
CA VAL A 46 3.73 29.22 20.49
C VAL A 46 4.79 30.24 20.88
N PHE A 47 5.01 31.23 20.02
CA PHE A 47 5.99 32.27 20.32
C PHE A 47 5.33 33.64 20.46
N SER A 48 6.08 34.61 20.97
CA SER A 48 5.55 35.95 21.22
C SER A 48 6.19 36.99 20.32
N LEU A 49 5.48 38.11 20.15
CA LEU A 49 5.99 39.25 19.41
C LEU A 49 5.48 40.54 20.07
N GLN A 50 6.26 41.60 19.93
CA GLN A 50 5.86 42.90 20.45
C GLN A 50 5.76 43.90 19.31
N LEU A 51 4.62 43.92 18.65
CA LEU A 51 4.39 44.85 17.54
C LEU A 51 3.90 46.19 18.08
N ALA A 52 4.83 47.11 18.25
CA ALA A 52 4.56 48.43 18.83
C ALA A 52 3.92 48.31 20.21
N TRP A 53 2.72 48.86 20.35
CA TRP A 53 2.02 48.85 21.63
C TRP A 53 1.27 47.54 21.84
N THR A 54 1.22 46.71 20.82
CA THR A 54 0.41 45.50 20.83
C THR A 54 1.19 44.24 21.17
N PRO A 55 0.81 43.55 22.26
CA PRO A 55 1.35 42.24 22.59
C PRO A 55 0.70 41.14 21.74
N VAL A 56 1.52 40.39 21.01
CA VAL A 56 1.00 39.39 20.07
C VAL A 56 1.56 38.00 20.34
N VAL A 57 0.66 37.02 20.35
CA VAL A 57 1.06 35.61 20.47
C VAL A 57 0.61 34.83 19.25
N VAL A 58 1.55 34.15 18.60
CA VAL A 58 1.25 33.41 17.38
C VAL A 58 1.08 31.92 17.65
N LEU A 59 -0.03 31.37 17.18
CA LEU A 59 -0.34 29.95 17.36
C LEU A 59 -0.05 29.15 16.10
N ASN A 60 0.72 28.07 16.24
CA ASN A 60 1.09 27.25 15.10
C ASN A 60 0.73 25.79 15.30
N GLY A 61 0.27 25.13 14.23
CA GLY A 61 -0.11 23.74 14.29
C GLY A 61 -1.49 23.52 14.87
N LEU A 62 -2.11 22.41 14.49
CA LEU A 62 -3.49 22.09 14.87
C LEU A 62 -3.72 22.09 16.39
N ALA A 63 -2.76 21.57 17.14
CA ALA A 63 -2.91 21.44 18.58
C ALA A 63 -2.98 22.79 19.28
N ALA A 64 -2.05 23.68 18.93
CA ALA A 64 -2.01 25.02 19.55
C ALA A 64 -3.22 25.85 19.16
N VAL A 65 -3.66 25.71 17.91
CA VAL A 65 -4.83 26.44 17.43
C VAL A 65 -6.11 25.93 18.09
N ARG A 66 -6.24 24.62 18.20
CA ARG A 66 -7.42 24.02 18.83
C ARG A 66 -7.50 24.32 20.32
N GLU A 67 -6.34 24.36 20.97
CA GLU A 67 -6.29 24.58 22.41
C GLU A 67 -6.83 25.96 22.77
N ALA A 68 -6.65 26.92 21.87
CA ALA A 68 -7.09 28.28 22.11
C ALA A 68 -8.53 28.50 21.65
N LEU A 69 -8.83 28.08 20.43
CA LEU A 69 -10.11 28.40 19.81
C LEU A 69 -11.25 27.47 20.24
N VAL A 70 -10.91 26.29 20.76
CA VAL A 70 -11.93 25.31 21.14
C VAL A 70 -11.94 25.05 22.65
N THR A 71 -10.80 24.63 23.19
CA THR A 71 -10.69 24.35 24.61
C THR A 71 -10.90 25.63 25.43
N HIS A 72 -10.27 26.71 25.00
CA HIS A 72 -10.45 28.00 25.66
C HIS A 72 -11.23 28.95 24.78
N GLY A 73 -12.18 28.39 24.02
CA GLY A 73 -12.97 29.16 23.07
C GLY A 73 -13.73 30.32 23.70
N GLU A 74 -14.16 30.14 24.94
CA GLU A 74 -14.91 31.16 25.66
C GLU A 74 -14.07 32.40 25.89
N ASP A 75 -12.76 32.21 26.03
CA ASP A 75 -11.86 33.30 26.39
C ASP A 75 -11.09 33.87 25.20
N THR A 76 -11.29 33.29 24.02
CA THR A 76 -10.55 33.71 22.83
C THR A 76 -11.45 34.06 21.66
N ALA A 77 -12.72 34.33 21.93
CA ALA A 77 -13.66 34.62 20.86
C ALA A 77 -13.91 36.12 20.69
N ASP A 78 -13.01 36.94 21.22
CA ASP A 78 -13.15 38.39 21.13
C ASP A 78 -12.30 38.95 19.98
N ARG A 79 -12.60 40.18 19.57
CA ARG A 79 -11.85 40.83 18.51
C ARG A 79 -11.06 42.02 19.06
N PRO A 80 -9.85 42.24 18.54
CA PRO A 80 -9.08 43.43 18.90
C PRO A 80 -9.82 44.69 18.49
N PRO A 81 -9.89 45.69 19.38
CA PRO A 81 -10.66 46.91 19.11
C PRO A 81 -10.16 47.66 17.88
N VAL A 82 -11.09 48.04 17.00
CA VAL A 82 -10.75 48.81 15.82
C VAL A 82 -11.50 50.13 15.85
N PRO A 83 -10.90 51.15 16.48
CA PRO A 83 -11.54 52.45 16.73
C PRO A 83 -11.92 53.21 15.48
N ILE A 84 -11.12 53.11 14.41
CA ILE A 84 -11.33 53.91 13.22
C ILE A 84 -12.61 53.55 12.46
N THR A 85 -13.25 52.44 12.84
CA THR A 85 -14.48 52.01 12.20
C THR A 85 -15.66 52.89 12.62
N GLN A 86 -15.44 53.77 13.60
CA GLN A 86 -16.48 54.67 14.07
C GLN A 86 -16.83 55.70 13.01
N ILE A 87 -15.91 55.92 12.08
CA ILE A 87 -16.17 56.77 10.91
C ILE A 87 -17.26 56.13 10.04
N LEU A 88 -17.24 54.80 9.97
CA LEU A 88 -18.15 54.06 9.12
C LEU A 88 -19.53 53.89 9.76
N GLY A 89 -19.62 54.16 11.06
CA GLY A 89 -20.88 54.08 11.76
C GLY A 89 -20.93 52.97 12.80
N PHE A 90 -19.77 52.49 13.22
CA PHE A 90 -19.69 51.42 14.22
C PHE A 90 -19.98 51.94 15.63
N GLY A 91 -20.91 51.29 16.31
CA GLY A 91 -21.28 51.67 17.66
C GLY A 91 -21.36 50.46 18.57
N PRO A 92 -21.89 50.64 19.79
CA PRO A 92 -22.01 49.56 20.77
C PRO A 92 -23.00 48.47 20.36
N ARG A 93 -24.20 48.87 19.94
CA ARG A 93 -25.22 47.92 19.51
C ARG A 93 -25.26 47.78 17.99
N SER A 94 -24.16 48.16 17.34
CA SER A 94 -24.07 48.09 15.89
C SER A 94 -22.64 47.82 15.43
N GLN A 95 -22.14 46.63 15.71
CA GLN A 95 -20.76 46.29 15.39
C GLN A 95 -20.67 45.24 14.28
N GLY A 96 -21.81 44.87 13.73
CA GLY A 96 -21.85 43.85 12.69
C GLY A 96 -21.63 42.46 13.22
N VAL A 97 -20.88 41.65 12.49
CA VAL A 97 -20.56 40.30 12.92
C VAL A 97 -19.06 40.08 12.93
N PHE A 98 -18.41 40.45 11.83
CA PHE A 98 -17.00 40.16 11.61
C PHE A 98 -16.10 40.81 12.66
N LEU A 99 -16.24 42.13 12.83
CA LEU A 99 -15.38 42.87 13.75
C LEU A 99 -16.01 43.07 15.12
N ALA A 100 -17.22 42.55 15.29
CA ALA A 100 -17.96 42.72 16.54
C ALA A 100 -17.20 42.17 17.73
N ARG A 101 -17.30 42.87 18.87
CA ARG A 101 -16.66 42.41 20.10
C ARG A 101 -17.43 41.23 20.67
N TYR A 102 -16.76 40.41 21.46
CA TYR A 102 -17.41 39.25 22.07
C TYR A 102 -18.45 39.70 23.09
N GLY A 103 -19.69 39.34 22.85
CA GLY A 103 -20.78 39.76 23.72
C GLY A 103 -22.13 39.54 23.06
N PRO A 104 -23.17 40.18 23.61
CA PRO A 104 -24.55 40.01 23.13
C PRO A 104 -24.76 40.59 21.74
N ALA A 105 -24.05 41.66 21.41
CA ALA A 105 -24.18 42.28 20.09
C ALA A 105 -23.69 41.32 18.99
N TRP A 106 -22.57 40.65 19.24
CA TRP A 106 -22.05 39.69 18.27
C TRP A 106 -22.91 38.44 18.19
N ARG A 107 -23.30 37.91 19.34
CA ARG A 107 -23.99 36.63 19.39
C ARG A 107 -25.37 36.68 18.75
N GLU A 108 -26.05 37.81 18.89
CA GLU A 108 -27.37 37.97 18.30
C GLU A 108 -27.28 38.02 16.78
N GLN A 109 -26.29 38.74 16.27
CA GLN A 109 -26.09 38.82 14.82
C GLN A 109 -25.50 37.52 14.28
N ARG A 110 -24.65 36.87 15.08
CA ARG A 110 -24.08 35.59 14.70
C ARG A 110 -25.16 34.53 14.54
N ARG A 111 -26.04 34.43 15.55
CA ARG A 111 -27.10 33.44 15.55
C ARG A 111 -28.14 33.72 14.46
N PHE A 112 -28.32 35.00 14.16
CA PHE A 112 -29.27 35.40 13.12
C PHE A 112 -28.80 35.00 11.74
N SER A 113 -27.54 35.33 11.42
CA SER A 113 -26.97 35.03 10.11
C SER A 113 -26.87 33.53 9.85
N VAL A 114 -26.44 32.78 10.88
CA VAL A 114 -26.28 31.34 10.75
C VAL A 114 -27.61 30.65 10.48
N SER A 115 -28.64 31.05 11.22
CA SER A 115 -29.96 30.45 11.08
C SER A 115 -30.67 30.87 9.80
N THR A 116 -30.47 32.13 9.39
CA THR A 116 -31.11 32.64 8.18
C THR A 116 -30.53 31.97 6.92
N LEU A 117 -29.23 31.74 6.91
CA LEU A 117 -28.60 30.99 5.82
C LEU A 117 -29.23 29.61 5.73
N ARG A 118 -29.44 29.00 6.89
CA ARG A 118 -29.99 27.66 6.98
C ARG A 118 -31.45 27.62 6.51
N ASN A 119 -32.23 28.61 6.94
CA ASN A 119 -33.66 28.65 6.61
C ASN A 119 -33.91 28.93 5.13
N LEU A 120 -33.11 29.80 4.54
CA LEU A 120 -33.27 30.17 3.14
C LEU A 120 -32.83 29.04 2.21
N GLY A 121 -32.16 28.03 2.77
CA GLY A 121 -31.65 26.93 1.97
C GLY A 121 -32.44 25.64 2.12
N LEU A 122 -33.05 25.43 3.29
CA LEU A 122 -33.76 24.19 3.57
C LEU A 122 -35.21 24.24 3.08
N GLY A 123 -35.78 25.44 3.04
CA GLY A 123 -37.18 25.60 2.69
C GLY A 123 -37.51 25.22 1.26
N LYS A 124 -36.86 25.89 0.31
CA LYS A 124 -37.19 25.77 -1.10
C LYS A 124 -35.95 25.64 -1.98
N LYS A 125 -34.84 25.28 -1.36
CA LYS A 125 -33.54 25.17 -2.04
C LYS A 125 -33.16 26.46 -2.76
N SER A 126 -33.59 27.60 -2.20
CA SER A 126 -33.31 28.90 -2.79
C SER A 126 -31.81 29.18 -2.83
N LEU A 127 -31.09 28.78 -1.78
CA LEU A 127 -29.64 28.86 -1.77
C LEU A 127 -29.06 28.16 -2.98
N GLU A 128 -29.41 26.88 -3.13
CA GLU A 128 -28.89 26.05 -4.21
C GLU A 128 -29.37 26.55 -5.58
N GLN A 129 -30.57 27.11 -5.62
CA GLN A 129 -31.16 27.57 -6.87
C GLN A 129 -30.45 28.80 -7.43
N TRP A 130 -30.20 29.79 -6.58
CA TRP A 130 -29.51 31.01 -7.00
C TRP A 130 -28.08 30.72 -7.47
N VAL A 131 -27.45 29.72 -6.86
CA VAL A 131 -26.08 29.35 -7.23
C VAL A 131 -26.06 28.61 -8.56
N THR A 132 -26.94 27.63 -8.69
CA THR A 132 -27.09 26.86 -9.93
C THR A 132 -27.32 27.79 -11.12
N GLU A 133 -28.23 28.75 -10.95
CA GLU A 133 -28.56 29.69 -12.02
C GLU A 133 -27.39 30.63 -12.31
N GLU A 134 -26.65 31.00 -11.26
CA GLU A 134 -25.52 31.91 -11.43
C GLU A 134 -24.36 31.20 -12.11
N ALA A 135 -24.25 29.89 -11.87
CA ALA A 135 -23.24 29.06 -12.52
C ALA A 135 -23.47 29.02 -14.02
N ALA A 136 -24.73 28.93 -14.41
CA ALA A 136 -25.12 28.90 -15.81
C ALA A 136 -24.76 30.22 -16.51
N CYS A 137 -24.96 31.33 -15.79
CA CYS A 137 -24.57 32.64 -16.29
C CYS A 137 -23.05 32.73 -16.42
N LEU A 138 -22.36 32.12 -15.47
CA LEU A 138 -20.90 32.10 -15.46
C LEU A 138 -20.37 31.30 -16.64
N CYS A 139 -21.01 30.16 -16.93
CA CYS A 139 -20.63 29.35 -18.08
C CYS A 139 -20.83 30.11 -19.39
N ALA A 140 -21.89 30.89 -19.47
CA ALA A 140 -22.19 31.65 -20.67
C ALA A 140 -21.18 32.78 -20.88
N ALA A 141 -20.79 33.43 -19.79
CA ALA A 141 -19.81 34.51 -19.86
C ALA A 141 -18.44 33.95 -20.24
N PHE A 142 -18.16 32.71 -19.82
CA PHE A 142 -16.95 32.00 -20.21
C PHE A 142 -17.01 31.64 -21.69
N ALA A 143 -18.19 31.25 -22.15
CA ALA A 143 -18.38 30.82 -23.53
C ALA A 143 -18.08 31.93 -24.54
N ASN A 144 -18.39 33.16 -24.17
CA ASN A 144 -18.17 34.30 -25.05
C ASN A 144 -16.69 34.69 -25.19
N HIS A 145 -15.83 34.10 -24.36
CA HIS A 145 -14.40 34.38 -24.43
C HIS A 145 -13.68 33.33 -25.26
N SER A 146 -14.39 32.28 -25.65
CA SER A 146 -13.79 31.15 -26.35
C SER A 146 -13.05 31.56 -27.62
N GLY A 147 -11.88 30.96 -27.83
CA GLY A 147 -11.05 31.29 -28.97
C GLY A 147 -9.99 32.31 -28.60
N ARG A 148 -10.06 32.80 -27.36
CA ARG A 148 -9.14 33.82 -26.90
C ARG A 148 -8.83 33.67 -25.41
N PRO A 149 -7.54 33.72 -25.04
CA PRO A 149 -7.13 33.68 -23.64
C PRO A 149 -7.65 34.89 -22.85
N PHE A 150 -7.91 34.71 -21.57
CA PHE A 150 -8.44 35.79 -20.74
C PHE A 150 -8.20 35.53 -19.25
N ARG A 151 -8.23 36.60 -18.45
CA ARG A 151 -8.16 36.47 -17.00
C ARG A 151 -9.54 36.16 -16.46
N PRO A 152 -9.68 35.03 -15.75
CA PRO A 152 -10.98 34.57 -15.26
C PRO A 152 -11.43 35.26 -13.98
N ASN A 153 -10.53 36.01 -13.35
CA ASN A 153 -10.78 36.60 -12.04
C ASN A 153 -12.02 37.50 -11.97
N GLY A 154 -12.11 38.44 -12.90
CA GLY A 154 -13.22 39.38 -12.93
C GLY A 154 -14.58 38.74 -13.01
N LEU A 155 -14.70 37.70 -13.82
CA LEU A 155 -15.98 36.99 -13.97
C LEU A 155 -16.30 36.17 -12.73
N LEU A 156 -15.27 35.67 -12.07
CA LEU A 156 -15.45 34.89 -10.86
C LEU A 156 -15.98 35.78 -9.73
N ASP A 157 -15.45 36.99 -9.63
CA ASP A 157 -15.93 37.98 -8.67
C ASP A 157 -17.43 38.25 -8.85
N LYS A 158 -17.84 38.48 -10.09
CA LYS A 158 -19.23 38.81 -10.38
C LYS A 158 -20.16 37.66 -10.01
N ALA A 159 -19.79 36.44 -10.41
CA ALA A 159 -20.62 35.28 -10.15
C ALA A 159 -20.73 35.00 -8.66
N VAL A 160 -19.63 35.21 -7.95
CA VAL A 160 -19.60 35.03 -6.50
C VAL A 160 -20.37 36.16 -5.80
N SER A 161 -20.20 37.39 -6.29
CA SER A 161 -20.90 38.53 -5.72
C SER A 161 -22.41 38.42 -5.86
N ASN A 162 -22.87 37.83 -6.96
CA ASN A 162 -24.30 37.69 -7.22
C ASN A 162 -24.96 36.71 -6.27
N VAL A 163 -24.24 35.65 -5.91
CA VAL A 163 -24.74 34.67 -4.96
C VAL A 163 -25.01 35.32 -3.62
N ILE A 164 -24.10 36.20 -3.20
CA ILE A 164 -24.27 36.94 -1.96
C ILE A 164 -25.46 37.89 -2.03
N ALA A 165 -25.53 38.67 -3.11
CA ALA A 165 -26.63 39.61 -3.32
C ALA A 165 -27.96 38.88 -3.34
N SER A 166 -27.94 37.63 -3.78
CA SER A 166 -29.14 36.80 -3.80
C SER A 166 -29.57 36.43 -2.39
N LEU A 167 -28.61 36.39 -1.47
CA LEU A 167 -28.91 36.04 -0.09
C LEU A 167 -29.19 37.27 0.75
N THR A 168 -28.48 38.36 0.47
CA THR A 168 -28.72 39.62 1.17
C THR A 168 -29.97 40.32 0.66
N CYS A 169 -29.99 40.69 -0.62
CA CYS A 169 -31.07 41.53 -1.15
C CYS A 169 -32.01 40.79 -2.12
N GLY A 170 -31.84 39.48 -2.24
CA GLY A 170 -32.74 38.67 -3.07
C GLY A 170 -32.74 39.02 -4.55
N ARG A 171 -31.58 39.39 -5.08
CA ARG A 171 -31.46 39.74 -6.48
C ARG A 171 -30.06 39.45 -7.03
N ARG A 172 -29.93 39.47 -8.35
CA ARG A 172 -28.63 39.44 -8.99
C ARG A 172 -28.47 40.67 -9.87
N PHE A 173 -27.24 40.91 -10.32
CA PHE A 173 -26.97 42.02 -11.23
C PHE A 173 -26.36 41.50 -12.52
N GLU A 174 -26.69 42.12 -13.64
CA GLU A 174 -26.07 41.78 -14.92
C GLU A 174 -24.60 42.11 -14.84
N TYR A 175 -23.78 41.38 -15.62
CA TYR A 175 -22.34 41.52 -15.52
C TYR A 175 -21.84 42.86 -16.08
N ASP A 176 -22.71 43.55 -16.82
CA ASP A 176 -22.35 44.85 -17.39
C ASP A 176 -23.09 45.98 -16.70
N ASP A 177 -23.69 45.69 -15.55
CA ASP A 177 -24.41 46.70 -14.78
C ASP A 177 -23.44 47.73 -14.21
N PRO A 178 -23.66 49.01 -14.53
CA PRO A 178 -22.80 50.11 -14.07
C PRO A 178 -22.66 50.18 -12.55
N ARG A 179 -23.77 50.02 -11.83
CA ARG A 179 -23.72 50.08 -10.37
C ARG A 179 -23.07 48.83 -9.77
N PHE A 180 -23.23 47.70 -10.46
CA PHE A 180 -22.61 46.46 -10.02
C PHE A 180 -21.09 46.56 -10.10
N LEU A 181 -20.60 46.99 -11.27
CA LEU A 181 -19.16 47.15 -11.49
C LEU A 181 -18.54 48.10 -10.48
N ARG A 182 -19.20 49.25 -10.26
CA ARG A 182 -18.71 50.23 -9.30
C ARG A 182 -18.66 49.64 -7.89
N LEU A 183 -19.71 48.91 -7.54
CA LEU A 183 -19.79 48.25 -6.24
C LEU A 183 -18.63 47.28 -6.04
N LEU A 184 -18.32 46.53 -7.10
CA LEU A 184 -17.24 45.55 -7.04
C LEU A 184 -15.87 46.23 -7.00
N ASP A 185 -15.72 47.30 -7.77
CA ASP A 185 -14.46 48.03 -7.82
C ASP A 185 -14.17 48.70 -6.48
N LEU A 186 -15.19 49.30 -5.88
CA LEU A 186 -15.05 49.94 -4.58
C LEU A 186 -14.70 48.92 -3.51
N ALA A 187 -15.25 47.71 -3.65
CA ALA A 187 -15.04 46.65 -2.68
C ALA A 187 -13.58 46.20 -2.65
N GLN A 188 -12.98 46.01 -3.81
CA GLN A 188 -11.61 45.54 -3.90
C GLN A 188 -10.62 46.60 -3.43
N GLU A 189 -10.93 47.86 -3.69
CA GLU A 189 -10.11 48.96 -3.20
C GLU A 189 -10.21 49.05 -1.68
N GLY A 190 -11.39 48.76 -1.16
CA GLY A 190 -11.64 48.80 0.27
C GLY A 190 -10.86 47.74 1.04
N LEU A 191 -10.56 46.64 0.35
CA LEU A 191 -9.74 45.58 0.94
C LEU A 191 -8.30 46.06 1.10
N LYS A 192 -7.82 46.80 0.11
CA LYS A 192 -6.46 47.35 0.14
C LYS A 192 -6.29 48.38 1.25
N GLU A 193 -7.35 49.14 1.53
CA GLU A 193 -7.31 50.15 2.58
C GLU A 193 -7.21 49.52 3.96
N GLU A 194 -7.68 48.28 4.07
CA GLU A 194 -7.60 47.55 5.33
C GLU A 194 -6.23 46.90 5.47
N SER A 195 -5.45 46.93 4.38
CA SER A 195 -4.09 46.42 4.39
C SER A 195 -3.09 47.57 4.21
N GLY A 196 -3.30 48.65 4.96
CA GLY A 196 -2.46 49.81 4.86
C GLY A 196 -1.67 50.06 6.13
N PHE A 197 -0.45 50.56 5.99
CA PHE A 197 0.38 50.86 7.14
C PHE A 197 -0.20 52.03 7.92
N LEU A 198 -0.91 52.90 7.22
CA LEU A 198 -1.55 54.06 7.82
C LEU A 198 -2.66 53.63 8.79
N ARG A 199 -3.21 52.45 8.56
CA ARG A 199 -4.31 51.94 9.39
C ARG A 199 -3.84 51.62 10.81
N GLU A 200 -2.74 50.89 10.92
CA GLU A 200 -2.22 50.48 12.23
C GLU A 200 -1.88 51.68 13.11
N VAL A 201 -1.22 52.67 12.52
CA VAL A 201 -0.83 53.87 13.24
C VAL A 201 -2.06 54.67 13.66
N LEU A 202 -3.08 54.65 12.80
CA LEU A 202 -4.33 55.35 13.09
C LEU A 202 -5.21 54.55 14.05
N ASN A 203 -5.03 53.24 14.06
CA ASN A 203 -5.75 52.38 14.99
C ASN A 203 -5.25 52.57 16.42
N ALA A 204 -3.99 52.98 16.55
CA ALA A 204 -3.37 53.18 17.85
C ALA A 204 -4.02 54.34 18.61
N VAL A 205 -4.10 55.50 17.97
CA VAL A 205 -4.64 56.69 18.62
C VAL A 205 -5.82 57.26 17.85
N PRO A 206 -7.02 57.22 18.46
CA PRO A 206 -8.28 57.69 17.87
C PRO A 206 -8.34 59.18 17.58
N VAL A 207 -7.86 60.02 18.49
CA VAL A 207 -7.99 61.47 18.34
C VAL A 207 -7.18 62.00 17.16
N LEU A 208 -6.38 61.14 16.53
CA LEU A 208 -5.73 61.48 15.28
C LEU A 208 -6.77 61.65 14.18
N LEU A 209 -7.92 61.00 14.37
CA LEU A 209 -9.02 61.06 13.42
C LEU A 209 -9.83 62.35 13.56
N HIS A 210 -9.53 63.13 14.59
CA HIS A 210 -10.21 64.41 14.79
C HIS A 210 -9.81 65.41 13.70
N ILE A 211 -8.61 65.24 13.16
CA ILE A 211 -8.14 66.04 12.04
C ILE A 211 -9.00 65.77 10.80
N PRO A 212 -9.72 66.79 10.32
CA PRO A 212 -10.63 66.65 9.17
C PRO A 212 -9.92 66.14 7.91
N ALA A 213 -8.70 66.61 7.69
CA ALA A 213 -7.92 66.21 6.51
C ALA A 213 -7.55 64.73 6.57
N LEU A 214 -7.11 64.28 7.73
CA LEU A 214 -6.71 62.89 7.91
C LEU A 214 -7.91 61.96 7.81
N ALA A 215 -8.95 62.26 8.59
CA ALA A 215 -10.14 61.42 8.69
C ALA A 215 -10.77 61.09 7.34
N GLY A 216 -10.73 62.07 6.42
CA GLY A 216 -11.30 61.88 5.10
C GLY A 216 -10.57 60.86 4.26
N LYS A 217 -9.25 60.87 4.34
CA LYS A 217 -8.41 60.00 3.51
C LYS A 217 -8.38 58.56 4.02
N VAL A 218 -8.63 58.39 5.32
CA VAL A 218 -8.53 57.08 5.97
C VAL A 218 -9.28 55.98 5.22
N LEU A 219 -10.59 56.17 5.07
CA LEU A 219 -11.43 55.17 4.44
C LEU A 219 -12.31 55.77 3.36
N ARG A 220 -11.67 56.34 2.34
CA ARG A 220 -12.41 57.02 1.29
C ARG A 220 -13.10 56.04 0.34
N PHE A 221 -12.46 54.90 0.08
CA PHE A 221 -13.05 53.88 -0.77
C PHE A 221 -14.07 53.05 0.00
N GLN A 222 -13.78 52.82 1.28
CA GLN A 222 -14.68 52.05 2.13
C GLN A 222 -15.98 52.81 2.40
N LYS A 223 -15.88 54.12 2.51
CA LYS A 223 -17.07 54.94 2.71
C LYS A 223 -17.88 55.02 1.43
N ALA A 224 -17.19 54.97 0.29
CA ALA A 224 -17.85 54.95 -1.01
C ALA A 224 -18.66 53.67 -1.16
N PHE A 225 -18.09 52.56 -0.69
CA PHE A 225 -18.76 51.26 -0.78
C PHE A 225 -20.04 51.25 0.04
N LEU A 226 -19.96 51.71 1.28
CA LEU A 226 -21.13 51.78 2.15
C LEU A 226 -22.20 52.70 1.56
N THR A 227 -21.77 53.83 1.03
CA THR A 227 -22.69 54.77 0.39
C THR A 227 -23.41 54.12 -0.78
N GLN A 228 -22.63 53.45 -1.65
CA GLN A 228 -23.20 52.73 -2.78
C GLN A 228 -24.13 51.61 -2.30
N LEU A 229 -23.76 50.98 -1.19
CA LEU A 229 -24.57 49.92 -0.62
C LEU A 229 -25.88 50.47 -0.03
N ASP A 230 -25.79 51.63 0.61
CA ASP A 230 -26.96 52.30 1.18
C ASP A 230 -28.03 52.53 0.12
N GLU A 231 -27.60 53.03 -1.04
CA GLU A 231 -28.49 53.28 -2.16
C GLU A 231 -29.25 52.01 -2.56
N LEU A 232 -28.55 50.88 -2.55
CA LEU A 232 -29.15 49.60 -2.92
C LEU A 232 -30.11 49.09 -1.83
N LEU A 233 -29.75 49.33 -0.58
CA LEU A 233 -30.59 48.93 0.55
C LEU A 233 -31.89 49.73 0.60
N THR A 234 -31.79 51.02 0.31
CA THR A 234 -32.95 51.90 0.28
C THR A 234 -33.94 51.43 -0.79
N GLU A 235 -33.43 51.06 -1.96
CA GLU A 235 -34.25 50.53 -3.03
C GLU A 235 -34.94 49.23 -2.61
N HIS A 236 -34.19 48.38 -1.92
CA HIS A 236 -34.71 47.09 -1.47
C HIS A 236 -35.78 47.25 -0.39
N ARG A 237 -35.66 48.30 0.41
CA ARG A 237 -36.63 48.57 1.47
C ARG A 237 -37.98 48.93 0.87
N MET A 238 -37.95 49.52 -0.32
CA MET A 238 -39.18 49.92 -1.01
C MET A 238 -39.98 48.72 -1.50
N THR A 239 -39.29 47.72 -2.05
CA THR A 239 -39.95 46.58 -2.67
C THR A 239 -40.29 45.47 -1.68
N TRP A 240 -39.85 45.62 -0.43
CA TRP A 240 -40.09 44.62 0.61
C TRP A 240 -41.58 44.49 0.95
N ASP A 241 -42.08 43.25 0.93
CA ASP A 241 -43.47 42.98 1.29
C ASP A 241 -43.55 42.22 2.62
N PRO A 242 -43.85 42.95 3.70
CA PRO A 242 -43.88 42.40 5.07
C PRO A 242 -44.96 41.36 5.28
N ALA A 243 -45.95 41.32 4.37
CA ALA A 243 -47.05 40.37 4.50
C ALA A 243 -46.67 38.98 3.98
N GLN A 244 -45.46 38.86 3.46
CA GLN A 244 -44.95 37.58 2.98
C GLN A 244 -43.72 37.18 3.79
N PRO A 245 -43.45 35.86 3.87
CA PRO A 245 -42.21 35.39 4.50
C PRO A 245 -40.99 35.97 3.78
N PRO A 246 -39.93 36.32 4.53
CA PRO A 246 -38.73 36.96 3.98
C PRO A 246 -38.10 36.19 2.82
N ARG A 247 -37.85 36.86 1.71
CA ARG A 247 -37.19 36.26 0.55
C ARG A 247 -35.68 36.18 0.73
N ASP A 248 -35.15 37.05 1.59
CA ASP A 248 -33.71 37.18 1.75
C ASP A 248 -33.35 37.62 3.18
N LEU A 249 -32.06 37.72 3.46
CA LEU A 249 -31.59 38.01 4.81
C LEU A 249 -31.96 39.42 5.25
N THR A 250 -31.91 40.36 4.31
CA THR A 250 -32.25 41.75 4.61
C THR A 250 -33.70 41.87 5.05
N GLU A 251 -34.59 41.19 4.35
CA GLU A 251 -36.01 41.20 4.71
C GLU A 251 -36.24 40.57 6.07
N ALA A 252 -35.52 39.48 6.33
CA ALA A 252 -35.57 38.82 7.64
C ALA A 252 -35.03 39.75 8.72
N PHE A 253 -34.03 40.54 8.37
CA PHE A 253 -33.45 41.53 9.27
C PHE A 253 -34.45 42.65 9.53
N LEU A 254 -35.11 43.10 8.47
CA LEU A 254 -36.11 44.16 8.57
C LEU A 254 -37.28 43.73 9.44
N ALA A 255 -37.72 42.48 9.28
CA ALA A 255 -38.82 41.95 10.08
C ALA A 255 -38.48 41.91 11.56
N GLU A 256 -37.21 41.68 11.87
CA GLU A 256 -36.76 41.68 13.26
C GLU A 256 -36.70 43.12 13.78
N MET A 257 -36.30 44.04 12.91
CA MET A 257 -36.17 45.44 13.27
C MET A 257 -37.50 46.02 13.73
N GLU A 258 -38.59 45.61 13.09
CA GLU A 258 -39.94 46.04 13.46
C GLU A 258 -40.32 45.54 14.85
N LYS A 259 -40.01 44.27 15.12
CA LYS A 259 -40.29 43.66 16.41
C LYS A 259 -39.46 44.28 17.53
N ALA A 260 -38.30 44.83 17.17
CA ALA A 260 -37.37 45.37 18.14
C ALA A 260 -37.48 46.88 18.30
N LYS A 261 -38.57 47.45 17.79
CA LYS A 261 -38.84 48.87 17.98
C LYS A 261 -39.25 49.15 19.42
N GLY A 262 -38.49 50.01 20.09
CA GLY A 262 -38.74 50.32 21.49
C GLY A 262 -37.78 49.56 22.39
N ASN A 263 -36.83 48.87 21.77
CA ASN A 263 -35.84 48.09 22.50
C ASN A 263 -34.43 48.54 22.17
N PRO A 264 -33.80 49.32 23.07
CA PRO A 264 -32.46 49.83 22.85
C PRO A 264 -31.36 48.78 23.08
N GLU A 265 -31.76 47.58 23.50
CA GLU A 265 -30.80 46.50 23.74
C GLU A 265 -30.55 45.67 22.49
N SER A 266 -31.46 45.77 21.52
CA SER A 266 -31.38 44.98 20.30
C SER A 266 -30.33 45.52 19.34
N SER A 267 -29.66 44.62 18.63
CA SER A 267 -28.69 45.01 17.61
C SER A 267 -29.36 45.07 16.24
N PHE A 268 -30.67 44.90 16.22
CA PHE A 268 -31.45 45.03 15.00
C PHE A 268 -31.91 46.47 14.81
N ASN A 269 -31.01 47.31 14.29
CA ASN A 269 -31.35 48.69 13.96
C ASN A 269 -30.82 49.04 12.57
N ASP A 270 -31.05 50.27 12.13
CA ASP A 270 -30.62 50.70 10.80
C ASP A 270 -29.10 50.75 10.67
N GLU A 271 -28.43 51.25 11.70
CA GLU A 271 -26.99 51.41 11.67
C GLU A 271 -26.28 50.06 11.52
N ASN A 272 -26.90 49.01 12.05
CA ASN A 272 -26.29 47.70 12.06
C ASN A 272 -26.62 46.90 10.80
N LEU A 273 -27.77 47.20 10.19
CA LEU A 273 -28.19 46.52 8.96
C LEU A 273 -27.17 46.73 7.83
N ARG A 274 -26.79 47.98 7.61
CA ARG A 274 -25.84 48.31 6.55
C ARG A 274 -24.45 47.73 6.85
N ILE A 275 -24.14 47.55 8.13
CA ILE A 275 -22.85 47.01 8.52
C ILE A 275 -22.82 45.49 8.42
N VAL A 276 -23.88 44.83 8.88
CA VAL A 276 -23.98 43.37 8.77
C VAL A 276 -24.00 42.95 7.31
N VAL A 277 -24.79 43.65 6.49
CA VAL A 277 -24.87 43.36 5.06
C VAL A 277 -23.51 43.56 4.39
N ALA A 278 -22.84 44.67 4.70
CA ALA A 278 -21.52 44.95 4.15
C ALA A 278 -20.51 43.89 4.57
N ASP A 279 -20.69 43.35 5.77
CA ASP A 279 -19.85 42.26 6.26
C ASP A 279 -20.05 40.99 5.44
N LEU A 280 -21.29 40.52 5.38
CA LEU A 280 -21.62 39.32 4.62
C LEU A 280 -21.26 39.45 3.15
N PHE A 281 -21.46 40.64 2.59
CA PHE A 281 -21.20 40.89 1.19
C PHE A 281 -19.72 40.77 0.86
N SER A 282 -18.90 41.54 1.58
CA SER A 282 -17.47 41.58 1.30
C SER A 282 -16.75 40.27 1.63
N ALA A 283 -17.06 39.73 2.82
CA ALA A 283 -16.37 38.54 3.32
C ALA A 283 -16.54 37.32 2.43
N GLY A 284 -17.73 37.18 1.84
CA GLY A 284 -18.02 36.02 1.00
C GLY A 284 -17.91 36.32 -0.47
N MET A 285 -17.19 37.39 -0.81
CA MET A 285 -17.04 37.80 -2.20
C MET A 285 -15.60 37.62 -2.66
N VAL A 286 -14.66 38.10 -1.86
CA VAL A 286 -13.25 38.07 -2.22
C VAL A 286 -12.62 36.72 -1.84
N THR A 287 -13.21 36.04 -0.85
CA THR A 287 -12.70 34.74 -0.42
C THR A 287 -13.08 33.63 -1.39
N THR A 288 -14.39 33.52 -1.67
CA THR A 288 -14.88 32.46 -2.54
C THR A 288 -14.40 32.64 -3.98
N SER A 289 -14.22 33.89 -4.39
CA SER A 289 -13.74 34.20 -5.73
C SER A 289 -12.28 33.79 -5.90
N THR A 290 -11.47 34.16 -4.90
CA THR A 290 -10.05 33.85 -4.94
C THR A 290 -9.81 32.34 -4.95
N THR A 291 -10.58 31.62 -4.13
CA THR A 291 -10.49 30.17 -4.11
C THR A 291 -10.79 29.58 -5.48
N LEU A 292 -11.85 30.07 -6.11
CA LEU A 292 -12.22 29.61 -7.46
C LEU A 292 -11.14 29.99 -8.47
N ALA A 293 -10.44 31.09 -8.22
CA ALA A 293 -9.33 31.50 -9.08
C ALA A 293 -8.16 30.54 -8.90
N TRP A 294 -7.87 30.17 -7.65
CA TRP A 294 -6.85 29.17 -7.35
C TRP A 294 -7.20 27.83 -8.00
N GLY A 295 -8.46 27.46 -7.92
CA GLY A 295 -8.93 26.20 -8.48
C GLY A 295 -8.70 26.10 -9.97
N LEU A 296 -8.96 27.18 -10.70
CA LEU A 296 -8.77 27.18 -12.14
C LEU A 296 -7.29 27.17 -12.51
N LEU A 297 -6.47 27.85 -11.72
CA LEU A 297 -5.04 27.88 -11.95
C LEU A 297 -4.43 26.50 -11.76
N LEU A 298 -4.89 25.78 -10.76
CA LEU A 298 -4.38 24.44 -10.47
C LEU A 298 -4.84 23.43 -11.51
N MET A 299 -5.95 23.72 -12.18
CA MET A 299 -6.47 22.81 -13.20
C MET A 299 -5.73 22.94 -14.53
N ILE A 300 -5.08 24.07 -14.77
CA ILE A 300 -4.29 24.21 -15.99
C ILE A 300 -2.84 23.84 -15.74
N LEU A 301 -2.42 23.87 -14.47
CA LEU A 301 -1.08 23.42 -14.09
C LEU A 301 -1.03 21.91 -13.91
N HIS A 302 -2.20 21.30 -13.74
CA HIS A 302 -2.30 19.86 -13.52
C HIS A 302 -3.47 19.27 -14.32
N PRO A 303 -3.33 19.21 -15.65
CA PRO A 303 -4.39 18.78 -16.56
C PRO A 303 -4.84 17.33 -16.29
N ASP A 304 -3.94 16.50 -15.80
CA ASP A 304 -4.28 15.11 -15.50
C ASP A 304 -5.31 15.04 -14.39
N VAL A 305 -5.23 15.98 -13.45
CA VAL A 305 -6.21 16.09 -12.39
C VAL A 305 -7.54 16.57 -12.96
N GLN A 306 -7.46 17.51 -13.90
CA GLN A 306 -8.65 18.05 -14.53
C GLN A 306 -9.44 16.97 -15.28
N ARG A 307 -8.73 16.08 -15.96
CA ARG A 307 -9.37 15.02 -16.73
C ARG A 307 -10.10 14.02 -15.82
N ARG A 308 -9.49 13.69 -14.68
CA ARG A 308 -10.11 12.75 -13.75
C ARG A 308 -11.38 13.32 -13.13
N VAL A 309 -11.39 14.63 -12.89
CA VAL A 309 -12.58 15.29 -12.39
C VAL A 309 -13.68 15.26 -13.44
N GLN A 310 -13.32 15.67 -14.67
CA GLN A 310 -14.26 15.66 -15.79
C GLN A 310 -14.75 14.24 -16.07
N GLN A 311 -13.91 13.26 -15.79
CA GLN A 311 -14.30 11.87 -15.93
C GLN A 311 -15.39 11.51 -14.91
N GLU A 312 -15.14 11.86 -13.65
CA GLU A 312 -16.09 11.56 -12.58
C GLU A 312 -17.39 12.35 -12.76
N ILE A 313 -17.29 13.53 -13.35
CA ILE A 313 -18.47 14.33 -13.65
C ILE A 313 -19.39 13.60 -14.62
N ASP A 314 -18.80 13.03 -15.67
CA ASP A 314 -19.57 12.31 -16.68
C ASP A 314 -20.17 11.01 -16.14
N ASP A 315 -19.43 10.32 -15.27
CA ASP A 315 -19.87 9.05 -14.73
C ASP A 315 -20.98 9.21 -13.68
N VAL A 316 -21.22 10.44 -13.26
CA VAL A 316 -22.17 10.70 -12.18
C VAL A 316 -23.27 11.68 -12.61
N ILE A 317 -22.88 12.71 -13.35
CA ILE A 317 -23.82 13.76 -13.73
C ILE A 317 -24.15 13.74 -15.22
N GLY A 318 -23.11 13.73 -16.06
CA GLY A 318 -23.29 13.84 -17.50
C GLY A 318 -22.74 15.15 -18.01
N GLN A 319 -23.25 15.62 -19.15
CA GLN A 319 -22.80 16.90 -19.68
C GLN A 319 -23.96 17.83 -20.00
N VAL A 320 -25.19 17.38 -19.76
CA VAL A 320 -26.36 18.20 -20.02
C VAL A 320 -27.01 18.65 -18.70
N ARG A 321 -27.21 17.71 -17.79
CA ARG A 321 -27.86 18.00 -16.50
C ARG A 321 -26.97 18.85 -15.60
N ARG A 322 -27.57 19.85 -14.97
CA ARG A 322 -26.86 20.71 -14.03
C ARG A 322 -26.52 19.97 -12.74
N PRO A 323 -25.32 20.22 -12.19
CA PRO A 323 -24.87 19.57 -10.95
C PRO A 323 -25.74 19.95 -9.76
N GLU A 324 -25.89 19.04 -8.81
CA GLU A 324 -26.65 19.29 -7.59
C GLU A 324 -25.82 18.93 -6.36
N MET A 325 -26.19 19.49 -5.20
CA MET A 325 -25.47 19.23 -3.97
C MET A 325 -25.60 17.77 -3.53
N GLY A 326 -26.58 17.08 -4.08
CA GLY A 326 -26.78 15.66 -3.79
C GLY A 326 -25.75 14.80 -4.50
N ASP A 327 -25.14 15.36 -5.55
CA ASP A 327 -24.14 14.64 -6.33
C ASP A 327 -22.79 14.54 -5.60
N GLN A 328 -22.53 15.48 -4.69
CA GLN A 328 -21.23 15.55 -4.02
C GLN A 328 -20.92 14.28 -3.23
N ALA A 329 -21.95 13.67 -2.66
CA ALA A 329 -21.78 12.45 -1.88
C ALA A 329 -21.32 11.30 -2.76
N HIS A 330 -21.52 11.43 -4.06
CA HIS A 330 -21.17 10.38 -5.01
C HIS A 330 -19.98 10.77 -5.88
N MET A 331 -19.30 11.85 -5.50
CA MET A 331 -18.13 12.32 -6.26
C MET A 331 -16.94 12.56 -5.34
N PRO A 332 -16.33 11.49 -4.81
CA PRO A 332 -15.25 11.61 -3.83
C PRO A 332 -13.98 12.25 -4.37
N TYR A 333 -13.66 12.03 -5.64
CA TYR A 333 -12.43 12.59 -6.21
C TYR A 333 -12.55 14.09 -6.41
N THR A 334 -13.70 14.53 -6.92
CA THR A 334 -13.94 15.95 -7.15
C THR A 334 -13.95 16.70 -5.81
N THR A 335 -14.49 16.05 -4.79
CA THR A 335 -14.52 16.61 -3.44
C THR A 335 -13.10 16.78 -2.91
N ALA A 336 -12.25 15.79 -3.20
CA ALA A 336 -10.86 15.83 -2.78
C ALA A 336 -10.11 16.99 -3.45
N VAL A 337 -10.32 17.14 -4.75
CA VAL A 337 -9.67 18.21 -5.52
C VAL A 337 -10.04 19.60 -5.00
N ILE A 338 -11.32 19.79 -4.71
CA ILE A 338 -11.80 21.07 -4.19
C ILE A 338 -11.20 21.36 -2.82
N HIS A 339 -11.20 20.36 -1.95
CA HIS A 339 -10.58 20.49 -0.64
C HIS A 339 -9.08 20.78 -0.78
N GLU A 340 -8.43 20.13 -1.74
CA GLU A 340 -7.00 20.32 -1.94
C GLU A 340 -6.70 21.71 -2.51
N VAL A 341 -7.66 22.26 -3.28
CA VAL A 341 -7.53 23.64 -3.74
C VAL A 341 -7.48 24.59 -2.55
N GLN A 342 -8.43 24.42 -1.63
CA GLN A 342 -8.48 25.25 -0.43
C GLN A 342 -7.23 25.08 0.42
N ARG A 343 -6.78 23.83 0.56
CA ARG A 343 -5.59 23.54 1.35
C ARG A 343 -4.35 24.16 0.73
N PHE A 344 -4.11 23.84 -0.54
CA PHE A 344 -2.94 24.35 -1.26
C PHE A 344 -3.02 25.86 -1.44
N GLY A 345 -4.21 26.34 -1.83
CA GLY A 345 -4.45 27.76 -2.02
C GLY A 345 -4.09 28.55 -0.78
N ASP A 346 -4.64 28.13 0.36
CA ASP A 346 -4.27 28.71 1.66
C ASP A 346 -4.45 30.22 1.64
N ILE A 347 -5.65 30.66 1.29
CA ILE A 347 -5.89 32.06 0.95
C ILE A 347 -5.89 32.99 2.17
N VAL A 348 -6.17 32.45 3.34
CA VAL A 348 -6.09 33.23 4.58
C VAL A 348 -5.07 32.62 5.52
N PRO A 349 -3.78 32.84 5.24
CA PRO A 349 -2.70 32.15 5.96
C PRO A 349 -2.70 32.44 7.45
N LEU A 350 -2.91 33.70 7.83
CA LEU A 350 -2.85 34.10 9.24
C LEU A 350 -4.24 34.26 9.85
N GLY A 351 -5.25 33.76 9.13
CA GLY A 351 -6.62 33.82 9.59
C GLY A 351 -7.07 35.24 9.89
N VAL A 352 -7.99 35.37 10.84
CA VAL A 352 -8.43 36.67 11.32
C VAL A 352 -8.07 36.77 12.80
N THR A 353 -7.48 37.90 13.20
CA THR A 353 -6.94 38.06 14.55
C THR A 353 -8.01 37.90 15.64
N HIS A 354 -7.62 37.22 16.71
CA HIS A 354 -8.47 37.07 17.89
C HIS A 354 -7.91 37.91 19.02
N MET A 355 -8.57 37.86 20.18
CA MET A 355 -8.05 38.51 21.37
C MET A 355 -8.55 37.81 22.62
N THR A 356 -7.65 37.61 23.58
CA THR A 356 -8.02 36.97 24.84
C THR A 356 -8.83 37.92 25.71
N SER A 357 -9.99 37.46 26.14
CA SER A 357 -10.83 38.25 27.05
C SER A 357 -10.52 37.90 28.50
N ARG A 358 -9.75 36.82 28.70
CA ARG A 358 -9.27 36.41 30.01
C ARG A 358 -7.84 35.90 29.93
N ASP A 359 -7.30 35.47 31.07
CA ASP A 359 -6.01 34.80 31.10
C ASP A 359 -6.20 33.33 30.74
N ILE A 360 -5.38 32.83 29.82
CA ILE A 360 -5.48 31.44 29.41
C ILE A 360 -4.13 30.74 29.41
N GLU A 361 -4.14 29.44 29.19
CA GLU A 361 -2.93 28.64 29.11
C GLU A 361 -2.87 27.84 27.82
N VAL A 362 -1.91 28.17 26.96
CA VAL A 362 -1.74 27.48 25.69
C VAL A 362 -0.38 26.79 25.61
N GLN A 363 -0.40 25.47 25.45
CA GLN A 363 0.80 24.65 25.36
C GLN A 363 1.73 24.89 26.55
N GLY A 364 1.14 24.97 27.75
CA GLY A 364 1.89 25.18 28.97
C GLY A 364 2.10 26.63 29.31
N PHE A 365 2.31 27.46 28.29
CA PHE A 365 2.59 28.88 28.49
C PHE A 365 1.35 29.65 28.94
N ARG A 366 1.56 30.87 29.43
CA ARG A 366 0.46 31.70 29.90
C ARG A 366 0.23 32.88 28.96
N ILE A 367 -1.04 33.13 28.61
CA ILE A 367 -1.40 34.24 27.76
C ILE A 367 -2.27 35.24 28.52
N PRO A 368 -1.74 36.44 28.76
CA PRO A 368 -2.44 37.50 29.51
C PRO A 368 -3.72 37.95 28.82
N LYS A 369 -4.68 38.44 29.59
CA LYS A 369 -5.90 39.01 29.04
C LYS A 369 -5.57 40.21 28.17
N GLY A 370 -6.28 40.34 27.04
CA GLY A 370 -6.09 41.46 26.14
C GLY A 370 -4.98 41.24 25.14
N THR A 371 -4.49 40.01 25.08
CA THR A 371 -3.43 39.67 24.14
C THR A 371 -4.02 39.35 22.78
N THR A 372 -3.42 39.92 21.73
CA THR A 372 -3.86 39.67 20.37
C THR A 372 -3.35 38.33 19.88
N LEU A 373 -4.28 37.42 19.56
CA LEU A 373 -3.92 36.09 19.10
C LEU A 373 -3.94 35.98 17.58
N ILE A 374 -2.88 35.41 17.02
CA ILE A 374 -2.82 35.14 15.59
C ILE A 374 -2.83 33.64 15.33
N THR A 375 -3.89 33.17 14.69
CA THR A 375 -4.00 31.76 14.32
C THR A 375 -3.35 31.51 12.96
N ASN A 376 -2.15 30.92 12.98
CA ASN A 376 -1.44 30.61 11.75
C ASN A 376 -2.05 29.40 11.05
N LEU A 377 -3.15 29.64 10.33
CA LEU A 377 -3.86 28.59 9.62
C LEU A 377 -2.97 27.93 8.57
N SER A 378 -2.02 28.68 8.06
CA SER A 378 -1.07 28.16 7.08
C SER A 378 -0.24 27.02 7.68
N SER A 379 0.15 27.19 8.94
CA SER A 379 0.98 26.18 9.62
C SER A 379 0.21 24.88 9.83
N VAL A 380 -1.11 24.95 9.72
CA VAL A 380 -1.97 23.78 9.91
C VAL A 380 -2.20 23.08 8.56
N LEU A 381 -2.53 23.87 7.55
CA LEU A 381 -2.80 23.34 6.21
C LEU A 381 -1.55 22.84 5.50
N LYS A 382 -0.39 23.29 5.97
CA LYS A 382 0.88 22.93 5.34
C LYS A 382 1.79 22.16 6.29
N ASP A 383 1.21 21.64 7.36
CA ASP A 383 1.97 20.90 8.38
C ASP A 383 2.60 19.64 7.80
N GLU A 384 3.93 19.58 7.82
CA GLU A 384 4.66 18.48 7.20
C GLU A 384 4.54 17.18 8.00
N ALA A 385 4.06 17.27 9.24
CA ALA A 385 3.89 16.08 10.07
C ALA A 385 2.50 15.47 9.85
N VAL A 386 1.63 16.22 9.17
CA VAL A 386 0.26 15.78 8.93
C VAL A 386 0.04 15.36 7.49
N TRP A 387 0.41 16.23 6.55
CA TRP A 387 0.17 15.98 5.14
C TRP A 387 1.36 15.27 4.50
N GLU A 388 1.05 14.39 3.54
CA GLU A 388 2.06 13.58 2.87
C GLU A 388 3.09 14.45 2.15
N LYS A 389 2.61 15.34 1.28
CA LYS A 389 3.48 16.29 0.59
C LYS A 389 2.84 17.67 0.58
N PRO A 390 2.94 18.39 1.71
CA PRO A 390 2.22 19.65 1.97
C PRO A 390 2.44 20.76 0.95
N PHE A 391 3.63 20.81 0.35
CA PHE A 391 3.94 21.90 -0.57
C PHE A 391 3.71 21.51 -2.03
N ARG A 392 2.86 20.51 -2.24
CA ARG A 392 2.49 20.10 -3.59
C ARG A 392 0.98 20.06 -3.74
N PHE A 393 0.49 20.19 -4.97
CA PHE A 393 -0.93 20.03 -5.23
C PHE A 393 -1.23 18.54 -5.36
N HIS A 394 -1.79 17.95 -4.31
CA HIS A 394 -1.92 16.51 -4.20
C HIS A 394 -3.30 16.12 -3.68
N PRO A 395 -4.24 15.88 -4.61
CA PRO A 395 -5.64 15.52 -4.29
C PRO A 395 -5.76 14.31 -3.36
N GLU A 396 -4.75 13.44 -3.35
CA GLU A 396 -4.77 12.24 -2.52
C GLU A 396 -4.58 12.54 -1.04
N HIS A 397 -4.42 13.82 -0.71
CA HIS A 397 -4.40 14.24 0.68
C HIS A 397 -5.76 14.01 1.34
N PHE A 398 -6.79 13.91 0.50
CA PHE A 398 -8.16 13.73 0.96
C PHE A 398 -8.75 12.44 0.40
N LEU A 399 -7.87 11.51 0.02
CA LEU A 399 -8.30 10.21 -0.49
C LEU A 399 -7.51 9.08 0.16
N ASP A 400 -8.15 7.94 0.36
CA ASP A 400 -7.44 6.74 0.79
C ASP A 400 -7.13 5.88 -0.43
N ALA A 401 -6.47 4.75 -0.21
CA ALA A 401 -6.08 3.85 -1.30
C ALA A 401 -7.27 3.41 -2.14
N GLN A 402 -8.43 3.25 -1.50
CA GLN A 402 -9.62 2.73 -2.17
C GLN A 402 -10.32 3.80 -3.00
N GLY A 403 -10.04 5.07 -2.70
CA GLY A 403 -10.63 6.17 -3.45
C GLY A 403 -11.74 6.88 -2.69
N HIS A 404 -11.89 6.56 -1.41
CA HIS A 404 -12.87 7.23 -0.57
C HIS A 404 -12.37 8.59 -0.11
N PHE A 405 -13.27 9.55 -0.01
CA PHE A 405 -12.92 10.86 0.50
C PHE A 405 -12.74 10.82 2.01
N VAL A 406 -11.60 11.31 2.48
CA VAL A 406 -11.37 11.49 3.91
C VAL A 406 -11.00 12.94 4.17
N LYS A 407 -11.43 13.48 5.31
CA LYS A 407 -11.09 14.85 5.67
C LYS A 407 -10.28 14.87 6.97
N PRO A 408 -8.97 15.08 6.87
CA PRO A 408 -8.09 15.18 8.03
C PRO A 408 -8.53 16.27 8.99
N GLU A 409 -8.17 16.12 10.27
CA GLU A 409 -8.48 17.12 11.28
C GLU A 409 -7.81 18.47 10.97
N ALA A 410 -6.70 18.42 10.24
CA ALA A 410 -5.89 19.60 9.97
C ALA A 410 -6.46 20.47 8.85
N PHE A 411 -7.59 20.09 8.30
CA PHE A 411 -8.26 20.91 7.30
C PHE A 411 -9.04 22.03 7.98
N LEU A 412 -8.36 23.15 8.23
CA LEU A 412 -9.00 24.29 8.90
C LEU A 412 -8.92 25.60 8.11
N PRO A 413 -9.42 25.61 6.86
CA PRO A 413 -9.35 26.88 6.13
C PRO A 413 -10.34 27.90 6.69
N PHE A 414 -11.37 27.42 7.38
CA PHE A 414 -12.38 28.30 7.97
C PHE A 414 -12.14 28.50 9.47
N SER A 415 -10.90 28.27 9.90
CA SER A 415 -10.51 28.35 11.30
C SER A 415 -11.32 27.39 12.18
N ALA A 416 -11.44 27.70 13.46
CA ALA A 416 -12.17 26.85 14.39
C ALA A 416 -12.75 27.64 15.57
N GLY A 417 -13.68 27.03 16.28
CA GLY A 417 -14.27 27.66 17.45
C GLY A 417 -15.50 28.49 17.16
N ARG A 418 -15.91 29.28 18.15
CA ARG A 418 -17.10 30.13 18.05
C ARG A 418 -17.07 31.11 16.89
N ARG A 419 -15.87 31.61 16.57
CA ARG A 419 -15.72 32.65 15.57
C ARG A 419 -15.45 32.08 14.18
N ALA A 420 -15.43 30.75 14.07
CA ALA A 420 -15.19 30.08 12.79
C ALA A 420 -16.18 30.59 11.75
N CYS A 421 -15.73 30.61 10.50
CA CYS A 421 -16.49 31.17 9.39
C CYS A 421 -17.94 30.69 9.36
N LEU A 422 -18.88 31.63 9.43
CA LEU A 422 -20.31 31.30 9.41
C LEU A 422 -20.77 31.05 7.98
N GLY A 423 -19.92 31.42 7.02
CA GLY A 423 -20.26 31.29 5.62
C GLY A 423 -19.84 29.98 5.00
N GLU A 424 -19.20 29.11 5.80
CA GLU A 424 -18.69 27.83 5.30
C GLU A 424 -19.72 26.98 4.56
N PRO A 425 -20.94 26.80 5.11
CA PRO A 425 -21.93 26.00 4.37
C PRO A 425 -22.21 26.55 2.98
N LEU A 426 -22.31 27.87 2.86
CA LEU A 426 -22.55 28.51 1.57
C LEU A 426 -21.33 28.36 0.66
N ALA A 427 -20.15 28.59 1.24
CA ALA A 427 -18.88 28.44 0.52
C ALA A 427 -18.77 27.05 -0.10
N ARG A 428 -19.06 26.03 0.70
CA ARG A 428 -19.03 24.64 0.23
C ARG A 428 -19.93 24.45 -0.98
N MET A 429 -21.09 25.09 -0.94
CA MET A 429 -22.07 24.99 -2.02
C MET A 429 -21.59 25.71 -3.26
N GLU A 430 -21.10 26.94 -3.08
CA GLU A 430 -20.59 27.73 -4.18
C GLU A 430 -19.42 27.04 -4.86
N LEU A 431 -18.50 26.51 -4.07
CA LEU A 431 -17.30 25.87 -4.60
C LEU A 431 -17.64 24.63 -5.42
N PHE A 432 -18.49 23.75 -4.88
CA PHE A 432 -18.80 22.52 -5.59
C PHE A 432 -19.59 22.77 -6.88
N LEU A 433 -20.57 23.66 -6.81
CA LEU A 433 -21.46 23.90 -7.94
C LEU A 433 -20.78 24.71 -9.05
N PHE A 434 -19.99 25.72 -8.68
CA PHE A 434 -19.27 26.52 -9.68
C PHE A 434 -18.16 25.71 -10.34
N PHE A 435 -17.38 25.00 -9.53
CA PHE A 435 -16.24 24.24 -10.02
C PHE A 435 -16.67 23.12 -10.96
N THR A 436 -17.67 22.35 -10.55
CA THR A 436 -18.17 21.25 -11.36
C THR A 436 -18.83 21.73 -12.64
N SER A 437 -19.56 22.83 -12.57
CA SER A 437 -20.27 23.36 -13.73
C SER A 437 -19.31 23.87 -14.79
N LEU A 438 -18.20 24.45 -14.35
CA LEU A 438 -17.19 24.95 -15.27
C LEU A 438 -16.44 23.81 -15.95
N LEU A 439 -16.05 22.80 -15.17
CA LEU A 439 -15.31 21.67 -15.70
C LEU A 439 -16.21 20.73 -16.48
N GLN A 440 -17.52 20.81 -16.24
CA GLN A 440 -18.49 20.00 -16.96
C GLN A 440 -18.57 20.44 -18.42
N HIS A 441 -18.41 21.73 -18.67
CA HIS A 441 -18.62 22.29 -19.99
C HIS A 441 -17.34 22.85 -20.63
N PHE A 442 -16.28 22.99 -19.85
CA PHE A 442 -15.06 23.58 -20.38
C PHE A 442 -13.81 22.76 -20.07
N SER A 443 -12.87 22.80 -20.99
CA SER A 443 -11.54 22.25 -20.77
C SER A 443 -10.57 23.42 -20.68
N PHE A 444 -9.89 23.53 -19.54
CA PHE A 444 -9.02 24.67 -19.29
C PHE A 444 -7.56 24.30 -19.51
N SER A 445 -6.80 25.24 -20.09
CA SER A 445 -5.40 25.01 -20.40
C SER A 445 -4.61 26.31 -20.41
N VAL A 446 -3.29 26.20 -20.32
CA VAL A 446 -2.41 27.35 -20.43
C VAL A 446 -2.30 27.77 -21.90
N PRO A 447 -2.42 29.09 -22.16
CA PRO A 447 -2.30 29.62 -23.52
C PRO A 447 -0.90 29.42 -24.09
N THR A 448 -0.80 28.79 -25.26
CA THR A 448 0.49 28.54 -25.89
C THR A 448 1.19 29.86 -26.21
N GLY A 449 2.50 29.89 -26.00
CA GLY A 449 3.28 31.11 -26.21
C GLY A 449 3.47 31.87 -24.91
N GLN A 450 2.73 31.46 -23.88
CA GLN A 450 2.82 32.09 -22.57
C GLN A 450 3.53 31.17 -21.58
N PRO A 451 4.31 31.77 -20.65
CA PRO A 451 5.03 30.99 -19.64
C PRO A 451 4.09 30.27 -18.68
N ARG A 452 4.51 29.11 -18.20
CA ARG A 452 3.78 28.41 -17.15
C ARG A 452 3.64 29.30 -15.94
N PRO A 453 2.40 29.61 -15.53
CA PRO A 453 2.17 30.50 -14.39
C PRO A 453 2.67 29.91 -13.08
N SER A 454 3.19 30.77 -12.20
CA SER A 454 3.69 30.34 -10.91
C SER A 454 2.56 29.85 -10.01
N HIS A 455 2.82 28.79 -9.26
CA HIS A 455 1.85 28.28 -8.29
C HIS A 455 2.00 29.03 -6.97
N HIS A 456 2.95 29.96 -6.92
CA HIS A 456 3.12 30.83 -5.77
C HIS A 456 2.17 32.02 -5.87
N GLY A 457 1.60 32.40 -4.73
CA GLY A 457 0.66 33.50 -4.71
C GLY A 457 1.27 34.80 -4.20
N VAL A 458 0.55 35.90 -4.46
CA VAL A 458 0.97 37.21 -3.97
C VAL A 458 0.43 37.42 -2.57
N PHE A 459 1.33 37.53 -1.59
CA PHE A 459 0.91 37.61 -0.20
C PHE A 459 0.22 38.92 0.15
N ALA A 460 -0.91 38.79 0.84
CA ALA A 460 -1.62 39.91 1.45
C ALA A 460 -2.37 39.34 2.64
N PHE A 461 -3.39 40.04 3.12
CA PHE A 461 -4.26 39.47 4.14
C PHE A 461 -5.05 38.33 3.51
N LEU A 462 -5.24 38.41 2.19
CA LEU A 462 -5.86 37.34 1.43
C LEU A 462 -4.98 36.97 0.23
N VAL A 463 -4.35 35.80 0.30
CA VAL A 463 -3.43 35.35 -0.74
C VAL A 463 -4.16 34.96 -2.03
N SER A 464 -3.93 35.74 -3.09
CA SER A 464 -4.53 35.47 -4.39
C SER A 464 -3.49 34.82 -5.31
N PRO A 465 -3.95 34.12 -6.36
CA PRO A 465 -3.00 33.51 -7.29
C PRO A 465 -2.24 34.57 -8.07
N SER A 466 -1.00 34.25 -8.46
CA SER A 466 -0.25 35.13 -9.34
C SER A 466 -1.04 35.31 -10.64
N PRO A 467 -1.13 36.55 -11.14
CA PRO A 467 -1.90 36.89 -12.34
C PRO A 467 -1.63 35.94 -13.50
N TYR A 468 -2.69 35.42 -14.09
CA TYR A 468 -2.57 34.42 -15.16
C TYR A 468 -3.75 34.49 -16.11
N GLU A 469 -3.53 34.04 -17.34
CA GLU A 469 -4.61 33.91 -18.32
C GLU A 469 -4.83 32.44 -18.63
N LEU A 470 -6.02 32.11 -19.13
CA LEU A 470 -6.32 30.74 -19.51
C LEU A 470 -7.17 30.65 -20.76
N CYS A 471 -7.20 29.46 -21.36
CA CYS A 471 -8.10 29.20 -22.49
C CYS A 471 -9.20 28.26 -22.05
N ALA A 472 -10.44 28.62 -22.37
CA ALA A 472 -11.59 27.81 -22.03
C ALA A 472 -12.28 27.31 -23.30
N VAL A 473 -12.09 26.03 -23.60
CA VAL A 473 -12.70 25.45 -24.79
C VAL A 473 -13.86 24.53 -24.40
N PRO A 474 -15.02 24.73 -25.05
CA PRO A 474 -16.23 23.93 -24.80
C PRO A 474 -16.05 22.45 -25.10
N ARG A 475 -16.97 21.62 -24.62
CA ARG A 475 -16.89 20.18 -24.82
C ARG A 475 -18.16 19.61 -25.45
N GLY B 9 -29.73 -23.15 -29.80
CA GLY B 9 -28.46 -22.82 -29.16
C GLY B 9 -27.77 -24.03 -28.58
N LYS B 10 -26.53 -23.86 -28.15
CA LYS B 10 -25.75 -24.95 -27.56
C LYS B 10 -26.22 -25.27 -26.15
N LEU B 11 -26.31 -26.57 -25.83
CA LEU B 11 -26.56 -26.99 -24.47
C LEU B 11 -25.24 -27.03 -23.71
N PRO B 12 -25.27 -26.72 -22.41
CA PRO B 12 -24.05 -26.70 -21.59
C PRO B 12 -23.33 -28.05 -21.58
N PRO B 13 -21.98 -28.02 -21.57
CA PRO B 13 -21.17 -29.24 -21.53
C PRO B 13 -21.31 -29.99 -20.20
N GLY B 14 -20.49 -31.01 -20.01
CA GLY B 14 -20.53 -31.82 -18.80
C GLY B 14 -20.22 -33.27 -19.06
N PRO B 15 -20.13 -34.07 -17.99
CA PRO B 15 -19.83 -35.51 -18.07
C PRO B 15 -20.84 -36.27 -18.92
N LEU B 16 -20.46 -37.46 -19.38
CA LEU B 16 -21.31 -38.28 -20.23
C LEU B 16 -22.17 -39.23 -19.39
N PRO B 17 -23.48 -39.27 -19.66
CA PRO B 17 -24.42 -40.09 -18.89
C PRO B 17 -24.21 -41.59 -19.07
N GLY B 22 -27.60 -42.13 -14.82
CA GLY B 22 -27.03 -41.09 -15.66
C GLY B 22 -25.65 -40.66 -15.19
N ASN B 23 -25.62 -39.72 -14.25
CA ASN B 23 -24.37 -39.25 -13.67
C ASN B 23 -24.38 -39.35 -12.15
N LEU B 24 -25.14 -40.32 -11.63
CA LEU B 24 -25.29 -40.49 -10.20
C LEU B 24 -24.02 -41.04 -9.56
N LEU B 25 -23.09 -41.49 -10.38
CA LEU B 25 -21.83 -42.01 -9.89
C LEU B 25 -20.66 -41.12 -10.32
N HIS B 26 -20.99 -40.04 -11.03
CA HIS B 26 -20.00 -39.02 -11.38
C HIS B 26 -20.03 -37.91 -10.33
N VAL B 27 -20.96 -38.01 -9.39
CA VAL B 27 -21.08 -37.05 -8.30
C VAL B 27 -20.93 -37.77 -6.96
N ASP B 28 -20.11 -37.22 -6.08
CA ASP B 28 -19.77 -37.86 -4.80
C ASP B 28 -20.97 -37.94 -3.85
N PHE B 29 -21.79 -36.89 -3.85
CA PHE B 29 -22.96 -36.76 -2.97
C PHE B 29 -22.61 -36.65 -1.48
N GLN B 30 -21.37 -36.98 -1.12
CA GLN B 30 -20.90 -36.83 0.25
C GLN B 30 -20.16 -35.51 0.41
N ASN B 31 -19.46 -35.10 -0.65
CA ASN B 31 -18.80 -33.80 -0.70
C ASN B 31 -19.01 -33.16 -2.06
N THR B 32 -20.27 -32.87 -2.37
CA THR B 32 -20.66 -32.32 -3.67
C THR B 32 -19.96 -30.99 -4.07
N PRO B 33 -19.81 -30.02 -3.14
CA PRO B 33 -19.19 -28.77 -3.58
C PRO B 33 -17.76 -28.93 -4.08
N TYR B 34 -17.00 -29.83 -3.46
CA TYR B 34 -15.63 -30.10 -3.90
C TYR B 34 -15.64 -30.80 -5.26
N CYS B 35 -16.64 -31.63 -5.49
CA CYS B 35 -16.79 -32.33 -6.77
C CYS B 35 -17.13 -31.36 -7.90
N PHE B 36 -17.96 -30.37 -7.59
CA PHE B 36 -18.39 -29.38 -8.58
C PHE B 36 -17.25 -28.47 -9.00
N ASP B 37 -16.32 -28.21 -8.08
CA ASP B 37 -15.14 -27.40 -8.40
C ASP B 37 -14.25 -28.12 -9.41
N GLN B 38 -14.25 -29.45 -9.34
CA GLN B 38 -13.52 -30.27 -10.29
C GLN B 38 -14.20 -30.23 -11.66
N LEU B 39 -15.53 -30.12 -11.64
CA LEU B 39 -16.31 -30.12 -12.87
C LEU B 39 -16.32 -28.75 -13.56
N ARG B 40 -16.13 -27.70 -12.79
CA ARG B 40 -16.14 -26.35 -13.35
C ARG B 40 -14.76 -25.97 -13.89
N ARG B 41 -13.74 -26.66 -13.42
CA ARG B 41 -12.39 -26.47 -13.93
C ARG B 41 -12.16 -27.34 -15.16
N ARG B 42 -13.15 -28.17 -15.48
CA ARG B 42 -13.07 -29.10 -16.59
C ARG B 42 -14.04 -28.76 -17.72
N PHE B 43 -15.18 -28.17 -17.36
CA PHE B 43 -16.23 -27.89 -18.35
C PHE B 43 -16.65 -26.42 -18.37
N GLY B 44 -16.33 -25.67 -17.31
CA GLY B 44 -16.65 -24.26 -17.27
C GLY B 44 -17.64 -23.86 -16.20
N ASP B 45 -18.02 -22.58 -16.21
CA ASP B 45 -18.90 -22.03 -15.17
C ASP B 45 -20.32 -22.60 -15.26
N VAL B 46 -20.75 -22.93 -16.47
CA VAL B 46 -22.09 -23.49 -16.67
C VAL B 46 -22.04 -24.85 -17.33
N PHE B 47 -22.38 -25.90 -16.58
CA PHE B 47 -22.38 -27.24 -17.12
C PHE B 47 -23.66 -28.00 -16.82
N SER B 48 -23.81 -29.19 -17.40
CA SER B 48 -25.01 -29.99 -17.25
C SER B 48 -24.76 -31.25 -16.45
N LEU B 49 -25.84 -31.83 -15.92
CA LEU B 49 -25.79 -33.10 -15.20
C LEU B 49 -27.09 -33.86 -15.41
N GLN B 50 -27.01 -35.18 -15.37
CA GLN B 50 -28.21 -36.00 -15.50
C GLN B 50 -28.42 -36.83 -14.23
N LEU B 51 -28.90 -36.18 -13.18
CA LEU B 51 -29.20 -36.87 -11.93
C LEU B 51 -30.57 -37.51 -12.01
N ALA B 52 -30.61 -38.84 -11.84
CA ALA B 52 -31.83 -39.62 -12.00
C ALA B 52 -32.45 -39.38 -13.38
N TRP B 53 -33.66 -38.83 -13.40
CA TRP B 53 -34.34 -38.51 -14.65
C TRP B 53 -34.51 -37.00 -14.79
N THR B 54 -33.85 -36.26 -13.90
CA THR B 54 -33.97 -34.81 -13.87
C THR B 54 -32.77 -34.11 -14.49
N PRO B 55 -33.02 -33.28 -15.51
CA PRO B 55 -31.96 -32.47 -16.14
C PRO B 55 -31.51 -31.34 -15.21
N VAL B 56 -30.22 -31.29 -14.91
CA VAL B 56 -29.71 -30.30 -13.98
C VAL B 56 -28.61 -29.45 -14.60
N VAL B 57 -28.71 -28.13 -14.44
CA VAL B 57 -27.69 -27.21 -14.90
C VAL B 57 -27.12 -26.43 -13.71
N VAL B 58 -25.82 -26.62 -13.44
CA VAL B 58 -25.18 -25.96 -12.31
C VAL B 58 -24.58 -24.63 -12.73
N LEU B 59 -24.80 -23.59 -11.91
CA LEU B 59 -24.30 -22.26 -12.21
C LEU B 59 -23.14 -21.88 -11.28
N ASN B 60 -22.02 -21.46 -11.87
CA ASN B 60 -20.83 -21.13 -11.09
C ASN B 60 -20.34 -19.71 -11.36
N GLY B 61 -19.89 -19.04 -10.30
CA GLY B 61 -19.41 -17.68 -10.41
C GLY B 61 -20.54 -16.65 -10.33
N LEU B 62 -20.19 -15.42 -10.01
CA LEU B 62 -21.16 -14.35 -9.87
C LEU B 62 -21.90 -14.05 -11.17
N ALA B 63 -21.16 -13.99 -12.28
CA ALA B 63 -21.73 -13.62 -13.57
C ALA B 63 -22.84 -14.58 -14.00
N ALA B 64 -22.58 -15.87 -13.88
CA ALA B 64 -23.54 -16.89 -14.31
C ALA B 64 -24.77 -16.89 -13.40
N VAL B 65 -24.53 -16.81 -12.10
CA VAL B 65 -25.61 -16.79 -11.12
C VAL B 65 -26.47 -15.54 -11.29
N ARG B 66 -25.83 -14.40 -11.46
CA ARG B 66 -26.53 -13.13 -11.64
C ARG B 66 -27.34 -13.11 -12.93
N GLU B 67 -26.76 -13.66 -13.99
CA GLU B 67 -27.43 -13.70 -15.29
C GLU B 67 -28.74 -14.49 -15.21
N ALA B 68 -28.74 -15.56 -14.43
CA ALA B 68 -29.92 -16.41 -14.33
C ALA B 68 -30.97 -15.83 -13.38
N LEU B 69 -30.53 -15.34 -12.22
CA LEU B 69 -31.45 -14.93 -11.17
C LEU B 69 -31.87 -13.46 -11.24
N VAL B 70 -31.11 -12.64 -11.97
CA VAL B 70 -31.45 -11.23 -12.07
C VAL B 70 -31.90 -10.86 -13.49
N THR B 71 -31.02 -11.08 -14.46
CA THR B 71 -31.32 -10.77 -15.85
C THR B 71 -32.52 -11.58 -16.34
N HIS B 72 -32.53 -12.87 -16.01
CA HIS B 72 -33.67 -13.71 -16.35
C HIS B 72 -34.43 -14.14 -15.09
N GLY B 73 -34.63 -13.17 -14.19
CA GLY B 73 -35.27 -13.44 -12.91
C GLY B 73 -36.69 -13.97 -13.04
N GLU B 74 -37.40 -13.48 -14.05
CA GLU B 74 -38.79 -13.87 -14.28
C GLU B 74 -38.92 -15.33 -14.68
N ASP B 75 -37.87 -15.86 -15.32
CA ASP B 75 -37.92 -17.21 -15.86
C ASP B 75 -37.23 -18.24 -14.96
N THR B 76 -36.64 -17.78 -13.86
CA THR B 76 -35.89 -18.67 -12.98
C THR B 76 -36.34 -18.61 -11.52
N ALA B 77 -37.48 -17.97 -11.28
CA ALA B 77 -37.96 -17.80 -9.91
C ALA B 77 -38.96 -18.89 -9.52
N ASP B 78 -38.89 -20.03 -10.19
CA ASP B 78 -39.79 -21.14 -9.89
C ASP B 78 -39.06 -22.27 -9.16
N ARG B 79 -39.82 -23.07 -8.40
CA ARG B 79 -39.24 -24.21 -7.69
C ARG B 79 -39.58 -25.51 -8.40
N PRO B 80 -38.67 -26.50 -8.32
CA PRO B 80 -38.97 -27.84 -8.78
C PRO B 80 -40.14 -28.42 -7.97
N PRO B 81 -41.04 -29.15 -8.63
CA PRO B 81 -42.21 -29.71 -7.94
C PRO B 81 -41.81 -30.73 -6.89
N VAL B 82 -42.38 -30.62 -5.69
CA VAL B 82 -42.13 -31.59 -4.64
C VAL B 82 -43.44 -32.29 -4.27
N PRO B 83 -43.69 -33.46 -4.86
CA PRO B 83 -44.94 -34.20 -4.72
C PRO B 83 -45.27 -34.63 -3.30
N ILE B 84 -44.26 -35.03 -2.53
CA ILE B 84 -44.49 -35.60 -1.21
C ILE B 84 -45.02 -34.58 -0.19
N THR B 85 -44.98 -33.30 -0.56
CA THR B 85 -45.45 -32.25 0.33
C THR B 85 -46.97 -32.31 0.54
N GLN B 86 -47.65 -33.06 -0.31
CA GLN B 86 -49.10 -33.22 -0.20
C GLN B 86 -49.49 -33.90 1.11
N ILE B 87 -48.59 -34.75 1.62
CA ILE B 87 -48.82 -35.43 2.89
C ILE B 87 -48.82 -34.43 4.05
N LEU B 88 -48.02 -33.38 3.91
CA LEU B 88 -47.90 -32.36 4.95
C LEU B 88 -49.04 -31.35 4.90
N GLY B 89 -49.77 -31.33 3.78
CA GLY B 89 -50.94 -30.47 3.65
C GLY B 89 -50.84 -29.44 2.53
N PHE B 90 -49.96 -29.69 1.56
CA PHE B 90 -49.74 -28.76 0.46
C PHE B 90 -50.82 -28.86 -0.61
N GLY B 91 -51.47 -27.73 -0.89
CA GLY B 91 -52.47 -27.66 -1.94
C GLY B 91 -52.14 -26.52 -2.89
N PRO B 92 -52.99 -26.31 -3.91
CA PRO B 92 -52.76 -25.29 -4.93
C PRO B 92 -52.63 -23.86 -4.36
N ARG B 93 -53.59 -23.45 -3.55
CA ARG B 93 -53.57 -22.11 -2.97
C ARG B 93 -52.91 -22.08 -1.59
N SER B 94 -52.35 -23.22 -1.18
CA SER B 94 -51.63 -23.31 0.09
C SER B 94 -50.26 -23.96 -0.10
N GLN B 95 -49.29 -23.18 -0.59
CA GLN B 95 -47.96 -23.71 -0.90
C GLN B 95 -46.87 -23.08 -0.04
N GLY B 96 -47.26 -22.26 0.94
CA GLY B 96 -46.30 -21.56 1.77
C GLY B 96 -45.50 -20.54 0.99
N VAL B 97 -44.21 -20.44 1.28
CA VAL B 97 -43.35 -19.48 0.58
C VAL B 97 -42.12 -20.17 -0.02
N PHE B 98 -41.45 -20.96 0.81
CA PHE B 98 -40.17 -21.56 0.45
C PHE B 98 -40.25 -22.46 -0.78
N LEU B 99 -41.15 -23.44 -0.74
CA LEU B 99 -41.27 -24.42 -1.82
C LEU B 99 -42.34 -24.06 -2.85
N ALA B 100 -43.07 -22.96 -2.59
CA ALA B 100 -44.17 -22.55 -3.45
C ALA B 100 -43.75 -22.41 -4.92
N ARG B 101 -44.68 -22.68 -5.82
CA ARG B 101 -44.42 -22.52 -7.25
C ARG B 101 -44.50 -21.04 -7.62
N TYR B 102 -43.81 -20.66 -8.69
CA TYR B 102 -43.85 -19.27 -9.13
C TYR B 102 -45.24 -18.92 -9.63
N GLY B 103 -45.89 -18.00 -8.93
CA GLY B 103 -47.25 -17.61 -9.24
C GLY B 103 -47.83 -16.69 -8.19
N PRO B 104 -49.16 -16.49 -8.22
CA PRO B 104 -49.83 -15.60 -7.28
C PRO B 104 -49.75 -16.08 -5.83
N ALA B 105 -49.89 -17.38 -5.61
CA ALA B 105 -49.83 -17.93 -4.26
C ALA B 105 -48.50 -17.62 -3.58
N TRP B 106 -47.41 -17.81 -4.31
CA TRP B 106 -46.09 -17.48 -3.76
C TRP B 106 -45.93 -15.99 -3.56
N ARG B 107 -46.36 -15.20 -4.54
CA ARG B 107 -46.14 -13.76 -4.52
C ARG B 107 -46.89 -13.09 -3.38
N GLU B 108 -48.11 -13.54 -3.13
CA GLU B 108 -48.94 -12.95 -2.07
C GLU B 108 -48.29 -13.19 -0.71
N GLN B 109 -47.86 -14.43 -0.47
CA GLN B 109 -47.23 -14.76 0.79
C GLN B 109 -45.85 -14.13 0.92
N ARG B 110 -45.14 -14.02 -0.20
CA ARG B 110 -43.84 -13.35 -0.23
C ARG B 110 -43.98 -11.88 0.18
N ARG B 111 -44.89 -11.17 -0.47
CA ARG B 111 -45.11 -9.76 -0.19
C ARG B 111 -45.62 -9.55 1.23
N PHE B 112 -46.47 -10.47 1.69
CA PHE B 112 -47.03 -10.39 3.03
C PHE B 112 -45.94 -10.49 4.10
N SER B 113 -45.10 -11.52 3.98
CA SER B 113 -44.05 -11.75 4.96
C SER B 113 -43.01 -10.64 4.94
N VAL B 114 -42.66 -10.17 3.76
CA VAL B 114 -41.68 -9.09 3.61
C VAL B 114 -42.19 -7.79 4.24
N SER B 115 -43.45 -7.45 3.97
CA SER B 115 -44.02 -6.21 4.49
C SER B 115 -44.30 -6.29 5.98
N THR B 116 -44.74 -7.46 6.45
CA THR B 116 -45.07 -7.63 7.86
C THR B 116 -43.83 -7.56 8.74
N LEU B 117 -42.73 -8.16 8.29
CA LEU B 117 -41.47 -8.04 9.02
C LEU B 117 -41.04 -6.59 9.12
N ARG B 118 -41.24 -5.84 8.02
CA ARG B 118 -40.90 -4.43 7.99
C ARG B 118 -41.75 -3.63 8.95
N ASN B 119 -43.06 -3.90 8.93
CA ASN B 119 -44.00 -3.23 9.81
C ASN B 119 -43.71 -3.50 11.28
N LEU B 120 -43.51 -4.78 11.61
CA LEU B 120 -43.20 -5.18 12.97
C LEU B 120 -41.86 -4.61 13.44
N GLY B 121 -41.02 -4.24 12.48
CA GLY B 121 -39.74 -3.62 12.78
C GLY B 121 -39.90 -2.19 13.25
N LYS B 125 -39.12 -0.52 16.63
CA LYS B 125 -38.04 -1.18 17.35
C LYS B 125 -38.54 -2.46 18.02
N SER B 126 -39.82 -2.78 17.80
CA SER B 126 -40.41 -3.99 18.38
C SER B 126 -39.67 -5.24 17.90
N LEU B 127 -39.06 -5.14 16.72
CA LEU B 127 -38.23 -6.21 16.21
C LEU B 127 -36.89 -6.27 16.94
N GLU B 128 -36.23 -5.12 17.03
CA GLU B 128 -34.94 -5.01 17.69
C GLU B 128 -35.05 -5.30 19.19
N GLN B 129 -36.17 -4.90 19.78
CA GLN B 129 -36.39 -5.07 21.21
C GLN B 129 -36.34 -6.55 21.63
N TRP B 130 -37.08 -7.39 20.91
CA TRP B 130 -37.12 -8.82 21.22
C TRP B 130 -35.76 -9.48 21.03
N VAL B 131 -34.96 -8.95 20.10
CA VAL B 131 -33.65 -9.53 19.82
C VAL B 131 -32.65 -9.19 20.93
N THR B 132 -32.58 -7.93 21.31
CA THR B 132 -31.65 -7.51 22.36
C THR B 132 -31.98 -8.18 23.69
N GLU B 133 -33.26 -8.41 23.94
CA GLU B 133 -33.70 -9.08 25.15
C GLU B 133 -33.31 -10.56 25.13
N GLU B 134 -33.44 -11.18 23.97
CA GLU B 134 -33.08 -12.58 23.82
C GLU B 134 -31.56 -12.75 23.91
N ALA B 135 -30.84 -11.74 23.47
CA ALA B 135 -29.38 -11.72 23.59
C ALA B 135 -28.98 -11.73 25.05
N ALA B 136 -29.69 -10.94 25.85
CA ALA B 136 -29.45 -10.87 27.29
C ALA B 136 -29.68 -12.23 27.95
N CYS B 137 -30.75 -12.91 27.55
CA CYS B 137 -31.01 -14.26 28.05
C CYS B 137 -29.92 -15.23 27.63
N LEU B 138 -29.41 -15.05 26.42
CA LEU B 138 -28.37 -15.92 25.88
C LEU B 138 -27.06 -15.73 26.64
N CYS B 139 -26.74 -14.48 26.98
CA CYS B 139 -25.55 -14.18 27.78
C CYS B 139 -25.63 -14.83 29.15
N ALA B 140 -26.80 -14.77 29.76
CA ALA B 140 -27.01 -15.33 31.10
C ALA B 140 -26.92 -16.85 31.08
N ALA B 141 -27.39 -17.45 29.99
CA ALA B 141 -27.32 -18.90 29.83
C ALA B 141 -25.89 -19.35 29.61
N PHE B 142 -25.09 -18.48 28.97
CA PHE B 142 -23.68 -18.74 28.76
C PHE B 142 -22.91 -18.63 30.07
N ALA B 143 -23.31 -17.68 30.90
CA ALA B 143 -22.64 -17.42 32.18
C ALA B 143 -22.77 -18.60 33.13
N ASN B 144 -23.90 -19.31 33.07
CA ASN B 144 -24.13 -20.44 33.95
C ASN B 144 -23.25 -21.64 33.59
N HIS B 145 -22.78 -21.67 32.34
CA HIS B 145 -21.87 -22.72 31.90
C HIS B 145 -20.43 -22.37 32.23
N SER B 146 -20.19 -21.10 32.54
CA SER B 146 -18.83 -20.61 32.74
C SER B 146 -18.11 -21.34 33.88
N GLY B 147 -16.91 -21.82 33.59
CA GLY B 147 -16.15 -22.61 34.54
C GLY B 147 -15.85 -23.97 33.94
N ARG B 148 -16.58 -24.30 32.87
CA ARG B 148 -16.39 -25.57 32.19
C ARG B 148 -16.67 -25.43 30.70
N PRO B 149 -16.03 -26.27 29.86
CA PRO B 149 -16.26 -26.22 28.42
C PRO B 149 -17.63 -26.77 28.03
N PHE B 150 -18.17 -26.29 26.91
CA PHE B 150 -19.47 -26.75 26.43
C PHE B 150 -19.67 -26.45 24.95
N ARG B 151 -20.52 -27.25 24.31
CA ARG B 151 -20.93 -26.99 22.94
C ARG B 151 -22.03 -25.93 22.96
N PRO B 152 -21.78 -24.79 22.30
CA PRO B 152 -22.70 -23.65 22.35
C PRO B 152 -23.90 -23.79 21.41
N ASN B 153 -23.91 -24.85 20.60
CA ASN B 153 -24.92 -25.01 19.55
C ASN B 153 -26.37 -24.98 20.06
N GLY B 154 -26.65 -25.77 21.09
CA GLY B 154 -27.99 -25.86 21.64
C GLY B 154 -28.53 -24.53 22.12
N LEU B 155 -27.67 -23.75 22.79
CA LEU B 155 -28.09 -22.45 23.30
C LEU B 155 -28.31 -21.45 22.17
N LEU B 156 -27.51 -21.58 21.11
CA LEU B 156 -27.64 -20.71 19.96
C LEU B 156 -28.97 -20.96 19.24
N ASP B 157 -29.35 -22.23 19.14
CA ASP B 157 -30.61 -22.61 18.52
C ASP B 157 -31.81 -21.98 19.24
N LYS B 158 -31.84 -22.13 20.56
CA LYS B 158 -32.95 -21.63 21.35
C LYS B 158 -33.13 -20.13 21.22
N ALA B 159 -32.03 -19.39 21.32
CA ALA B 159 -32.08 -17.94 21.26
C ALA B 159 -32.58 -17.47 19.90
N VAL B 160 -32.09 -18.09 18.84
CA VAL B 160 -32.52 -17.77 17.48
C VAL B 160 -33.97 -18.18 17.26
N SER B 161 -34.37 -19.32 17.83
CA SER B 161 -35.74 -19.79 17.72
C SER B 161 -36.72 -18.84 18.39
N ASN B 162 -36.33 -18.27 19.51
CA ASN B 162 -37.19 -17.35 20.25
C ASN B 162 -37.40 -16.05 19.50
N VAL B 163 -36.40 -15.66 18.71
CA VAL B 163 -36.52 -14.47 17.88
C VAL B 163 -37.58 -14.71 16.82
N ILE B 164 -37.53 -15.89 16.20
CA ILE B 164 -38.53 -16.28 15.22
C ILE B 164 -39.92 -16.31 15.84
N ALA B 165 -40.06 -17.03 16.95
CA ALA B 165 -41.34 -17.18 17.64
C ALA B 165 -41.91 -15.83 18.05
N SER B 166 -41.02 -14.88 18.35
CA SER B 166 -41.45 -13.54 18.73
C SER B 166 -42.16 -12.84 17.58
N LEU B 167 -41.68 -13.08 16.36
CA LEU B 167 -42.25 -12.44 15.19
C LEU B 167 -43.49 -13.18 14.68
N THR B 168 -43.50 -14.50 14.84
CA THR B 168 -44.61 -15.31 14.36
C THR B 168 -45.76 -15.36 15.38
N CYS B 169 -45.46 -15.77 16.61
CA CYS B 169 -46.51 -16.00 17.61
C CYS B 169 -46.52 -14.96 18.74
N GLY B 170 -45.60 -14.02 18.70
CA GLY B 170 -45.56 -12.95 19.69
C GLY B 170 -45.17 -13.41 21.08
N ARG B 171 -44.34 -14.44 21.16
CA ARG B 171 -43.89 -14.95 22.45
C ARG B 171 -42.52 -15.58 22.37
N ARG B 172 -41.87 -15.72 23.52
CA ARG B 172 -40.64 -16.49 23.62
C ARG B 172 -40.87 -17.69 24.53
N PHE B 173 -39.91 -18.60 24.56
CA PHE B 173 -39.98 -19.76 25.44
C PHE B 173 -38.76 -19.81 26.34
N GLU B 174 -38.94 -20.27 27.57
CA GLU B 174 -37.82 -20.53 28.46
C GLU B 174 -36.97 -21.65 27.89
N TYR B 175 -35.69 -21.66 28.20
CA TYR B 175 -34.75 -22.60 27.60
C TYR B 175 -34.93 -24.03 28.11
N ASP B 176 -35.70 -24.18 29.18
CA ASP B 176 -35.95 -25.50 29.76
C ASP B 176 -37.39 -25.95 29.53
N ASP B 177 -38.11 -25.20 28.70
CA ASP B 177 -39.50 -25.51 28.39
C ASP B 177 -39.61 -26.80 27.59
N PRO B 178 -40.34 -27.79 28.12
CA PRO B 178 -40.47 -29.12 27.53
C PRO B 178 -40.99 -29.13 26.09
N ARG B 179 -42.04 -28.36 25.83
CA ARG B 179 -42.60 -28.30 24.47
C ARG B 179 -41.64 -27.58 23.52
N PHE B 180 -41.01 -26.52 24.01
CA PHE B 180 -40.05 -25.77 23.22
C PHE B 180 -38.85 -26.65 22.83
N LEU B 181 -38.41 -27.48 23.77
CA LEU B 181 -37.30 -28.39 23.52
C LEU B 181 -37.70 -29.47 22.50
N ARG B 182 -38.92 -29.99 22.65
CA ARG B 182 -39.41 -31.01 21.74
C ARG B 182 -39.57 -30.44 20.33
N LEU B 183 -40.06 -29.20 20.26
CA LEU B 183 -40.25 -28.52 18.99
C LEU B 183 -38.91 -28.34 18.26
N LEU B 184 -37.86 -28.07 19.01
CA LEU B 184 -36.54 -27.87 18.43
C LEU B 184 -35.94 -29.18 17.95
N ASP B 185 -36.16 -30.25 18.70
CA ASP B 185 -35.62 -31.56 18.36
C ASP B 185 -36.25 -32.10 17.07
N LEU B 186 -37.57 -31.96 16.98
CA LEU B 186 -38.31 -32.42 15.80
C LEU B 186 -37.93 -31.62 14.57
N ALA B 187 -37.48 -30.39 14.78
CA ALA B 187 -37.10 -29.51 13.68
C ALA B 187 -35.74 -29.91 13.12
N GLN B 188 -34.82 -30.29 13.98
CA GLN B 188 -33.49 -30.72 13.55
C GLN B 188 -33.60 -32.06 12.83
N GLU B 189 -34.46 -32.93 13.34
CA GLU B 189 -34.73 -34.21 12.69
C GLU B 189 -35.46 -34.00 11.38
N GLY B 190 -36.29 -32.96 11.34
CA GLY B 190 -37.06 -32.64 10.14
C GLY B 190 -36.17 -32.15 9.02
N LEU B 191 -35.01 -31.61 9.38
CA LEU B 191 -34.04 -31.18 8.38
C LEU B 191 -33.29 -32.38 7.82
N LYS B 192 -32.96 -33.32 8.70
CA LYS B 192 -32.25 -34.53 8.32
C LYS B 192 -33.09 -35.40 7.39
N GLU B 193 -34.41 -35.35 7.57
CA GLU B 193 -35.32 -36.12 6.74
C GLU B 193 -35.45 -35.53 5.34
N GLU B 194 -35.16 -34.23 5.22
CA GLU B 194 -35.28 -33.55 3.94
C GLU B 194 -33.99 -33.68 3.13
N SER B 195 -32.91 -34.07 3.80
CA SER B 195 -31.64 -34.31 3.13
C SER B 195 -31.42 -35.81 2.97
N GLY B 196 -32.38 -36.59 3.45
CA GLY B 196 -32.30 -38.04 3.38
C GLY B 196 -32.38 -38.56 1.96
N PHE B 197 -31.71 -39.67 1.72
CA PHE B 197 -31.70 -40.30 0.40
C PHE B 197 -33.09 -40.86 0.07
N LEU B 198 -33.79 -41.32 1.10
CA LEU B 198 -35.11 -41.90 0.94
C LEU B 198 -36.10 -40.89 0.37
N ARG B 199 -35.94 -39.63 0.76
CA ARG B 199 -36.81 -38.56 0.28
C ARG B 199 -36.63 -38.35 -1.22
N GLU B 200 -35.38 -38.33 -1.66
CA GLU B 200 -35.06 -38.13 -3.08
C GLU B 200 -35.65 -39.23 -3.95
N VAL B 201 -35.69 -40.44 -3.40
CA VAL B 201 -36.26 -41.58 -4.11
C VAL B 201 -37.76 -41.39 -4.34
N LEU B 202 -38.48 -41.10 -3.27
CA LEU B 202 -39.93 -40.90 -3.34
C LEU B 202 -40.26 -39.59 -4.05
N ASN B 203 -39.29 -38.68 -4.11
CA ASN B 203 -39.46 -37.43 -4.83
C ASN B 203 -39.39 -37.65 -6.34
N ALA B 204 -38.74 -38.75 -6.74
CA ALA B 204 -38.61 -39.10 -8.15
C ALA B 204 -39.93 -39.65 -8.70
N VAL B 205 -40.61 -40.47 -7.90
CA VAL B 205 -41.87 -41.06 -8.32
C VAL B 205 -42.98 -40.80 -7.31
N PRO B 206 -43.98 -40.00 -7.72
CA PRO B 206 -45.15 -39.68 -6.89
C PRO B 206 -46.09 -40.87 -6.74
N VAL B 207 -45.98 -41.84 -7.64
CA VAL B 207 -46.82 -43.02 -7.61
C VAL B 207 -46.41 -43.96 -6.48
N LEU B 208 -45.16 -43.81 -6.04
CA LEU B 208 -44.64 -44.62 -4.96
C LEU B 208 -45.19 -44.17 -3.61
N LEU B 209 -45.92 -43.05 -3.62
CA LEU B 209 -46.50 -42.48 -2.41
C LEU B 209 -47.84 -43.13 -2.05
N HIS B 210 -48.34 -43.99 -2.93
CA HIS B 210 -49.59 -44.69 -2.68
C HIS B 210 -49.42 -45.74 -1.58
N ILE B 211 -48.19 -46.21 -1.41
CA ILE B 211 -47.87 -47.16 -0.36
C ILE B 211 -47.95 -46.49 1.01
N PRO B 212 -48.87 -46.96 1.87
CA PRO B 212 -49.03 -46.38 3.20
C PRO B 212 -47.85 -46.69 4.12
N ALA B 213 -47.03 -47.66 3.72
CA ALA B 213 -45.87 -48.06 4.51
C ALA B 213 -44.71 -47.09 4.33
N LEU B 214 -44.57 -46.54 3.13
CA LEU B 214 -43.50 -45.59 2.84
C LEU B 214 -43.95 -44.16 3.11
N ALA B 215 -45.24 -43.90 2.95
CA ALA B 215 -45.80 -42.56 3.09
C ALA B 215 -45.63 -42.00 4.51
N GLY B 216 -45.53 -42.90 5.48
CA GLY B 216 -45.41 -42.49 6.87
C GLY B 216 -43.98 -42.22 7.31
N LYS B 217 -43.11 -43.21 7.11
CA LYS B 217 -41.75 -43.14 7.62
C LYS B 217 -40.81 -42.29 6.76
N VAL B 218 -41.34 -41.65 5.73
CA VAL B 218 -40.54 -40.76 4.91
C VAL B 218 -40.46 -39.38 5.56
N LEU B 219 -41.57 -38.95 6.16
CA LEU B 219 -41.65 -37.65 6.80
C LEU B 219 -42.30 -37.78 8.17
N ARG B 220 -41.78 -38.69 8.99
CA ARG B 220 -42.33 -38.94 10.31
C ARG B 220 -42.15 -37.75 11.25
N PHE B 221 -40.91 -37.28 11.38
CA PHE B 221 -40.59 -36.20 12.29
C PHE B 221 -41.16 -34.86 11.81
N GLN B 222 -41.32 -34.72 10.50
CA GLN B 222 -41.84 -33.49 9.94
C GLN B 222 -43.32 -33.32 10.25
N LYS B 223 -44.06 -34.43 10.29
CA LYS B 223 -45.46 -34.39 10.68
C LYS B 223 -45.57 -34.14 12.18
N ALA B 224 -44.62 -34.70 12.93
CA ALA B 224 -44.55 -34.50 14.36
C ALA B 224 -44.29 -33.03 14.68
N PHE B 225 -43.48 -32.39 13.85
CA PHE B 225 -43.18 -30.98 13.99
C PHE B 225 -44.43 -30.13 13.73
N LEU B 226 -45.10 -30.41 12.61
CA LEU B 226 -46.33 -29.70 12.26
C LEU B 226 -47.41 -29.87 13.31
N THR B 227 -47.58 -31.10 13.78
CA THR B 227 -48.55 -31.41 14.82
C THR B 227 -48.28 -30.59 16.07
N GLN B 228 -47.01 -30.54 16.47
CA GLN B 228 -46.59 -29.76 17.63
C GLN B 228 -46.84 -28.27 17.41
N LEU B 229 -46.69 -27.83 16.16
CA LEU B 229 -46.87 -26.43 15.82
C LEU B 229 -48.35 -26.05 15.82
N ASP B 230 -49.20 -26.96 15.34
CA ASP B 230 -50.65 -26.74 15.30
C ASP B 230 -51.20 -26.48 16.69
N GLU B 231 -50.67 -27.20 17.68
CA GLU B 231 -51.05 -27.01 19.06
C GLU B 231 -50.76 -25.59 19.52
N LEU B 232 -49.56 -25.10 19.21
CA LEU B 232 -49.13 -23.77 19.60
C LEU B 232 -49.93 -22.69 18.85
N LEU B 233 -50.23 -22.96 17.58
CA LEU B 233 -51.04 -22.04 16.78
C LEU B 233 -52.46 -21.95 17.30
N THR B 234 -52.98 -23.08 17.77
CA THR B 234 -54.33 -23.14 18.34
C THR B 234 -54.42 -22.32 19.62
N GLU B 235 -53.43 -22.48 20.50
CA GLU B 235 -53.37 -21.69 21.72
C GLU B 235 -53.30 -20.20 21.40
N HIS B 236 -52.57 -19.87 20.34
CA HIS B 236 -52.36 -18.48 19.95
C HIS B 236 -53.64 -17.84 19.40
N ARG B 237 -54.45 -18.65 18.72
CA ARG B 237 -55.70 -18.16 18.15
C ARG B 237 -56.64 -17.73 19.27
N MET B 238 -56.56 -18.41 20.41
CA MET B 238 -57.39 -18.13 21.56
C MET B 238 -57.05 -16.78 22.20
N THR B 239 -55.76 -16.44 22.22
CA THR B 239 -55.29 -15.23 22.90
C THR B 239 -55.31 -14.01 21.99
N TRP B 240 -55.54 -14.22 20.71
CA TRP B 240 -55.53 -13.15 19.72
C TRP B 240 -56.63 -12.13 19.98
N ASP B 241 -56.26 -10.86 19.98
CA ASP B 241 -57.22 -9.77 20.17
C ASP B 241 -57.39 -8.98 18.88
N PRO B 242 -58.46 -9.28 18.11
CA PRO B 242 -58.71 -8.65 16.81
C PRO B 242 -58.94 -7.14 16.92
N ALA B 243 -59.38 -6.68 18.08
CA ALA B 243 -59.69 -5.26 18.27
C ALA B 243 -58.43 -4.40 18.31
N GLN B 244 -57.29 -5.03 18.52
CA GLN B 244 -56.01 -4.32 18.51
C GLN B 244 -55.19 -4.71 17.28
N PRO B 245 -54.35 -3.79 16.79
CA PRO B 245 -53.47 -4.10 15.66
C PRO B 245 -52.56 -5.29 15.97
N PRO B 246 -52.24 -6.11 14.96
CA PRO B 246 -51.45 -7.33 15.11
C PRO B 246 -50.11 -7.10 15.83
N ARG B 247 -49.77 -7.97 16.77
CA ARG B 247 -48.50 -7.89 17.46
C ARG B 247 -47.45 -8.73 16.78
N ASP B 248 -47.90 -9.67 15.95
CA ASP B 248 -47.02 -10.63 15.31
C ASP B 248 -47.55 -11.04 13.93
N LEU B 249 -46.83 -11.93 13.26
CA LEU B 249 -47.15 -12.29 11.89
C LEU B 249 -48.41 -13.16 11.80
N THR B 250 -48.61 -14.00 12.80
CA THR B 250 -49.78 -14.89 12.81
C THR B 250 -51.07 -14.08 12.94
N GLU B 251 -51.05 -13.09 13.82
CA GLU B 251 -52.22 -12.23 14.01
C GLU B 251 -52.52 -11.43 12.75
N ALA B 252 -51.46 -11.01 12.07
CA ALA B 252 -51.60 -10.30 10.79
C ALA B 252 -52.23 -11.21 9.74
N PHE B 253 -51.78 -12.46 9.72
CA PHE B 253 -52.28 -13.47 8.80
C PHE B 253 -53.74 -13.76 9.08
N LEU B 254 -54.07 -13.89 10.37
CA LEU B 254 -55.43 -14.19 10.79
C LEU B 254 -56.40 -13.08 10.39
N ALA B 255 -55.94 -11.84 10.50
CA ALA B 255 -56.75 -10.69 10.12
C ALA B 255 -57.04 -10.68 8.62
N GLU B 256 -56.04 -11.01 7.83
CA GLU B 256 -56.22 -11.12 6.38
C GLU B 256 -57.15 -12.28 6.05
N MET B 257 -57.04 -13.36 6.84
CA MET B 257 -57.83 -14.56 6.59
C MET B 257 -59.32 -14.29 6.73
N GLU B 258 -59.69 -13.48 7.72
CA GLU B 258 -61.08 -13.09 7.92
C GLU B 258 -61.60 -12.27 6.74
N LYS B 259 -60.76 -11.36 6.26
CA LYS B 259 -61.10 -10.54 5.09
C LYS B 259 -61.25 -11.38 3.83
N ALA B 260 -60.53 -12.50 3.78
CA ALA B 260 -60.52 -13.36 2.61
C ALA B 260 -61.54 -14.49 2.69
N LYS B 261 -62.48 -14.38 3.62
CA LYS B 261 -63.54 -15.37 3.72
C LYS B 261 -64.52 -15.19 2.56
N GLY B 262 -64.74 -16.27 1.80
CA GLY B 262 -65.59 -16.22 0.64
C GLY B 262 -64.78 -16.06 -0.64
N ASN B 263 -63.47 -15.86 -0.48
CA ASN B 263 -62.57 -15.70 -1.63
C ASN B 263 -61.66 -16.91 -1.81
N PRO B 264 -62.02 -17.79 -2.77
CA PRO B 264 -61.28 -19.02 -3.02
C PRO B 264 -59.93 -18.80 -3.71
N GLU B 265 -59.69 -17.58 -4.16
CA GLU B 265 -58.42 -17.26 -4.84
C GLU B 265 -57.32 -16.84 -3.88
N SER B 266 -57.71 -16.45 -2.67
CA SER B 266 -56.75 -16.00 -1.68
C SER B 266 -55.95 -17.16 -1.09
N SER B 267 -54.69 -16.89 -0.75
CA SER B 267 -53.84 -17.90 -0.15
C SER B 267 -53.88 -17.82 1.38
N PHE B 268 -54.67 -16.88 1.88
CA PHE B 268 -54.84 -16.72 3.33
C PHE B 268 -55.91 -17.67 3.86
N ASN B 269 -55.49 -18.86 4.27
CA ASN B 269 -56.40 -19.84 4.83
C ASN B 269 -55.68 -20.73 5.86
N ASP B 270 -56.46 -21.47 6.63
CA ASP B 270 -55.91 -22.30 7.72
C ASP B 270 -54.84 -23.27 7.25
N GLU B 271 -55.05 -23.89 6.09
CA GLU B 271 -54.11 -24.86 5.57
C GLU B 271 -52.76 -24.23 5.27
N ASN B 272 -52.77 -22.94 4.92
CA ASN B 272 -51.55 -22.26 4.51
C ASN B 272 -50.86 -21.53 5.66
N LEU B 273 -51.64 -21.19 6.70
CA LEU B 273 -51.10 -20.51 7.87
C LEU B 273 -50.03 -21.36 8.53
N ARG B 274 -50.33 -22.64 8.73
CA ARG B 274 -49.43 -23.55 9.41
C ARG B 274 -48.18 -23.82 8.59
N ILE B 275 -48.31 -23.75 7.26
CA ILE B 275 -47.19 -24.01 6.38
C ILE B 275 -46.28 -22.79 6.27
N VAL B 276 -46.87 -21.60 6.19
CA VAL B 276 -46.10 -20.36 6.15
C VAL B 276 -45.29 -20.20 7.43
N VAL B 277 -45.93 -20.41 8.57
CA VAL B 277 -45.27 -20.31 9.87
C VAL B 277 -44.18 -21.37 9.99
N ALA B 278 -44.49 -22.60 9.60
CA ALA B 278 -43.49 -23.68 9.63
C ALA B 278 -42.28 -23.33 8.79
N ASP B 279 -42.52 -22.86 7.57
CA ASP B 279 -41.46 -22.42 6.66
C ASP B 279 -40.56 -21.37 7.31
N LEU B 280 -41.18 -20.31 7.81
CA LEU B 280 -40.43 -19.22 8.45
C LEU B 280 -39.69 -19.71 9.69
N PHE B 281 -40.35 -20.52 10.49
CA PHE B 281 -39.79 -20.97 11.76
C PHE B 281 -38.59 -21.87 11.56
N SER B 282 -38.63 -22.69 10.52
CA SER B 282 -37.57 -23.65 10.27
C SER B 282 -36.39 -23.04 9.52
N ALA B 283 -36.69 -22.21 8.52
CA ALA B 283 -35.65 -21.60 7.69
C ALA B 283 -34.80 -20.61 8.47
N GLY B 284 -35.45 -19.79 9.30
CA GLY B 284 -34.76 -18.76 10.05
C GLY B 284 -34.25 -19.24 11.40
N MET B 285 -34.05 -20.54 11.53
CA MET B 285 -33.64 -21.13 12.79
C MET B 285 -32.34 -21.90 12.64
N VAL B 286 -32.32 -22.82 11.69
CA VAL B 286 -31.15 -23.68 11.48
C VAL B 286 -30.05 -22.91 10.72
N THR B 287 -30.44 -21.84 10.04
CA THR B 287 -29.48 -21.03 9.30
C THR B 287 -28.80 -20.00 10.19
N THR B 288 -29.59 -19.24 10.93
CA THR B 288 -29.05 -18.17 11.76
C THR B 288 -28.20 -18.71 12.90
N SER B 289 -28.61 -19.84 13.47
CA SER B 289 -27.87 -20.42 14.59
C SER B 289 -26.56 -21.04 14.13
N THR B 290 -26.57 -21.67 12.96
CA THR B 290 -25.38 -22.30 12.42
C THR B 290 -24.31 -21.25 12.11
N THR B 291 -24.74 -20.11 11.56
CA THR B 291 -23.84 -19.00 11.30
C THR B 291 -23.18 -18.53 12.59
N LEU B 292 -23.97 -18.39 13.65
CA LEU B 292 -23.47 -17.99 14.95
C LEU B 292 -22.53 -19.03 15.52
N ALA B 293 -22.81 -20.31 15.25
CA ALA B 293 -21.93 -21.39 15.67
C ALA B 293 -20.60 -21.31 14.93
N TRP B 294 -20.64 -20.91 13.66
CA TRP B 294 -19.44 -20.68 12.88
C TRP B 294 -18.65 -19.49 13.43
N GLY B 295 -19.36 -18.43 13.79
CA GLY B 295 -18.75 -17.25 14.33
C GLY B 295 -17.93 -17.54 15.58
N LEU B 296 -18.55 -18.22 16.55
CA LEU B 296 -17.86 -18.54 17.79
C LEU B 296 -16.67 -19.46 17.56
N LEU B 297 -16.81 -20.39 16.61
CA LEU B 297 -15.71 -21.27 16.26
C LEU B 297 -14.53 -20.49 15.69
N LEU B 298 -14.84 -19.56 14.79
CA LEU B 298 -13.82 -18.76 14.15
C LEU B 298 -13.18 -17.78 15.13
N MET B 299 -13.88 -17.50 16.22
CA MET B 299 -13.36 -16.58 17.24
C MET B 299 -12.37 -17.26 18.17
N ILE B 300 -12.47 -18.58 18.32
CA ILE B 300 -11.53 -19.29 19.18
C ILE B 300 -10.36 -19.80 18.37
N LEU B 301 -10.52 -19.87 17.05
CA LEU B 301 -9.43 -20.24 16.16
C LEU B 301 -8.60 -19.01 15.78
N HIS B 302 -9.16 -17.83 15.99
CA HIS B 302 -8.49 -16.58 15.66
C HIS B 302 -8.70 -15.53 16.74
N PRO B 303 -8.08 -15.73 17.91
CA PRO B 303 -8.28 -14.88 19.10
C PRO B 303 -7.87 -13.42 18.85
N ASP B 304 -6.91 -13.21 17.96
CA ASP B 304 -6.46 -11.86 17.62
C ASP B 304 -7.60 -11.07 16.99
N VAL B 305 -8.40 -11.74 16.17
CA VAL B 305 -9.57 -11.13 15.57
C VAL B 305 -10.59 -10.81 16.66
N GLN B 306 -10.77 -11.76 17.58
CA GLN B 306 -11.72 -11.60 18.68
C GLN B 306 -11.41 -10.38 19.54
N ARG B 307 -10.13 -10.16 19.85
CA ARG B 307 -9.72 -9.03 20.67
C ARG B 307 -9.96 -7.70 19.95
N ARG B 308 -9.69 -7.68 18.64
CA ARG B 308 -9.90 -6.46 17.86
C ARG B 308 -11.38 -6.11 17.80
N VAL B 309 -12.23 -7.13 17.76
CA VAL B 309 -13.68 -6.91 17.79
C VAL B 309 -14.08 -6.36 19.14
N GLN B 310 -13.60 -7.01 20.20
CA GLN B 310 -13.85 -6.56 21.56
C GLN B 310 -13.30 -5.17 21.79
N GLN B 311 -12.17 -4.88 21.17
CA GLN B 311 -11.58 -3.55 21.21
C GLN B 311 -12.55 -2.53 20.64
N GLU B 312 -13.08 -2.82 19.47
CA GLU B 312 -13.99 -1.91 18.77
C GLU B 312 -15.31 -1.73 19.51
N ILE B 313 -15.76 -2.79 20.18
CA ILE B 313 -16.98 -2.73 20.97
C ILE B 313 -16.83 -1.73 22.12
N ASP B 314 -15.69 -1.84 22.83
CA ASP B 314 -15.43 -0.97 23.97
C ASP B 314 -15.32 0.50 23.56
N ASP B 315 -14.76 0.74 22.37
CA ASP B 315 -14.53 2.10 21.89
C ASP B 315 -15.81 2.78 21.38
N VAL B 316 -16.86 2.00 21.17
CA VAL B 316 -18.10 2.54 20.61
C VAL B 316 -19.30 2.32 21.53
N ILE B 317 -19.35 1.17 22.18
CA ILE B 317 -20.49 0.82 23.01
C ILE B 317 -20.16 0.82 24.50
N GLY B 318 -19.03 0.20 24.85
CA GLY B 318 -18.66 0.02 26.24
C GLY B 318 -18.94 -1.40 26.69
N GLN B 319 -19.19 -1.59 27.98
CA GLN B 319 -19.51 -2.91 28.50
C GLN B 319 -20.84 -2.92 29.24
N VAL B 320 -21.31 -1.75 29.64
CA VAL B 320 -22.55 -1.64 30.38
C VAL B 320 -23.76 -1.55 29.46
N ARG B 321 -23.60 -0.85 28.34
CA ARG B 321 -24.72 -0.58 27.44
C ARG B 321 -24.93 -1.71 26.42
N ARG B 322 -26.19 -2.06 26.20
CA ARG B 322 -26.54 -3.07 25.21
C ARG B 322 -26.33 -2.57 23.80
N PRO B 323 -25.82 -3.43 22.91
CA PRO B 323 -25.58 -3.09 21.50
C PRO B 323 -26.87 -2.69 20.78
N GLU B 324 -26.75 -1.74 19.85
CA GLU B 324 -27.90 -1.29 19.06
C GLU B 324 -27.55 -1.30 17.58
N MET B 325 -28.57 -1.34 16.72
CA MET B 325 -28.35 -1.40 15.28
C MET B 325 -27.68 -0.13 14.76
N GLY B 326 -27.79 0.96 15.52
CA GLY B 326 -27.15 2.20 15.15
C GLY B 326 -25.64 2.15 15.33
N ASP B 327 -25.19 1.17 16.14
CA ASP B 327 -23.77 1.02 16.41
C ASP B 327 -23.01 0.40 15.24
N GLN B 328 -23.71 -0.38 14.42
CA GLN B 328 -23.07 -1.10 13.31
C GLN B 328 -22.42 -0.14 12.31
N ALA B 329 -23.05 1.01 12.11
CA ALA B 329 -22.54 2.01 11.18
C ALA B 329 -21.21 2.60 11.65
N HIS B 330 -20.92 2.44 12.94
CA HIS B 330 -19.69 2.97 13.51
C HIS B 330 -18.77 1.85 13.98
N MET B 331 -19.01 0.63 13.48
CA MET B 331 -18.18 -0.52 13.80
C MET B 331 -17.84 -1.33 12.54
N PRO B 332 -16.98 -0.78 11.68
CA PRO B 332 -16.66 -1.42 10.41
C PRO B 332 -15.92 -2.76 10.55
N TYR B 333 -15.09 -2.89 11.58
CA TYR B 333 -14.33 -4.12 11.75
C TYR B 333 -15.23 -5.29 12.17
N THR B 334 -16.09 -5.04 13.16
CA THR B 334 -17.03 -6.05 13.61
C THR B 334 -17.96 -6.44 12.46
N THR B 335 -18.37 -5.45 11.69
CA THR B 335 -19.22 -5.69 10.52
C THR B 335 -18.47 -6.55 9.51
N ALA B 336 -17.17 -6.31 9.38
CA ALA B 336 -16.33 -7.07 8.45
C ALA B 336 -16.19 -8.52 8.90
N VAL B 337 -15.98 -8.71 10.20
CA VAL B 337 -15.81 -10.05 10.77
C VAL B 337 -17.07 -10.91 10.57
N ILE B 338 -18.22 -10.31 10.84
CA ILE B 338 -19.50 -11.01 10.67
C ILE B 338 -19.72 -11.42 9.23
N HIS B 339 -19.45 -10.49 8.31
CA HIS B 339 -19.56 -10.79 6.88
C HIS B 339 -18.62 -11.91 6.48
N GLU B 340 -17.40 -11.89 7.01
CA GLU B 340 -16.41 -12.91 6.70
C GLU B 340 -16.79 -14.25 7.33
N VAL B 341 -17.50 -14.21 8.45
CA VAL B 341 -18.04 -15.43 9.04
C VAL B 341 -19.00 -16.09 8.06
N GLN B 342 -19.88 -15.28 7.47
CA GLN B 342 -20.83 -15.79 6.50
C GLN B 342 -20.14 -16.28 5.24
N ARG B 343 -19.17 -15.52 4.77
CA ARG B 343 -18.43 -15.88 3.56
C ARG B 343 -17.64 -17.17 3.76
N PHE B 344 -16.86 -17.23 4.83
CA PHE B 344 -16.05 -18.41 5.12
C PHE B 344 -16.92 -19.57 5.54
N GLY B 345 -17.96 -19.28 6.33
CA GLY B 345 -18.89 -20.30 6.80
C GLY B 345 -19.56 -21.04 5.67
N ASP B 346 -20.13 -20.27 4.72
CA ASP B 346 -20.71 -20.82 3.50
C ASP B 346 -21.71 -21.94 3.82
N ILE B 347 -22.70 -21.60 4.64
CA ILE B 347 -23.58 -22.61 5.22
C ILE B 347 -24.59 -23.17 4.21
N VAL B 348 -24.84 -22.43 3.13
CA VAL B 348 -25.71 -22.94 2.07
C VAL B 348 -24.93 -22.97 0.76
N PRO B 349 -24.05 -23.97 0.60
CA PRO B 349 -23.12 -24.03 -0.53
C PRO B 349 -23.79 -24.09 -1.90
N LEU B 350 -24.81 -24.92 -2.03
CA LEU B 350 -25.48 -25.10 -3.32
C LEU B 350 -26.80 -24.35 -3.37
N GLY B 351 -27.00 -23.45 -2.42
CA GLY B 351 -28.21 -22.67 -2.33
C GLY B 351 -29.46 -23.52 -2.29
N VAL B 352 -30.59 -22.92 -2.68
CA VAL B 352 -31.83 -23.65 -2.83
C VAL B 352 -32.12 -23.79 -4.32
N THR B 353 -32.52 -24.99 -4.74
CA THR B 353 -32.71 -25.27 -6.17
C THR B 353 -33.81 -24.42 -6.79
N HIS B 354 -33.57 -24.00 -8.03
CA HIS B 354 -34.56 -23.26 -8.80
C HIS B 354 -35.02 -24.11 -9.97
N MET B 355 -35.96 -23.60 -10.75
CA MET B 355 -36.35 -24.25 -11.99
C MET B 355 -36.78 -23.21 -13.02
N THR B 356 -36.41 -23.45 -14.28
CA THR B 356 -36.77 -22.55 -15.36
C THR B 356 -38.22 -22.72 -15.79
N SER B 357 -38.92 -21.60 -15.94
CA SER B 357 -40.31 -21.63 -16.39
C SER B 357 -40.38 -21.42 -17.91
N ARG B 358 -39.35 -20.82 -18.48
CA ARG B 358 -39.22 -20.65 -19.92
C ARG B 358 -37.84 -21.07 -20.40
N ASP B 359 -37.61 -20.96 -21.71
CA ASP B 359 -36.28 -21.16 -22.27
C ASP B 359 -35.46 -19.89 -22.16
N ILE B 360 -34.21 -20.02 -21.72
CA ILE B 360 -33.34 -18.86 -21.54
C ILE B 360 -31.93 -19.14 -22.04
N GLU B 361 -31.10 -18.10 -21.99
CA GLU B 361 -29.70 -18.22 -22.39
C GLU B 361 -28.79 -17.71 -21.27
N VAL B 362 -27.94 -18.59 -20.77
CA VAL B 362 -26.97 -18.22 -19.73
C VAL B 362 -25.56 -18.48 -20.22
N GLN B 363 -24.73 -17.43 -20.22
CA GLN B 363 -23.34 -17.51 -20.66
C GLN B 363 -23.22 -18.08 -22.08
N GLY B 364 -24.22 -17.82 -22.91
CA GLY B 364 -24.21 -18.28 -24.29
C GLY B 364 -24.94 -19.58 -24.51
N PHE B 365 -24.98 -20.43 -23.49
CA PHE B 365 -25.63 -21.73 -23.58
C PHE B 365 -27.14 -21.61 -23.41
N ARG B 366 -27.88 -22.55 -23.98
CA ARG B 366 -29.33 -22.53 -23.90
C ARG B 366 -29.86 -23.43 -22.80
N ILE B 367 -30.78 -22.91 -22.00
CA ILE B 367 -31.40 -23.69 -20.93
C ILE B 367 -32.86 -23.96 -21.24
N PRO B 368 -33.20 -25.24 -21.48
CA PRO B 368 -34.58 -25.65 -21.79
C PRO B 368 -35.54 -25.39 -20.63
N LYS B 369 -36.82 -25.23 -20.95
CA LYS B 369 -37.87 -25.05 -19.95
C LYS B 369 -38.01 -26.29 -19.08
N GLY B 370 -38.20 -26.09 -17.78
CA GLY B 370 -38.36 -27.19 -16.85
C GLY B 370 -37.04 -27.77 -16.37
N THR B 371 -35.99 -26.96 -16.47
CA THR B 371 -34.66 -27.38 -16.04
C THR B 371 -34.40 -26.98 -14.59
N THR B 372 -33.96 -27.94 -13.78
CA THR B 372 -33.58 -27.65 -12.39
C THR B 372 -32.24 -26.91 -12.36
N LEU B 373 -32.26 -25.68 -11.85
CA LEU B 373 -31.04 -24.89 -11.71
C LEU B 373 -30.46 -25.04 -10.32
N ILE B 374 -29.16 -25.30 -10.25
CA ILE B 374 -28.45 -25.28 -8.99
C ILE B 374 -27.49 -24.10 -8.95
N THR B 375 -27.69 -23.21 -7.98
CA THR B 375 -26.83 -22.06 -7.81
C THR B 375 -25.70 -22.37 -6.84
N ASN B 376 -24.49 -22.51 -7.38
CA ASN B 376 -23.32 -22.78 -6.56
C ASN B 376 -22.86 -21.52 -5.84
N LEU B 377 -23.49 -21.20 -4.72
CA LEU B 377 -23.13 -20.01 -3.96
C LEU B 377 -21.73 -20.12 -3.39
N SER B 378 -21.29 -21.35 -3.18
CA SER B 378 -19.93 -21.61 -2.70
C SER B 378 -18.91 -21.06 -3.69
N SER B 379 -19.14 -21.32 -4.97
CA SER B 379 -18.24 -20.87 -6.02
C SER B 379 -18.19 -19.35 -6.10
N VAL B 380 -19.24 -18.69 -5.60
CA VAL B 380 -19.26 -17.22 -5.59
C VAL B 380 -18.53 -16.67 -4.36
N LEU B 381 -18.81 -17.25 -3.20
CA LEU B 381 -18.20 -16.80 -1.95
C LEU B 381 -16.73 -17.22 -1.84
N LYS B 382 -16.34 -18.24 -2.59
CA LYS B 382 -14.97 -18.74 -2.55
C LYS B 382 -14.24 -18.54 -3.88
N ASP B 383 -14.77 -17.65 -4.71
CA ASP B 383 -14.16 -17.36 -6.01
C ASP B 383 -12.76 -16.77 -5.84
N GLU B 384 -11.76 -17.45 -6.40
CA GLU B 384 -10.38 -17.07 -6.22
C GLU B 384 -10.00 -15.83 -7.03
N ALA B 385 -10.80 -15.49 -8.03
CA ALA B 385 -10.54 -14.31 -8.84
C ALA B 385 -10.99 -13.03 -8.14
N VAL B 386 -11.92 -13.19 -7.20
CA VAL B 386 -12.51 -12.04 -6.51
C VAL B 386 -11.86 -11.81 -5.14
N TRP B 387 -11.81 -12.84 -4.32
CA TRP B 387 -11.32 -12.70 -2.96
C TRP B 387 -9.81 -12.91 -2.88
N GLU B 388 -9.16 -12.13 -2.02
CA GLU B 388 -7.71 -12.18 -1.85
C GLU B 388 -7.23 -13.56 -1.42
N LYS B 389 -7.81 -14.08 -0.35
CA LYS B 389 -7.49 -15.41 0.13
C LYS B 389 -8.75 -16.15 0.55
N PRO B 390 -9.50 -16.67 -0.44
CA PRO B 390 -10.86 -17.21 -0.29
C PRO B 390 -10.99 -18.40 0.67
N PHE B 391 -9.90 -19.12 0.93
CA PHE B 391 -9.98 -20.29 1.80
C PHE B 391 -9.38 -20.03 3.17
N ARG B 392 -9.25 -18.76 3.53
CA ARG B 392 -8.81 -18.37 4.87
C ARG B 392 -9.82 -17.42 5.51
N PHE B 393 -9.90 -17.46 6.84
CA PHE B 393 -10.71 -16.49 7.56
C PHE B 393 -9.95 -15.16 7.56
N HIS B 394 -10.44 -14.22 6.76
CA HIS B 394 -9.72 -12.98 6.51
C HIS B 394 -10.67 -11.80 6.45
N PRO B 395 -10.91 -11.16 7.61
CA PRO B 395 -11.85 -10.05 7.74
C PRO B 395 -11.57 -8.89 6.77
N GLU B 396 -10.31 -8.73 6.36
CA GLU B 396 -9.94 -7.64 5.46
C GLU B 396 -10.48 -7.86 4.04
N HIS B 397 -11.19 -8.97 3.84
CA HIS B 397 -11.97 -9.17 2.61
C HIS B 397 -13.03 -8.08 2.49
N PHE B 398 -13.42 -7.51 3.64
CA PHE B 398 -14.46 -6.51 3.71
C PHE B 398 -13.93 -5.18 4.25
N LEU B 399 -12.61 -5.01 4.16
CA LEU B 399 -11.97 -3.78 4.62
C LEU B 399 -10.96 -3.26 3.60
N ASP B 400 -10.77 -1.95 3.58
CA ASP B 400 -9.68 -1.36 2.80
C ASP B 400 -8.54 -0.99 3.75
N ALA B 401 -7.48 -0.40 3.19
CA ALA B 401 -6.30 -0.05 3.98
C ALA B 401 -6.63 0.95 5.09
N GLN B 402 -7.66 1.75 4.87
CA GLN B 402 -8.05 2.78 5.83
C GLN B 402 -8.92 2.22 6.95
N GLY B 403 -9.50 1.05 6.72
CA GLY B 403 -10.33 0.39 7.71
C GLY B 403 -11.81 0.55 7.45
N HIS B 404 -12.14 1.11 6.29
CA HIS B 404 -13.54 1.27 5.91
C HIS B 404 -14.15 -0.06 5.46
N PHE B 405 -15.38 -0.31 5.88
CA PHE B 405 -16.10 -1.50 5.48
C PHE B 405 -16.54 -1.41 4.02
N VAL B 406 -16.21 -2.45 3.24
CA VAL B 406 -16.68 -2.53 1.87
C VAL B 406 -17.31 -3.89 1.61
N LYS B 407 -18.42 -3.89 0.88
CA LYS B 407 -19.12 -5.14 0.57
C LYS B 407 -19.03 -5.43 -0.92
N PRO B 408 -18.17 -6.40 -1.29
CA PRO B 408 -18.01 -6.83 -2.69
C PRO B 408 -19.31 -7.40 -3.27
N GLU B 409 -19.46 -7.27 -4.59
CA GLU B 409 -20.60 -7.85 -5.30
C GLU B 409 -20.74 -9.35 -5.07
N ALA B 410 -19.62 -10.03 -4.87
CA ALA B 410 -19.59 -11.49 -4.78
C ALA B 410 -20.07 -12.00 -3.42
N PHE B 411 -20.48 -11.10 -2.55
CA PHE B 411 -21.06 -11.51 -1.27
C PHE B 411 -22.53 -11.87 -1.46
N LEU B 412 -22.78 -13.15 -1.72
CA LEU B 412 -24.15 -13.62 -1.96
C LEU B 412 -24.58 -14.80 -1.07
N PRO B 413 -24.50 -14.63 0.26
CA PRO B 413 -24.92 -15.76 1.10
C PRO B 413 -26.44 -15.98 1.07
N PHE B 414 -27.18 -14.94 0.68
CA PHE B 414 -28.63 -15.02 0.64
C PHE B 414 -29.15 -15.16 -0.80
N SER B 415 -28.27 -15.60 -1.70
CA SER B 415 -28.56 -15.73 -3.12
C SER B 415 -28.97 -14.39 -3.74
N ALA B 416 -29.75 -14.44 -4.81
CA ALA B 416 -30.14 -13.22 -5.52
C ALA B 416 -31.44 -13.42 -6.30
N GLY B 417 -32.04 -12.32 -6.73
CA GLY B 417 -33.26 -12.36 -7.52
C GLY B 417 -34.53 -12.36 -6.71
N ARG B 418 -35.64 -12.66 -7.38
CA ARG B 418 -36.97 -12.67 -6.77
C ARG B 418 -37.09 -13.60 -5.57
N ARG B 419 -36.41 -14.74 -5.63
CA ARG B 419 -36.53 -15.77 -4.60
C ARG B 419 -35.50 -15.62 -3.48
N ALA B 420 -34.66 -14.59 -3.57
CA ALA B 420 -33.60 -14.37 -2.58
C ALA B 420 -34.18 -14.27 -1.18
N CYS B 421 -33.41 -14.74 -0.20
CA CYS B 421 -33.85 -14.83 1.20
C CYS B 421 -34.61 -13.59 1.67
N LEU B 422 -35.84 -13.80 2.15
CA LEU B 422 -36.68 -12.69 2.59
C LEU B 422 -36.39 -12.35 4.04
N GLY B 423 -35.68 -13.25 4.70
CA GLY B 423 -35.35 -13.06 6.10
C GLY B 423 -34.01 -12.37 6.32
N GLU B 424 -33.42 -11.89 5.23
CA GLU B 424 -32.11 -11.22 5.30
C GLU B 424 -32.09 -10.02 6.26
N PRO B 425 -33.09 -9.12 6.19
CA PRO B 425 -33.03 -7.99 7.14
C PRO B 425 -33.07 -8.44 8.60
N LEU B 426 -33.79 -9.52 8.88
CA LEU B 426 -33.87 -10.08 10.22
C LEU B 426 -32.56 -10.77 10.61
N ALA B 427 -31.96 -11.48 9.65
CA ALA B 427 -30.72 -12.20 9.90
C ALA B 427 -29.57 -11.25 10.20
N ARG B 428 -29.50 -10.16 9.44
CA ARG B 428 -28.48 -9.14 9.64
C ARG B 428 -28.54 -8.57 11.05
N MET B 429 -29.76 -8.44 11.57
CA MET B 429 -29.98 -7.89 12.90
C MET B 429 -29.66 -8.90 13.99
N GLU B 430 -30.08 -10.15 13.77
CA GLU B 430 -29.78 -11.22 14.71
C GLU B 430 -28.28 -11.43 14.85
N LEU B 431 -27.59 -11.55 13.72
CA LEU B 431 -26.16 -11.82 13.70
C LEU B 431 -25.35 -10.73 14.39
N PHE B 432 -25.68 -9.46 14.12
CA PHE B 432 -24.93 -8.36 14.70
C PHE B 432 -25.18 -8.23 16.21
N LEU B 433 -26.44 -8.30 16.62
CA LEU B 433 -26.79 -8.10 18.02
C LEU B 433 -26.37 -9.28 18.89
N PHE B 434 -26.46 -10.50 18.36
CA PHE B 434 -26.06 -11.67 19.12
C PHE B 434 -24.54 -11.77 19.24
N PHE B 435 -23.85 -11.52 18.14
CA PHE B 435 -22.40 -11.65 18.09
C PHE B 435 -21.70 -10.60 18.95
N THR B 436 -22.15 -9.36 18.86
CA THR B 436 -21.54 -8.28 19.63
C THR B 436 -21.82 -8.43 21.12
N SER B 437 -23.06 -8.79 21.47
CA SER B 437 -23.43 -8.95 22.87
C SER B 437 -22.62 -10.07 23.52
N LEU B 438 -22.48 -11.18 22.82
CA LEU B 438 -21.72 -12.31 23.32
C LEU B 438 -20.26 -11.96 23.52
N LEU B 439 -19.67 -11.24 22.56
CA LEU B 439 -18.26 -10.85 22.64
C LEU B 439 -18.05 -9.67 23.58
N GLN B 440 -19.11 -8.92 23.85
CA GLN B 440 -19.04 -7.78 24.76
C GLN B 440 -18.82 -8.27 26.20
N HIS B 441 -19.31 -9.45 26.50
CA HIS B 441 -19.29 -9.96 27.88
C HIS B 441 -18.42 -11.19 28.07
N PHE B 442 -18.08 -11.87 26.98
CA PHE B 442 -17.31 -13.10 27.10
C PHE B 442 -16.05 -13.12 26.24
N SER B 443 -15.05 -13.83 26.71
CA SER B 443 -13.85 -14.11 25.93
C SER B 443 -13.80 -15.61 25.65
N PHE B 444 -13.97 -15.97 24.38
CA PHE B 444 -14.08 -17.37 23.99
C PHE B 444 -12.73 -17.94 23.58
N SER B 445 -12.49 -19.19 23.97
CA SER B 445 -11.24 -19.86 23.63
C SER B 445 -11.39 -21.38 23.63
N VAL B 446 -10.44 -22.05 23.00
CA VAL B 446 -10.41 -23.51 22.99
C VAL B 446 -10.08 -24.03 24.38
N PRO B 447 -10.67 -25.17 24.77
CA PRO B 447 -10.38 -25.80 26.06
C PRO B 447 -9.05 -26.54 26.03
N THR B 448 -8.17 -26.24 26.99
CA THR B 448 -6.88 -26.91 27.08
C THR B 448 -7.06 -28.42 27.20
N GLY B 449 -6.21 -29.17 26.51
CA GLY B 449 -6.29 -30.62 26.54
C GLY B 449 -7.03 -31.17 25.33
N GLN B 450 -7.87 -30.33 24.73
CA GLN B 450 -8.61 -30.72 23.53
C GLN B 450 -7.87 -30.29 22.28
N PRO B 451 -7.98 -31.09 21.20
CA PRO B 451 -7.37 -30.72 19.92
C PRO B 451 -7.98 -29.46 19.34
N ARG B 452 -7.17 -28.69 18.60
CA ARG B 452 -7.69 -27.54 17.87
C ARG B 452 -8.77 -28.04 16.90
N PRO B 453 -9.99 -27.49 17.03
CA PRO B 453 -11.11 -27.92 16.19
C PRO B 453 -10.88 -27.60 14.73
N SER B 454 -11.46 -28.39 13.84
CA SER B 454 -11.29 -28.20 12.41
C SER B 454 -12.11 -27.02 11.89
N HIS B 455 -11.54 -26.28 10.95
CA HIS B 455 -12.26 -25.18 10.32
C HIS B 455 -13.03 -25.68 9.12
N HIS B 456 -13.04 -27.00 8.94
CA HIS B 456 -13.82 -27.65 7.90
C HIS B 456 -15.16 -28.12 8.45
N GLY B 457 -16.24 -27.78 7.76
CA GLY B 457 -17.56 -28.19 8.17
C GLY B 457 -17.97 -29.51 7.54
N VAL B 458 -18.97 -30.15 8.12
CA VAL B 458 -19.50 -31.39 7.55
C VAL B 458 -20.62 -31.05 6.57
N PHE B 459 -20.45 -31.51 5.32
CA PHE B 459 -21.36 -31.12 4.24
C PHE B 459 -22.75 -31.72 4.37
N ALA B 460 -23.75 -30.89 4.09
CA ALA B 460 -25.14 -31.30 4.00
C ALA B 460 -25.88 -30.23 3.19
N PHE B 461 -27.19 -30.15 3.33
CA PHE B 461 -27.90 -29.02 2.74
C PHE B 461 -27.43 -27.76 3.46
N LEU B 462 -27.27 -27.87 4.77
CA LEU B 462 -26.59 -26.84 5.55
C LEU B 462 -25.25 -27.34 6.06
N VAL B 463 -24.21 -26.55 5.85
CA VAL B 463 -22.89 -26.88 6.37
C VAL B 463 -22.75 -26.34 7.79
N SER B 464 -22.76 -27.25 8.75
CA SER B 464 -22.52 -26.89 10.15
C SER B 464 -21.06 -27.13 10.49
N PRO B 465 -20.53 -26.35 11.44
CA PRO B 465 -19.14 -26.55 11.88
C PRO B 465 -18.96 -27.94 12.45
N SER B 466 -17.76 -28.48 12.38
CA SER B 466 -17.46 -29.75 13.02
C SER B 466 -17.67 -29.57 14.52
N PRO B 467 -18.22 -30.59 15.19
CA PRO B 467 -18.51 -30.52 16.64
C PRO B 467 -17.32 -30.04 17.46
N TYR B 468 -17.53 -28.99 18.24
CA TYR B 468 -16.46 -28.39 19.03
C TYR B 468 -16.99 -27.90 20.36
N GLU B 469 -16.10 -27.78 21.33
CA GLU B 469 -16.44 -27.18 22.62
C GLU B 469 -15.62 -25.92 22.82
N LEU B 470 -16.11 -25.03 23.67
CA LEU B 470 -15.40 -23.78 23.95
C LEU B 470 -15.52 -23.41 25.43
N CYS B 471 -14.69 -22.47 25.85
CA CYS B 471 -14.80 -21.89 27.18
C CYS B 471 -15.22 -20.43 27.06
N ALA B 472 -16.14 -20.01 27.92
CA ALA B 472 -16.60 -18.64 27.94
C ALA B 472 -16.33 -18.02 29.30
N VAL B 473 -15.34 -17.12 29.35
CA VAL B 473 -15.01 -16.43 30.58
C VAL B 473 -15.46 -14.97 30.50
N PRO B 474 -16.22 -14.52 31.50
CA PRO B 474 -16.69 -13.13 31.59
C PRO B 474 -15.54 -12.12 31.56
N ARG B 475 -15.77 -10.97 30.95
CA ARG B 475 -14.73 -9.95 30.85
C ARG B 475 -14.81 -8.96 32.02
N LEU C 11 0.06 -48.39 11.94
CA LEU C 11 -0.12 -48.25 10.49
C LEU C 11 -1.08 -47.11 10.15
N PRO C 12 -0.85 -46.44 9.03
CA PRO C 12 -1.74 -45.37 8.55
C PRO C 12 -3.12 -45.89 8.18
N PRO C 13 -4.16 -45.09 8.44
CA PRO C 13 -5.55 -45.46 8.13
C PRO C 13 -5.81 -45.52 6.63
N GLY C 14 -7.02 -45.89 6.23
CA GLY C 14 -7.38 -45.95 4.83
C GLY C 14 -8.66 -46.71 4.56
N PRO C 15 -9.17 -46.64 3.32
CA PRO C 15 -10.40 -47.32 2.91
C PRO C 15 -10.27 -48.83 2.96
N LEU C 16 -11.39 -49.51 3.19
CA LEU C 16 -11.41 -50.97 3.29
C LEU C 16 -11.11 -51.62 1.94
N PRO C 17 -10.02 -52.41 1.89
CA PRO C 17 -9.62 -53.11 0.66
C PRO C 17 -10.60 -54.21 0.26
N GLN C 30 -8.28 -42.33 -15.31
CA GLN C 30 -8.85 -42.16 -13.98
C GLN C 30 -8.26 -40.94 -13.28
N ASN C 31 -9.12 -40.00 -12.91
CA ASN C 31 -8.69 -38.78 -12.23
C ASN C 31 -8.37 -39.01 -10.75
N THR C 32 -7.11 -39.33 -10.49
CA THR C 32 -6.63 -39.61 -9.15
C THR C 32 -6.56 -38.43 -8.16
N PRO C 33 -6.10 -37.23 -8.60
CA PRO C 33 -5.89 -36.13 -7.64
C PRO C 33 -7.09 -35.80 -6.77
N TYR C 34 -8.30 -35.89 -7.30
CA TYR C 34 -9.50 -35.63 -6.52
C TYR C 34 -9.69 -36.70 -5.46
N CYS C 35 -9.47 -37.95 -5.85
CA CYS C 35 -9.64 -39.08 -4.95
C CYS C 35 -8.69 -38.99 -3.76
N PHE C 36 -7.45 -38.58 -4.02
CA PHE C 36 -6.45 -38.46 -2.97
C PHE C 36 -6.78 -37.32 -1.99
N ASP C 37 -7.32 -36.23 -2.53
CA ASP C 37 -7.70 -35.08 -1.71
C ASP C 37 -8.86 -35.43 -0.79
N GLN C 38 -9.79 -36.24 -1.30
CA GLN C 38 -10.93 -36.69 -0.52
C GLN C 38 -10.46 -37.62 0.59
N LEU C 39 -9.54 -38.52 0.25
CA LEU C 39 -8.96 -39.45 1.20
C LEU C 39 -8.13 -38.72 2.26
N ARG C 40 -7.53 -37.60 1.86
CA ARG C 40 -6.75 -36.79 2.78
C ARG C 40 -7.66 -36.15 3.83
N ARG C 41 -8.87 -35.79 3.42
CA ARG C 41 -9.83 -35.20 4.33
C ARG C 41 -10.32 -36.22 5.36
N ARG C 42 -10.50 -37.45 4.91
CA ARG C 42 -11.02 -38.50 5.78
C ARG C 42 -9.98 -39.04 6.76
N PHE C 43 -8.81 -39.40 6.24
CA PHE C 43 -7.82 -40.13 7.04
C PHE C 43 -6.62 -39.29 7.45
N GLY C 44 -6.47 -38.11 6.86
CA GLY C 44 -5.39 -37.22 7.23
C GLY C 44 -4.31 -37.13 6.18
N ASP C 45 -3.15 -36.59 6.58
CA ASP C 45 -2.03 -36.38 5.66
C ASP C 45 -1.41 -37.70 5.20
N VAL C 46 -1.34 -38.68 6.10
CA VAL C 46 -0.75 -39.97 5.78
C VAL C 46 -1.78 -41.09 5.86
N PHE C 47 -2.01 -41.76 4.73
CA PHE C 47 -2.92 -42.91 4.71
C PHE C 47 -2.39 -44.04 3.83
N SER C 48 -3.09 -45.17 3.86
CA SER C 48 -2.66 -46.37 3.15
C SER C 48 -3.61 -46.76 2.03
N LEU C 49 -3.08 -47.45 1.03
CA LEU C 49 -3.88 -47.96 -0.08
C LEU C 49 -3.35 -49.31 -0.51
N GLN C 50 -4.24 -50.27 -0.71
CA GLN C 50 -3.85 -51.60 -1.15
C GLN C 50 -3.99 -51.71 -2.66
N LEU C 51 -2.99 -51.20 -3.38
CA LEU C 51 -2.99 -51.28 -4.84
C LEU C 51 -2.50 -52.65 -5.28
N ALA C 52 -3.44 -53.52 -5.66
CA ALA C 52 -3.15 -54.91 -6.02
C ALA C 52 -2.43 -55.63 -4.88
N TRP C 53 -1.20 -56.05 -5.15
CA TRP C 53 -0.40 -56.75 -4.15
C TRP C 53 0.49 -55.79 -3.37
N THR C 54 0.81 -54.65 -3.99
CA THR C 54 1.74 -53.69 -3.41
C THR C 54 1.07 -52.83 -2.33
N PRO C 55 1.64 -52.84 -1.12
CA PRO C 55 1.19 -51.95 -0.05
C PRO C 55 1.69 -50.52 -0.27
N VAL C 56 0.76 -49.58 -0.41
CA VAL C 56 1.10 -48.20 -0.76
C VAL C 56 0.69 -47.22 0.33
N VAL C 57 1.61 -46.34 0.69
CA VAL C 57 1.33 -45.27 1.62
C VAL C 57 1.49 -43.91 0.95
N VAL C 58 0.41 -43.14 0.90
CA VAL C 58 0.42 -41.83 0.25
C VAL C 58 0.76 -40.73 1.24
N LEU C 59 1.68 -39.85 0.85
CA LEU C 59 2.10 -38.74 1.70
C LEU C 59 1.55 -37.40 1.18
N ASN C 60 0.91 -36.64 2.06
CA ASN C 60 0.29 -35.38 1.66
C ASN C 60 0.78 -34.19 2.50
N GLY C 61 1.02 -33.07 1.83
CA GLY C 61 1.43 -31.86 2.51
C GLY C 61 2.93 -31.79 2.73
N LEU C 62 3.43 -30.60 3.00
CA LEU C 62 4.86 -30.38 3.18
C LEU C 62 5.43 -31.18 4.35
N ALA C 63 4.70 -31.21 5.45
CA ALA C 63 5.16 -31.86 6.68
C ALA C 63 5.37 -33.36 6.49
N ALA C 64 4.40 -34.03 5.88
CA ALA C 64 4.46 -35.47 5.69
C ALA C 64 5.56 -35.85 4.70
N VAL C 65 5.77 -34.99 3.70
CA VAL C 65 6.77 -35.25 2.68
C VAL C 65 8.17 -34.97 3.20
N ARG C 66 8.33 -33.86 3.92
CA ARG C 66 9.63 -33.52 4.48
C ARG C 66 10.08 -34.52 5.55
N GLU C 67 9.14 -34.98 6.36
CA GLU C 67 9.47 -35.92 7.43
C GLU C 67 9.97 -37.25 6.89
N ALA C 68 9.45 -37.64 5.72
CA ALA C 68 9.83 -38.91 5.13
C ALA C 68 11.09 -38.82 4.28
N LEU C 69 11.20 -37.75 3.48
CA LEU C 69 12.27 -37.65 2.50
C LEU C 69 13.51 -36.94 3.03
N VAL C 70 13.37 -36.19 4.11
CA VAL C 70 14.50 -35.49 4.71
C VAL C 70 14.87 -36.06 6.08
N THR C 71 13.93 -35.96 7.02
CA THR C 71 14.14 -36.45 8.37
C THR C 71 14.49 -37.93 8.38
N HIS C 72 13.73 -38.73 7.64
CA HIS C 72 14.04 -40.15 7.47
C HIS C 72 14.60 -40.41 6.07
N GLY C 73 15.41 -39.47 5.59
CA GLY C 73 15.93 -39.50 4.24
C GLY C 73 16.71 -40.77 3.87
N GLU C 74 17.49 -41.28 4.82
CA GLU C 74 18.32 -42.45 4.58
C GLU C 74 17.49 -43.70 4.34
N ASP C 75 16.30 -43.75 4.95
CA ASP C 75 15.49 -44.96 4.92
C ASP C 75 14.41 -44.93 3.82
N THR C 76 14.30 -43.79 3.14
CA THR C 76 13.25 -43.63 2.13
C THR C 76 13.79 -43.32 0.74
N ALA C 77 15.11 -43.29 0.61
CA ALA C 77 15.73 -42.93 -0.66
C ALA C 77 15.91 -44.14 -1.59
N ASP C 78 15.01 -45.10 -1.51
CA ASP C 78 15.08 -46.28 -2.36
C ASP C 78 13.90 -46.31 -3.33
N ARG C 79 14.05 -47.04 -4.44
CA ARG C 79 12.99 -47.15 -5.43
C ARG C 79 12.46 -48.57 -5.51
N PRO C 80 11.15 -48.72 -5.79
CA PRO C 80 10.57 -50.04 -5.98
C PRO C 80 11.24 -50.79 -7.13
N PRO C 81 11.43 -52.10 -6.98
CA PRO C 81 12.07 -52.91 -8.02
C PRO C 81 11.24 -52.94 -9.31
N VAL C 82 11.90 -52.74 -10.44
CA VAL C 82 11.23 -52.82 -11.74
C VAL C 82 11.86 -53.94 -12.56
N PRO C 83 11.33 -55.16 -12.42
CA PRO C 83 11.89 -56.38 -13.01
C PRO C 83 11.99 -56.35 -14.54
N ILE C 84 11.15 -55.58 -15.21
CA ILE C 84 11.12 -55.58 -16.67
C ILE C 84 12.27 -54.79 -17.28
N THR C 85 13.03 -54.08 -16.44
CA THR C 85 14.16 -53.30 -16.93
C THR C 85 15.31 -54.19 -17.38
N GLN C 86 15.21 -55.48 -17.06
CA GLN C 86 16.24 -56.44 -17.47
C GLN C 86 16.30 -56.59 -18.98
N ILE C 87 15.19 -56.28 -19.64
CA ILE C 87 15.13 -56.33 -21.10
C ILE C 87 16.00 -55.24 -21.72
N LEU C 88 16.01 -54.06 -21.08
CA LEU C 88 16.78 -52.93 -21.57
C LEU C 88 18.27 -53.14 -21.41
N GLY C 89 18.66 -53.77 -20.30
CA GLY C 89 20.05 -54.04 -20.02
C GLY C 89 20.46 -53.68 -18.60
N PHE C 90 19.46 -53.55 -17.73
CA PHE C 90 19.70 -53.23 -16.33
C PHE C 90 20.29 -54.42 -15.58
N GLY C 91 21.38 -54.19 -14.86
CA GLY C 91 22.02 -55.23 -14.08
C GLY C 91 22.35 -54.73 -12.69
N PRO C 92 23.10 -55.53 -11.92
CA PRO C 92 23.43 -55.18 -10.53
C PRO C 92 24.24 -53.89 -10.42
N ARG C 93 25.28 -53.74 -11.23
CA ARG C 93 26.11 -52.55 -11.20
C ARG C 93 25.73 -51.55 -12.29
N SER C 94 24.78 -51.93 -13.15
CA SER C 94 24.31 -51.04 -14.20
C SER C 94 22.82 -50.75 -14.07
N GLN C 95 22.46 -49.92 -13.10
CA GLN C 95 21.07 -49.60 -12.83
C GLN C 95 20.69 -48.18 -13.25
N GLY C 96 21.69 -47.42 -13.68
CA GLY C 96 21.48 -46.02 -14.03
C GLY C 96 21.42 -45.14 -12.80
N VAL C 97 20.55 -44.14 -12.84
CA VAL C 97 20.38 -43.23 -11.72
C VAL C 97 18.93 -43.19 -11.26
N PHE C 98 18.03 -43.04 -12.23
CA PHE C 98 16.62 -42.80 -11.97
C PHE C 98 15.95 -43.95 -11.21
N LEU C 99 16.04 -45.15 -11.75
CA LEU C 99 15.37 -46.31 -11.16
C LEU C 99 16.31 -47.14 -10.29
N ALA C 100 17.55 -46.69 -10.15
CA ALA C 100 18.55 -47.43 -9.38
C ALA C 100 18.11 -47.62 -7.94
N ARG C 101 18.37 -48.80 -7.39
CA ARG C 101 18.08 -49.07 -5.99
C ARG C 101 19.01 -48.24 -5.11
N TYR C 102 18.62 -48.03 -3.86
CA TYR C 102 19.48 -47.29 -2.94
C TYR C 102 20.72 -48.13 -2.62
N GLY C 103 21.89 -47.55 -2.85
CA GLY C 103 23.14 -48.25 -2.65
C GLY C 103 24.31 -47.53 -3.30
N PRO C 104 25.46 -48.23 -3.41
CA PRO C 104 26.67 -47.63 -4.01
C PRO C 104 26.52 -47.36 -5.51
N ALA C 105 25.85 -48.26 -6.23
CA ALA C 105 25.66 -48.09 -7.66
C ALA C 105 24.90 -46.80 -7.97
N TRP C 106 23.85 -46.54 -7.20
CA TRP C 106 23.09 -45.31 -7.36
C TRP C 106 23.92 -44.10 -6.93
N ARG C 107 24.58 -44.22 -5.79
CA ARG C 107 25.32 -43.10 -5.20
C ARG C 107 26.48 -42.65 -6.07
N GLU C 108 27.18 -43.61 -6.68
CA GLU C 108 28.34 -43.29 -7.50
C GLU C 108 27.91 -42.53 -8.76
N GLN C 109 26.83 -42.98 -9.39
CA GLN C 109 26.32 -42.32 -10.57
C GLN C 109 25.66 -40.99 -10.22
N ARG C 110 25.03 -40.96 -9.04
CA ARG C 110 24.45 -39.74 -8.52
C ARG C 110 25.51 -38.65 -8.35
N ARG C 111 26.56 -38.97 -7.61
CA ARG C 111 27.65 -38.03 -7.34
C ARG C 111 28.36 -37.60 -8.62
N PHE C 112 28.51 -38.53 -9.55
CA PHE C 112 29.21 -38.26 -10.81
C PHE C 112 28.44 -37.27 -11.67
N SER C 113 27.16 -37.56 -11.90
CA SER C 113 26.31 -36.71 -12.73
C SER C 113 26.18 -35.30 -12.16
N VAL C 114 26.04 -35.22 -10.83
CA VAL C 114 25.92 -33.93 -10.17
C VAL C 114 27.17 -33.07 -10.34
N SER C 115 28.33 -33.64 -10.02
CA SER C 115 29.58 -32.89 -10.07
C SER C 115 30.02 -32.59 -11.50
N THR C 116 29.68 -33.48 -12.43
CA THR C 116 30.06 -33.29 -13.84
C THR C 116 29.34 -32.09 -14.43
N LEU C 117 28.04 -31.96 -14.15
CA LEU C 117 27.28 -30.80 -14.58
C LEU C 117 27.88 -29.52 -14.02
N ARG C 118 28.23 -29.56 -12.73
CA ARG C 118 28.87 -28.43 -12.07
C ARG C 118 30.21 -28.09 -12.71
N ASN C 119 31.03 -29.13 -12.92
CA ASN C 119 32.37 -28.95 -13.48
C ASN C 119 32.35 -28.44 -14.92
N LEU C 120 31.36 -28.89 -15.70
CA LEU C 120 31.25 -28.46 -17.09
C LEU C 120 30.91 -26.99 -17.20
N GLY C 121 30.27 -26.44 -16.16
CA GLY C 121 29.96 -25.03 -16.12
C GLY C 121 31.16 -24.18 -15.74
N GLU C 128 26.22 -22.19 -19.65
CA GLU C 128 25.24 -21.43 -20.43
C GLU C 128 25.66 -21.29 -21.88
N GLN C 129 26.89 -21.74 -22.16
CA GLN C 129 27.44 -21.63 -23.50
C GLN C 129 26.51 -22.27 -24.51
N TRP C 130 25.99 -23.44 -24.16
CA TRP C 130 25.15 -24.21 -25.05
C TRP C 130 23.68 -23.78 -24.99
N VAL C 131 23.29 -23.19 -23.86
CA VAL C 131 21.90 -22.85 -23.62
C VAL C 131 21.47 -21.55 -24.29
N THR C 132 22.29 -20.51 -24.16
CA THR C 132 22.00 -19.23 -24.79
C THR C 132 22.04 -19.34 -26.31
N GLU C 133 22.89 -20.22 -26.82
CA GLU C 133 22.94 -20.49 -28.26
C GLU C 133 21.66 -21.17 -28.72
N GLU C 134 21.22 -22.16 -27.95
CA GLU C 134 20.02 -22.90 -28.31
C GLU C 134 18.79 -22.00 -28.20
N ALA C 135 18.85 -21.04 -27.29
CA ALA C 135 17.78 -20.05 -27.14
C ALA C 135 17.66 -19.19 -28.39
N ALA C 136 18.81 -18.74 -28.89
CA ALA C 136 18.88 -18.00 -30.13
C ALA C 136 18.32 -18.83 -31.29
N CYS C 137 18.72 -20.10 -31.34
CA CYS C 137 18.23 -21.02 -32.36
C CYS C 137 16.71 -21.18 -32.26
N LEU C 138 16.21 -21.19 -31.03
CA LEU C 138 14.79 -21.36 -30.78
C LEU C 138 14.00 -20.14 -31.26
N CYS C 139 14.51 -18.95 -30.96
CA CYS C 139 13.89 -17.70 -31.41
C CYS C 139 13.81 -17.67 -32.93
N ALA C 140 14.87 -18.16 -33.58
CA ALA C 140 14.93 -18.17 -35.04
C ALA C 140 13.87 -19.09 -35.62
N ALA C 141 13.64 -20.22 -34.97
CA ALA C 141 12.63 -21.18 -35.43
C ALA C 141 11.24 -20.60 -35.25
N PHE C 142 11.04 -19.87 -34.16
CA PHE C 142 9.77 -19.20 -33.87
C PHE C 142 9.48 -18.13 -34.91
N ALA C 143 10.51 -17.39 -35.31
CA ALA C 143 10.36 -16.32 -36.27
C ALA C 143 9.90 -16.82 -37.64
N ASN C 144 10.25 -18.07 -37.97
CA ASN C 144 9.87 -18.66 -39.25
C ASN C 144 8.39 -19.04 -39.30
N HIS C 145 7.74 -19.06 -38.15
CA HIS C 145 6.30 -19.32 -38.08
C HIS C 145 5.51 -18.02 -38.05
N SER C 146 6.10 -16.96 -38.59
CA SER C 146 5.49 -15.63 -38.56
C SER C 146 4.22 -15.56 -39.41
N GLY C 147 3.21 -14.89 -38.89
CA GLY C 147 1.97 -14.67 -39.62
C GLY C 147 0.92 -15.74 -39.39
N ARG C 148 1.35 -16.93 -39.01
CA ARG C 148 0.44 -18.06 -38.83
C ARG C 148 0.59 -18.72 -37.46
N PRO C 149 -0.55 -18.99 -36.80
CA PRO C 149 -0.55 -19.69 -35.50
C PRO C 149 0.09 -21.07 -35.57
N PHE C 150 0.60 -21.56 -34.45
CA PHE C 150 1.27 -22.86 -34.40
C PHE C 150 1.37 -23.40 -32.98
N ARG C 151 1.51 -24.72 -32.87
CA ARG C 151 1.78 -25.35 -31.57
C ARG C 151 3.28 -25.28 -31.29
N PRO C 152 3.66 -24.65 -30.17
CA PRO C 152 5.06 -24.45 -29.81
C PRO C 152 5.71 -25.69 -29.20
N ASN C 153 4.92 -26.73 -28.96
CA ASN C 153 5.38 -27.93 -28.29
C ASN C 153 6.58 -28.59 -28.96
N GLY C 154 6.46 -28.87 -30.26
CA GLY C 154 7.50 -29.53 -31.01
C GLY C 154 8.82 -28.78 -30.99
N LEU C 155 8.76 -27.47 -31.16
CA LEU C 155 9.96 -26.64 -31.17
C LEU C 155 10.61 -26.57 -29.80
N LEU C 156 9.79 -26.56 -28.76
CA LEU C 156 10.28 -26.50 -27.39
C LEU C 156 11.00 -27.79 -27.01
N ASP C 157 10.51 -28.91 -27.52
CA ASP C 157 11.16 -30.20 -27.28
C ASP C 157 12.57 -30.23 -27.86
N LYS C 158 12.71 -29.81 -29.12
CA LYS C 158 13.98 -29.85 -29.82
C LYS C 158 15.03 -28.97 -29.13
N ALA C 159 14.60 -27.81 -28.66
CA ALA C 159 15.51 -26.86 -28.03
C ALA C 159 15.99 -27.37 -26.68
N VAL C 160 15.08 -28.03 -25.95
CA VAL C 160 15.40 -28.59 -24.65
C VAL C 160 16.24 -29.85 -24.81
N SER C 161 15.94 -30.63 -25.85
CA SER C 161 16.69 -31.86 -26.13
C SER C 161 18.12 -31.58 -26.55
N ASN C 162 18.34 -30.42 -27.17
CA ASN C 162 19.68 -30.08 -27.62
C ASN C 162 20.55 -29.57 -26.47
N VAL C 163 19.91 -29.05 -25.43
CA VAL C 163 20.65 -28.60 -24.26
C VAL C 163 21.29 -29.78 -23.56
N ILE C 164 20.49 -30.80 -23.26
CA ILE C 164 20.99 -31.97 -22.56
C ILE C 164 21.91 -32.78 -23.49
N ALA C 165 21.67 -32.71 -24.79
CA ALA C 165 22.54 -33.38 -25.76
C ALA C 165 23.93 -32.75 -25.75
N SER C 166 23.95 -31.44 -25.51
CA SER C 166 25.21 -30.68 -25.51
C SER C 166 26.05 -31.00 -24.29
N LEU C 167 25.40 -31.42 -23.21
CA LEU C 167 26.12 -31.76 -21.99
C LEU C 167 26.44 -33.25 -21.94
N THR C 168 25.56 -34.07 -22.52
CA THR C 168 25.84 -35.50 -22.60
C THR C 168 26.82 -35.84 -23.71
N CYS C 169 26.53 -35.40 -24.93
CA CYS C 169 27.32 -35.80 -26.10
C CYS C 169 28.14 -34.68 -26.74
N GLY C 170 28.02 -33.48 -26.20
CA GLY C 170 28.81 -32.35 -26.69
C GLY C 170 28.43 -31.90 -28.09
N ARG C 171 27.16 -32.03 -28.44
CA ARG C 171 26.68 -31.62 -29.76
C ARG C 171 25.21 -31.25 -29.74
N ARG C 172 24.79 -30.47 -30.74
CA ARG C 172 23.38 -30.22 -30.96
C ARG C 172 22.97 -30.79 -32.31
N PHE C 173 21.67 -30.86 -32.56
CA PHE C 173 21.15 -31.34 -33.83
C PHE C 173 20.33 -30.26 -34.52
N GLU C 174 20.43 -30.18 -35.85
CA GLU C 174 19.55 -29.31 -36.61
C GLU C 174 18.11 -29.75 -36.38
N TYR C 175 17.18 -28.79 -36.41
CA TYR C 175 15.78 -29.09 -36.09
C TYR C 175 15.12 -29.99 -37.13
N ASP C 176 15.73 -30.09 -38.30
CA ASP C 176 15.17 -30.91 -39.38
C ASP C 176 15.94 -32.23 -39.55
N ASP C 177 16.79 -32.55 -38.57
CA ASP C 177 17.61 -33.75 -38.60
C ASP C 177 16.76 -35.01 -38.42
N PRO C 178 16.80 -35.92 -39.41
CA PRO C 178 16.00 -37.16 -39.43
C PRO C 178 16.21 -38.02 -38.19
N ARG C 179 17.46 -38.27 -37.81
CA ARG C 179 17.75 -39.07 -36.63
C ARG C 179 17.26 -38.38 -35.37
N PHE C 180 17.45 -37.07 -35.32
CA PHE C 180 17.01 -36.27 -34.18
C PHE C 180 15.50 -36.34 -34.03
N LEU C 181 14.78 -36.19 -35.14
CA LEU C 181 13.32 -36.30 -35.14
C LEU C 181 12.88 -37.70 -34.68
N ARG C 182 13.57 -38.72 -35.15
CA ARG C 182 13.24 -40.09 -34.77
C ARG C 182 13.55 -40.35 -33.30
N LEU C 183 14.65 -39.75 -32.83
CA LEU C 183 15.06 -39.89 -31.44
C LEU C 183 14.00 -39.30 -30.51
N LEU C 184 13.51 -38.11 -30.85
CA LEU C 184 12.52 -37.42 -30.04
C LEU C 184 11.16 -38.11 -30.13
N ASP C 185 10.82 -38.59 -31.32
CA ASP C 185 9.55 -39.28 -31.52
C ASP C 185 9.49 -40.56 -30.70
N LEU C 186 10.59 -41.30 -30.67
CA LEU C 186 10.67 -42.54 -29.91
C LEU C 186 10.64 -42.26 -28.41
N ALA C 187 11.08 -41.07 -28.01
CA ALA C 187 11.12 -40.70 -26.61
C ALA C 187 9.72 -40.49 -26.04
N GLN C 188 8.84 -39.84 -26.80
CA GLN C 188 7.48 -39.60 -26.35
C GLN C 188 6.64 -40.88 -26.42
N GLU C 189 6.97 -41.75 -27.36
CA GLU C 189 6.30 -43.04 -27.44
C GLU C 189 6.71 -43.93 -26.28
N GLY C 190 7.95 -43.79 -25.84
CA GLY C 190 8.48 -44.56 -24.74
C GLY C 190 7.91 -44.13 -23.40
N LEU C 191 7.51 -42.86 -23.32
CA LEU C 191 6.91 -42.33 -22.11
C LEU C 191 5.53 -42.96 -21.88
N LYS C 192 4.81 -43.19 -22.98
CA LYS C 192 3.49 -43.79 -22.92
C LYS C 192 3.56 -45.24 -22.43
N GLU C 193 4.64 -45.93 -22.79
CA GLU C 193 4.81 -47.32 -22.41
C GLU C 193 5.13 -47.48 -20.93
N GLU C 194 5.60 -46.41 -20.30
CA GLU C 194 5.93 -46.45 -18.88
C GLU C 194 4.66 -46.37 -18.03
N SER C 195 3.57 -45.92 -18.65
CA SER C 195 2.28 -45.87 -17.98
C SER C 195 1.30 -46.81 -18.67
N GLY C 196 1.40 -48.09 -18.37
CA GLY C 196 0.54 -49.10 -18.98
C GLY C 196 0.17 -50.23 -18.06
N PHE C 197 -0.96 -50.88 -18.35
CA PHE C 197 -1.41 -52.02 -17.59
C PHE C 197 -0.47 -53.21 -17.77
N LEU C 198 0.12 -53.30 -18.96
CA LEU C 198 1.03 -54.39 -19.29
C LEU C 198 2.32 -54.31 -18.46
N ARG C 199 2.71 -53.10 -18.09
CA ARG C 199 3.94 -52.90 -17.32
C ARG C 199 3.78 -53.39 -15.89
N GLU C 200 2.56 -53.27 -15.35
CA GLU C 200 2.32 -53.62 -13.95
C GLU C 200 2.17 -55.13 -13.74
N VAL C 201 1.53 -55.81 -14.68
CA VAL C 201 1.35 -57.25 -14.58
C VAL C 201 2.70 -57.96 -14.75
N LEU C 202 3.57 -57.38 -15.58
CA LEU C 202 4.91 -57.92 -15.78
C LEU C 202 5.78 -57.59 -14.56
N ASN C 203 5.43 -56.52 -13.86
CA ASN C 203 6.11 -56.16 -12.62
C ASN C 203 5.71 -57.10 -11.48
N ALA C 204 4.53 -57.69 -11.61
CA ALA C 204 4.03 -58.63 -10.61
C ALA C 204 4.88 -59.89 -10.57
N VAL C 205 5.14 -60.47 -11.74
CA VAL C 205 5.95 -61.68 -11.83
C VAL C 205 6.83 -61.67 -13.08
N PRO C 206 8.15 -61.86 -12.89
CA PRO C 206 9.16 -61.82 -13.95
C PRO C 206 9.13 -63.01 -14.91
N VAL C 207 8.40 -64.07 -14.57
CA VAL C 207 8.42 -65.27 -15.40
C VAL C 207 7.59 -65.08 -16.67
N LEU C 208 6.77 -64.02 -16.70
CA LEU C 208 6.01 -63.69 -17.89
C LEU C 208 6.93 -63.08 -18.94
N LEU C 209 8.08 -62.59 -18.48
CA LEU C 209 9.08 -62.01 -19.37
C LEU C 209 9.86 -63.10 -20.11
N HIS C 210 9.77 -64.33 -19.60
CA HIS C 210 10.38 -65.48 -20.28
C HIS C 210 9.63 -65.78 -21.57
N ILE C 211 8.38 -65.32 -21.64
CA ILE C 211 7.58 -65.43 -22.86
C ILE C 211 8.05 -64.40 -23.88
N PRO C 212 8.59 -64.87 -25.01
CA PRO C 212 9.18 -64.00 -26.04
C PRO C 212 8.18 -63.03 -26.65
N ALA C 213 6.92 -63.43 -26.71
CA ALA C 213 5.88 -62.60 -27.34
C ALA C 213 5.50 -61.40 -26.46
N LEU C 214 5.58 -61.59 -25.14
CA LEU C 214 5.24 -60.52 -24.20
C LEU C 214 6.35 -59.49 -24.08
N ALA C 215 7.53 -59.95 -23.67
CA ALA C 215 8.67 -59.07 -23.39
C ALA C 215 9.07 -58.20 -24.59
N GLY C 216 8.79 -58.68 -25.79
CA GLY C 216 9.17 -57.98 -27.00
C GLY C 216 8.35 -56.74 -27.29
N LYS C 217 7.03 -56.89 -27.29
CA LYS C 217 6.13 -55.81 -27.70
C LYS C 217 5.88 -54.77 -26.61
N VAL C 218 6.03 -55.17 -25.35
CA VAL C 218 5.70 -54.29 -24.24
C VAL C 218 6.63 -53.09 -24.12
N LEU C 219 7.85 -53.24 -24.63
CA LEU C 219 8.83 -52.16 -24.56
C LEU C 219 9.53 -51.96 -25.90
N ARG C 220 8.78 -52.05 -26.99
CA ARG C 220 9.36 -52.01 -28.32
C ARG C 220 9.76 -50.59 -28.73
N PHE C 221 9.16 -49.59 -28.10
CA PHE C 221 9.52 -48.20 -28.35
C PHE C 221 10.70 -47.78 -27.48
N GLN C 222 10.82 -48.40 -26.32
CA GLN C 222 11.91 -48.10 -25.41
C GLN C 222 13.21 -48.76 -25.86
N LYS C 223 13.09 -49.95 -26.46
CA LYS C 223 14.26 -50.62 -27.03
C LYS C 223 14.72 -49.88 -28.28
N ALA C 224 13.75 -49.34 -29.02
CA ALA C 224 14.05 -48.58 -30.22
C ALA C 224 14.83 -47.32 -29.87
N PHE C 225 14.46 -46.69 -28.75
CA PHE C 225 15.12 -45.48 -28.30
C PHE C 225 16.57 -45.76 -27.92
N LEU C 226 16.78 -46.86 -27.19
CA LEU C 226 18.14 -47.25 -26.78
C LEU C 226 19.00 -47.63 -27.98
N THR C 227 18.39 -48.32 -28.94
CA THR C 227 19.10 -48.71 -30.16
C THR C 227 19.58 -47.47 -30.90
N GLN C 228 18.69 -46.50 -31.08
CA GLN C 228 19.02 -45.23 -31.71
C GLN C 228 20.08 -44.48 -30.90
N LEU C 229 20.01 -44.63 -29.58
CA LEU C 229 20.94 -43.96 -28.69
C LEU C 229 22.32 -44.62 -28.69
N ASP C 230 22.33 -45.94 -28.84
CA ASP C 230 23.59 -46.69 -28.91
C ASP C 230 24.39 -46.26 -30.13
N GLU C 231 23.67 -46.03 -31.24
CA GLU C 231 24.29 -45.59 -32.49
C GLU C 231 25.01 -44.25 -32.32
N LEU C 232 24.35 -43.31 -31.64
CA LEU C 232 24.92 -41.99 -31.42
C LEU C 232 26.13 -42.05 -30.49
N LEU C 233 26.06 -42.90 -29.48
CA LEU C 233 27.16 -43.07 -28.53
C LEU C 233 28.34 -43.76 -29.19
N THR C 234 28.06 -44.70 -30.09
CA THR C 234 29.11 -45.39 -30.83
C THR C 234 29.90 -44.40 -31.69
N GLU C 235 29.18 -43.49 -32.35
CA GLU C 235 29.83 -42.45 -33.16
C GLU C 235 30.63 -41.49 -32.28
N HIS C 236 30.13 -41.23 -31.08
CA HIS C 236 30.76 -40.29 -30.16
C HIS C 236 32.06 -40.85 -29.57
N ARG C 237 32.11 -42.17 -29.37
CA ARG C 237 33.29 -42.81 -28.81
C ARG C 237 34.47 -42.71 -29.78
N MET C 238 34.15 -42.63 -31.07
CA MET C 238 35.17 -42.52 -32.10
C MET C 238 35.82 -41.13 -32.12
N THR C 239 35.01 -40.10 -31.86
CA THR C 239 35.48 -38.73 -31.95
C THR C 239 36.14 -38.23 -30.66
N TRP C 240 36.03 -39.04 -29.61
CA TRP C 240 36.57 -38.69 -28.30
C TRP C 240 38.10 -38.59 -28.32
N ASP C 241 38.62 -37.49 -27.79
CA ASP C 241 40.07 -37.30 -27.65
C ASP C 241 40.47 -37.35 -26.18
N PRO C 242 40.98 -38.50 -25.72
CA PRO C 242 41.38 -38.70 -24.32
C PRO C 242 42.56 -37.82 -23.90
N ALA C 243 43.26 -37.24 -24.87
CA ALA C 243 44.41 -36.40 -24.58
C ALA C 243 43.97 -35.04 -24.04
N GLN C 244 42.71 -34.70 -24.25
CA GLN C 244 42.16 -33.42 -23.78
C GLN C 244 41.15 -33.67 -22.67
N PRO C 245 40.94 -32.65 -21.81
CA PRO C 245 39.92 -32.74 -20.77
C PRO C 245 38.53 -33.02 -21.36
N PRO C 246 37.71 -33.82 -20.66
CA PRO C 246 36.34 -34.10 -21.11
C PRO C 246 35.56 -32.83 -21.39
N ARG C 247 34.87 -32.79 -22.52
CA ARG C 247 34.10 -31.61 -22.90
C ARG C 247 32.60 -31.89 -22.83
N ASP C 248 32.26 -33.03 -22.25
CA ASP C 248 30.86 -33.42 -22.01
C ASP C 248 30.79 -34.60 -21.03
N LEU C 249 29.59 -34.94 -20.60
CA LEU C 249 29.39 -35.94 -19.56
C LEU C 249 29.75 -37.35 -20.00
N THR C 250 29.57 -37.66 -21.27
CA THR C 250 29.89 -38.99 -21.79
C THR C 250 31.41 -39.22 -21.81
N GLU C 251 32.16 -38.21 -22.22
CA GLU C 251 33.62 -38.31 -22.25
C GLU C 251 34.17 -38.47 -20.84
N ALA C 252 33.60 -37.74 -19.89
CA ALA C 252 33.98 -37.87 -18.49
C ALA C 252 33.70 -39.28 -17.99
N PHE C 253 32.56 -39.82 -18.39
CA PHE C 253 32.16 -41.17 -18.04
C PHE C 253 33.14 -42.18 -18.60
N LEU C 254 33.59 -41.95 -19.84
CA LEU C 254 34.51 -42.84 -20.51
C LEU C 254 35.90 -42.81 -19.87
N ALA C 255 36.31 -41.63 -19.41
CA ALA C 255 37.60 -41.47 -18.76
C ALA C 255 37.64 -42.24 -17.44
N GLU C 256 36.55 -42.18 -16.69
CA GLU C 256 36.45 -42.95 -15.45
C GLU C 256 36.38 -44.44 -15.75
N MET C 257 35.79 -44.77 -16.89
CA MET C 257 35.61 -46.16 -17.28
C MET C 257 36.96 -46.85 -17.52
N GLU C 258 37.92 -46.10 -18.08
CA GLU C 258 39.27 -46.61 -18.29
C GLU C 258 39.97 -46.86 -16.96
N LYS C 259 39.78 -45.94 -16.03
CA LYS C 259 40.38 -46.04 -14.71
C LYS C 259 39.78 -47.20 -13.90
N ALA C 260 38.58 -47.60 -14.27
CA ALA C 260 37.85 -48.62 -13.53
C ALA C 260 37.95 -49.99 -14.18
N LYS C 261 38.83 -50.13 -15.17
CA LYS C 261 39.05 -51.42 -15.81
C LYS C 261 39.75 -52.37 -14.83
N GLY C 262 39.10 -53.51 -14.57
CA GLY C 262 39.61 -54.47 -13.60
C GLY C 262 38.89 -54.36 -12.27
N ASN C 263 37.88 -53.48 -12.22
CA ASN C 263 37.15 -53.21 -10.99
C ASN C 263 35.67 -53.56 -11.10
N PRO C 264 35.30 -54.74 -10.62
CA PRO C 264 33.92 -55.23 -10.69
C PRO C 264 32.96 -54.46 -9.78
N GLU C 265 33.50 -53.68 -8.84
CA GLU C 265 32.67 -52.92 -7.90
C GLU C 265 32.24 -51.58 -8.48
N SER C 266 32.71 -51.25 -9.67
CA SER C 266 32.44 -49.96 -10.28
C SER C 266 31.18 -49.98 -11.14
N SER C 267 30.47 -48.86 -11.18
CA SER C 267 29.28 -48.74 -12.01
C SER C 267 29.63 -48.06 -13.33
N PHE C 268 30.89 -47.67 -13.48
CA PHE C 268 31.37 -47.08 -14.72
C PHE C 268 31.74 -48.18 -15.73
N ASN C 269 30.72 -48.74 -16.38
CA ASN C 269 30.91 -49.74 -17.42
C ASN C 269 30.01 -49.46 -18.63
N ASP C 270 30.26 -50.15 -19.74
CA ASP C 270 29.53 -49.92 -20.98
C ASP C 270 28.01 -50.05 -20.84
N GLU C 271 27.57 -51.03 -20.05
CA GLU C 271 26.15 -51.30 -19.90
C GLU C 271 25.40 -50.20 -19.15
N ASN C 272 26.12 -49.51 -18.27
CA ASN C 272 25.51 -48.45 -17.46
C ASN C 272 25.56 -47.10 -18.16
N LEU C 273 26.54 -46.93 -19.05
CA LEU C 273 26.70 -45.69 -19.80
C LEU C 273 25.46 -45.37 -20.63
N ARG C 274 24.98 -46.36 -21.37
CA ARG C 274 23.83 -46.18 -22.24
C ARG C 274 22.56 -45.95 -21.42
N ILE C 275 22.55 -46.44 -20.19
CA ILE C 275 21.39 -46.27 -19.32
C ILE C 275 21.39 -44.91 -18.64
N VAL C 276 22.53 -44.53 -18.08
CA VAL C 276 22.68 -43.22 -17.45
C VAL C 276 22.34 -42.10 -18.44
N VAL C 277 22.91 -42.18 -19.64
CA VAL C 277 22.65 -41.20 -20.68
C VAL C 277 21.17 -41.20 -21.06
N ALA C 278 20.58 -42.38 -21.15
CA ALA C 278 19.16 -42.50 -21.47
C ALA C 278 18.30 -41.89 -20.37
N ASP C 279 18.79 -41.99 -19.13
CA ASP C 279 18.09 -41.39 -18.00
C ASP C 279 18.17 -39.86 -18.08
N LEU C 280 19.39 -39.34 -18.18
CA LEU C 280 19.62 -37.90 -18.23
C LEU C 280 18.90 -37.24 -19.39
N PHE C 281 19.04 -37.82 -20.58
CA PHE C 281 18.49 -37.23 -21.79
C PHE C 281 16.96 -37.18 -21.76
N SER C 282 16.33 -38.26 -21.35
CA SER C 282 14.88 -38.36 -21.39
C SER C 282 14.22 -37.58 -20.26
N ALA C 283 14.81 -37.63 -19.07
CA ALA C 283 14.24 -36.97 -17.90
C ALA C 283 14.29 -35.45 -18.03
N GLY C 284 15.38 -34.94 -18.60
CA GLY C 284 15.58 -33.52 -18.72
C GLY C 284 14.97 -32.91 -19.97
N MET C 285 14.16 -33.70 -20.67
CA MET C 285 13.56 -33.27 -21.92
C MET C 285 12.05 -33.11 -21.79
N VAL C 286 11.38 -34.18 -21.39
CA VAL C 286 9.93 -34.19 -21.29
C VAL C 286 9.43 -33.28 -20.16
N THR C 287 10.31 -33.00 -19.20
CA THR C 287 9.93 -32.17 -18.05
C THR C 287 10.14 -30.69 -18.33
N THR C 288 11.33 -30.33 -18.78
CA THR C 288 11.67 -28.93 -19.01
C THR C 288 10.82 -28.30 -20.11
N SER C 289 10.55 -29.08 -21.16
CA SER C 289 9.80 -28.55 -22.29
C SER C 289 8.33 -28.39 -21.94
N THR C 290 7.77 -29.37 -21.22
CA THR C 290 6.37 -29.31 -20.80
C THR C 290 6.14 -28.12 -19.88
N THR C 291 7.11 -27.83 -19.01
CA THR C 291 7.05 -26.64 -18.18
C THR C 291 7.00 -25.39 -19.06
N LEU C 292 7.90 -25.32 -20.04
CA LEU C 292 7.95 -24.20 -20.97
C LEU C 292 6.67 -24.11 -21.80
N ALA C 293 6.05 -25.25 -22.07
CA ALA C 293 4.79 -25.28 -22.80
C ALA C 293 3.65 -24.76 -21.92
N TRP C 294 3.81 -24.90 -20.61
CA TRP C 294 2.87 -24.33 -19.65
C TRP C 294 3.09 -22.83 -19.56
N GLY C 295 4.35 -22.42 -19.62
CA GLY C 295 4.71 -21.02 -19.51
C GLY C 295 4.09 -20.17 -20.61
N LEU C 296 4.25 -20.59 -21.86
CA LEU C 296 3.74 -19.82 -22.98
C LEU C 296 2.21 -19.82 -22.99
N LEU C 297 1.62 -20.93 -22.56
CA LEU C 297 0.16 -21.02 -22.49
C LEU C 297 -0.40 -20.04 -21.47
N LEU C 298 0.28 -19.90 -20.35
CA LEU C 298 -0.16 -18.99 -19.31
C LEU C 298 0.08 -17.54 -19.70
N MET C 299 1.04 -17.32 -20.59
CA MET C 299 1.37 -15.97 -21.02
C MET C 299 0.37 -15.44 -22.04
N ILE C 300 -0.37 -16.34 -22.68
CA ILE C 300 -1.38 -15.91 -23.64
C ILE C 300 -2.75 -15.89 -22.98
N LEU C 301 -2.86 -16.57 -21.84
CA LEU C 301 -4.08 -16.55 -21.04
C LEU C 301 -4.07 -15.36 -20.09
N HIS C 302 -2.88 -14.91 -19.72
CA HIS C 302 -2.72 -13.78 -18.82
C HIS C 302 -1.70 -12.78 -19.37
N PRO C 303 -2.07 -12.06 -20.44
CA PRO C 303 -1.16 -11.17 -21.16
C PRO C 303 -0.70 -9.98 -20.33
N ASP C 304 -1.46 -9.64 -19.29
CA ASP C 304 -1.05 -8.57 -18.38
C ASP C 304 0.23 -8.97 -17.67
N VAL C 305 0.33 -10.24 -17.30
CA VAL C 305 1.52 -10.77 -16.67
C VAL C 305 2.68 -10.75 -17.66
N GLN C 306 2.38 -11.13 -18.90
CA GLN C 306 3.37 -11.16 -19.96
C GLN C 306 3.99 -9.77 -20.18
N ARG C 307 3.15 -8.74 -20.25
CA ARG C 307 3.62 -7.38 -20.46
C ARG C 307 4.49 -6.90 -19.30
N ARG C 308 4.14 -7.30 -18.09
CA ARG C 308 4.92 -6.91 -16.91
C ARG C 308 6.29 -7.56 -16.94
N VAL C 309 6.34 -8.82 -17.37
CA VAL C 309 7.62 -9.52 -17.51
C VAL C 309 8.43 -8.87 -18.63
N GLN C 310 7.75 -8.59 -19.74
CA GLN C 310 8.38 -7.94 -20.88
C GLN C 310 8.84 -6.53 -20.53
N GLN C 311 8.16 -5.89 -19.58
CA GLN C 311 8.56 -4.58 -19.11
C GLN C 311 9.84 -4.70 -18.26
N GLU C 312 9.90 -5.72 -17.41
CA GLU C 312 11.05 -5.91 -16.54
C GLU C 312 12.28 -6.33 -17.33
N ILE C 313 12.07 -7.02 -18.44
CA ILE C 313 13.17 -7.41 -19.31
C ILE C 313 13.83 -6.19 -19.95
N ASP C 314 13.00 -5.24 -20.37
CA ASP C 314 13.49 -4.01 -21.01
C ASP C 314 14.27 -3.16 -20.02
N ASP C 315 13.80 -3.09 -18.78
CA ASP C 315 14.40 -2.24 -17.76
C ASP C 315 15.74 -2.76 -17.28
N VAL C 316 15.96 -4.06 -17.43
CA VAL C 316 17.16 -4.71 -16.90
C VAL C 316 18.12 -5.15 -17.98
N ILE C 317 17.57 -5.70 -19.06
CA ILE C 317 18.39 -6.28 -20.12
C ILE C 317 18.31 -5.49 -21.42
N GLY C 318 17.10 -5.12 -21.82
CA GLY C 318 16.88 -4.45 -23.09
C GLY C 318 16.54 -5.44 -24.18
N GLN C 319 16.36 -4.97 -25.41
CA GLN C 319 15.99 -5.85 -26.51
C GLN C 319 17.16 -6.07 -27.47
N VAL C 320 18.37 -5.71 -27.03
CA VAL C 320 19.55 -5.87 -27.88
C VAL C 320 20.49 -6.96 -27.33
N ARG C 321 20.61 -7.01 -26.01
CA ARG C 321 21.54 -7.91 -25.35
C ARG C 321 20.88 -9.23 -24.93
N ARG C 322 21.60 -10.34 -25.10
CA ARG C 322 21.11 -11.66 -24.69
C ARG C 322 21.02 -11.76 -23.17
N PRO C 323 19.98 -12.45 -22.67
CA PRO C 323 19.77 -12.62 -21.23
C PRO C 323 20.86 -13.47 -20.59
N GLU C 324 21.28 -13.10 -19.38
CA GLU C 324 22.28 -13.86 -18.64
C GLU C 324 21.73 -14.25 -17.27
N MET C 325 22.34 -15.23 -16.63
CA MET C 325 21.87 -15.72 -15.34
C MET C 325 22.10 -14.69 -14.23
N GLY C 326 23.01 -13.75 -14.47
CA GLY C 326 23.26 -12.69 -13.50
C GLY C 326 22.10 -11.73 -13.41
N ASP C 327 21.28 -11.70 -14.46
CA ASP C 327 20.12 -10.82 -14.52
C ASP C 327 18.98 -11.29 -13.63
N GLN C 328 18.93 -12.59 -13.35
CA GLN C 328 17.84 -13.17 -12.57
C GLN C 328 17.80 -12.59 -11.16
N ALA C 329 18.95 -12.18 -10.64
CA ALA C 329 19.04 -11.60 -9.31
C ALA C 329 18.41 -10.21 -9.27
N HIS C 330 18.19 -9.61 -10.43
CA HIS C 330 17.61 -8.28 -10.51
C HIS C 330 16.26 -8.29 -11.22
N MET C 331 15.72 -9.49 -11.42
CA MET C 331 14.40 -9.63 -12.06
C MET C 331 13.47 -10.49 -11.21
N PRO C 332 13.03 -9.96 -10.06
CA PRO C 332 12.23 -10.73 -9.11
C PRO C 332 10.85 -11.14 -9.65
N TYR C 333 10.22 -10.27 -10.44
CA TYR C 333 8.90 -10.58 -10.97
C TYR C 333 8.96 -11.73 -11.97
N THR C 334 9.95 -11.68 -12.86
CA THR C 334 10.14 -12.74 -13.84
C THR C 334 10.40 -14.06 -13.13
N THR C 335 11.25 -14.02 -12.12
CA THR C 335 11.55 -15.20 -11.32
C THR C 335 10.30 -15.75 -10.65
N ALA C 336 9.42 -14.86 -10.25
CA ALA C 336 8.17 -15.27 -9.59
C ALA C 336 7.22 -15.92 -10.59
N VAL C 337 7.19 -15.40 -11.81
CA VAL C 337 6.31 -15.94 -12.84
C VAL C 337 6.77 -17.33 -13.25
N ILE C 338 8.07 -17.51 -13.41
CA ILE C 338 8.62 -18.81 -13.75
C ILE C 338 8.29 -19.83 -12.67
N HIS C 339 8.49 -19.45 -11.42
CA HIS C 339 8.16 -20.31 -10.29
C HIS C 339 6.66 -20.63 -10.23
N GLU C 340 5.83 -19.64 -10.54
CA GLU C 340 4.39 -19.84 -10.48
C GLU C 340 3.89 -20.69 -11.65
N VAL C 341 4.59 -20.62 -12.78
CA VAL C 341 4.32 -21.51 -13.90
C VAL C 341 4.57 -22.96 -13.46
N GLN C 342 5.68 -23.16 -12.78
CA GLN C 342 6.02 -24.48 -12.25
C GLN C 342 5.01 -24.98 -11.23
N ARG C 343 4.55 -24.08 -10.35
CA ARG C 343 3.61 -24.47 -9.30
C ARG C 343 2.23 -24.76 -9.87
N PHE C 344 1.74 -23.86 -10.73
CA PHE C 344 0.43 -24.05 -11.36
C PHE C 344 0.47 -25.22 -12.33
N GLY C 345 1.54 -25.30 -13.11
CA GLY C 345 1.74 -26.39 -14.05
C GLY C 345 1.67 -27.74 -13.35
N ASP C 346 2.50 -27.90 -12.31
CA ASP C 346 2.48 -29.11 -11.49
C ASP C 346 2.60 -30.35 -12.35
N ILE C 347 3.68 -30.44 -13.11
CA ILE C 347 3.78 -31.43 -14.17
C ILE C 347 4.03 -32.85 -13.66
N VAL C 348 4.55 -32.96 -12.44
CA VAL C 348 4.73 -34.26 -11.81
C VAL C 348 3.95 -34.30 -10.50
N PRO C 349 2.64 -34.50 -10.58
CA PRO C 349 1.74 -34.40 -9.41
C PRO C 349 2.03 -35.43 -8.31
N LEU C 350 2.22 -36.68 -8.68
CA LEU C 350 2.45 -37.74 -7.71
C LEU C 350 3.94 -38.05 -7.57
N GLY C 351 4.77 -37.19 -8.15
CA GLY C 351 6.21 -37.37 -8.11
C GLY C 351 6.67 -38.71 -8.63
N VAL C 352 7.87 -39.11 -8.25
CA VAL C 352 8.37 -40.44 -8.54
C VAL C 352 8.30 -41.27 -7.26
N THR C 353 7.75 -42.47 -7.35
CA THR C 353 7.54 -43.31 -6.18
C THR C 353 8.84 -43.72 -5.51
N HIS C 354 8.87 -43.63 -4.18
CA HIS C 354 10.00 -44.12 -3.40
C HIS C 354 9.66 -45.46 -2.77
N MET C 355 10.55 -45.96 -1.93
CA MET C 355 10.28 -47.14 -1.14
C MET C 355 11.14 -47.13 0.12
N THR C 356 10.59 -47.66 1.21
CA THR C 356 11.30 -47.71 2.48
C THR C 356 12.27 -48.89 2.51
N SER C 357 13.53 -48.60 2.80
CA SER C 357 14.54 -49.66 2.93
C SER C 357 14.67 -50.08 4.40
N ARG C 358 13.93 -49.39 5.26
CA ARG C 358 13.86 -49.70 6.68
C ARG C 358 12.46 -49.43 7.23
N ASP C 359 12.34 -49.48 8.56
CA ASP C 359 11.10 -49.09 9.23
C ASP C 359 11.20 -47.64 9.69
N ILE C 360 10.16 -46.87 9.45
CA ILE C 360 10.15 -45.45 9.83
C ILE C 360 8.86 -45.05 10.54
N GLU C 361 8.82 -43.79 10.98
CA GLU C 361 7.66 -43.25 11.66
C GLU C 361 7.32 -41.87 11.10
N VAL C 362 6.16 -41.76 10.44
CA VAL C 362 5.74 -40.49 9.84
C VAL C 362 4.37 -40.06 10.37
N GLN C 363 4.31 -38.85 10.90
CA GLN C 363 3.07 -38.28 11.44
C GLN C 363 2.42 -39.20 12.47
N GLY C 364 3.24 -39.89 13.25
CA GLY C 364 2.74 -40.77 14.29
C GLY C 364 2.61 -42.22 13.87
N PHE C 365 2.25 -42.44 12.61
CA PHE C 365 2.02 -43.80 12.12
C PHE C 365 3.34 -44.50 11.76
N ARG C 366 3.31 -45.83 11.78
CA ARG C 366 4.48 -46.64 11.47
C ARG C 366 4.44 -47.16 10.03
N ILE C 367 5.56 -47.03 9.32
CA ILE C 367 5.65 -47.51 7.95
C ILE C 367 6.62 -48.69 7.86
N PRO C 368 6.10 -49.87 7.47
CA PRO C 368 6.93 -51.08 7.36
C PRO C 368 8.00 -50.97 6.28
N LYS C 369 9.04 -51.79 6.38
CA LYS C 369 10.08 -51.85 5.35
C LYS C 369 9.50 -52.36 4.04
N GLY C 370 10.00 -51.85 2.93
CA GLY C 370 9.56 -52.29 1.62
C GLY C 370 8.19 -51.75 1.24
N THR C 371 7.85 -50.59 1.79
CA THR C 371 6.57 -49.97 1.48
C THR C 371 6.75 -48.92 0.38
N THR C 372 5.93 -49.02 -0.67
CA THR C 372 5.95 -48.05 -1.75
C THR C 372 5.35 -46.73 -1.31
N LEU C 373 6.17 -45.68 -1.29
CA LEU C 373 5.72 -44.35 -0.90
C LEU C 373 5.38 -43.50 -2.12
N ILE C 374 4.20 -42.88 -2.08
CA ILE C 374 3.83 -41.90 -3.09
C ILE C 374 3.87 -40.49 -2.51
N THR C 375 4.79 -39.68 -3.00
CA THR C 375 4.92 -38.30 -2.57
C THR C 375 3.99 -37.39 -3.38
N ASN C 376 2.82 -37.09 -2.82
CA ASN C 376 1.85 -36.25 -3.49
C ASN C 376 2.31 -34.79 -3.55
N LEU C 377 3.18 -34.48 -4.51
CA LEU C 377 3.70 -33.13 -4.66
C LEU C 377 2.58 -32.15 -5.01
N SER C 378 1.53 -32.65 -5.65
CA SER C 378 0.38 -31.85 -5.99
C SER C 378 -0.29 -31.27 -4.74
N SER C 379 -0.36 -32.07 -3.69
CA SER C 379 -0.98 -31.64 -2.44
C SER C 379 -0.11 -30.61 -1.71
N VAL C 380 1.16 -30.54 -2.08
CA VAL C 380 2.09 -29.59 -1.48
C VAL C 380 2.06 -28.27 -2.25
N LEU C 381 1.98 -28.35 -3.57
CA LEU C 381 1.97 -27.18 -4.42
C LEU C 381 0.60 -26.52 -4.49
N LYS C 382 -0.44 -27.26 -4.12
CA LYS C 382 -1.81 -26.75 -4.18
C LYS C 382 -2.46 -26.73 -2.80
N ASP C 383 -1.65 -26.63 -1.75
CA ASP C 383 -2.16 -26.66 -0.38
C ASP C 383 -2.90 -25.37 -0.03
N GLU C 384 -4.17 -25.50 0.31
CA GLU C 384 -5.02 -24.35 0.65
C GLU C 384 -4.49 -23.57 1.85
N ALA C 385 -3.78 -24.26 2.74
CA ALA C 385 -3.25 -23.64 3.96
C ALA C 385 -1.99 -22.83 3.70
N VAL C 386 -1.40 -23.01 2.52
CA VAL C 386 -0.13 -22.37 2.20
C VAL C 386 -0.27 -21.26 1.15
N TRP C 387 -0.95 -21.56 0.05
CA TRP C 387 -1.08 -20.62 -1.06
C TRP C 387 -2.43 -19.90 -1.04
N GLU C 388 -2.40 -18.59 -1.28
CA GLU C 388 -3.59 -17.74 -1.19
C GLU C 388 -4.70 -18.17 -2.14
N LYS C 389 -4.31 -18.52 -3.37
CA LYS C 389 -5.27 -19.02 -4.36
C LYS C 389 -4.61 -20.14 -5.15
N PRO C 390 -4.64 -21.36 -4.59
CA PRO C 390 -3.90 -22.53 -5.08
C PRO C 390 -4.25 -22.95 -6.50
N PHE C 391 -5.44 -22.63 -6.99
CA PHE C 391 -5.85 -23.10 -8.30
C PHE C 391 -5.86 -21.99 -9.34
N ARG C 392 -5.16 -20.89 -9.05
CA ARG C 392 -5.08 -19.78 -9.98
C ARG C 392 -3.62 -19.43 -10.29
N PHE C 393 -3.38 -19.02 -11.53
CA PHE C 393 -2.06 -18.51 -11.90
C PHE C 393 -1.84 -17.17 -11.21
N HIS C 394 -1.13 -17.20 -10.09
CA HIS C 394 -1.00 -16.04 -9.23
C HIS C 394 0.46 -15.81 -8.85
N PRO C 395 1.20 -15.05 -9.68
CA PRO C 395 2.63 -14.79 -9.50
C PRO C 395 2.95 -14.18 -8.14
N GLU C 396 1.95 -13.56 -7.51
CA GLU C 396 2.15 -12.92 -6.22
C GLU C 396 2.40 -13.93 -5.10
N HIS C 397 2.24 -15.22 -5.43
CA HIS C 397 2.57 -16.29 -4.50
C HIS C 397 4.05 -16.26 -4.13
N PHE C 398 4.86 -15.67 -5.02
CA PHE C 398 6.30 -15.60 -4.82
C PHE C 398 6.76 -14.16 -4.68
N LEU C 399 5.85 -13.29 -4.27
CA LEU C 399 6.16 -11.87 -4.07
C LEU C 399 5.62 -11.36 -2.75
N ASP C 400 6.41 -10.56 -2.04
CA ASP C 400 5.94 -9.91 -0.82
C ASP C 400 5.35 -8.54 -1.15
N ALA C 401 5.05 -7.77 -0.11
CA ALA C 401 4.45 -6.44 -0.30
C ALA C 401 5.45 -5.49 -0.95
N GLN C 402 6.73 -5.70 -0.69
CA GLN C 402 7.78 -4.84 -1.21
C GLN C 402 8.08 -5.15 -2.68
N GLY C 403 7.72 -6.34 -3.13
CA GLY C 403 7.93 -6.74 -4.51
C GLY C 403 9.15 -7.61 -4.69
N HIS C 404 9.76 -8.02 -3.58
CA HIS C 404 10.90 -8.91 -3.62
C HIS C 404 10.45 -10.34 -3.91
N PHE C 405 11.37 -11.17 -4.39
CA PHE C 405 11.04 -12.57 -4.66
C PHE C 405 11.22 -13.42 -3.41
N VAL C 406 10.17 -14.16 -3.05
CA VAL C 406 10.23 -15.07 -1.92
C VAL C 406 9.81 -16.48 -2.34
N LYS C 407 10.50 -17.49 -1.80
CA LYS C 407 10.19 -18.87 -2.14
C LYS C 407 9.74 -19.65 -0.92
N PRO C 408 8.43 -19.91 -0.82
CA PRO C 408 7.86 -20.69 0.29
C PRO C 408 8.45 -22.09 0.35
N GLU C 409 8.48 -22.69 1.54
CA GLU C 409 9.01 -24.03 1.73
C GLU C 409 8.23 -25.07 0.93
N ALA C 410 6.95 -24.77 0.68
CA ALA C 410 6.06 -25.72 0.01
C ALA C 410 6.31 -25.82 -1.49
N PHE C 411 7.22 -25.00 -2.00
CA PHE C 411 7.61 -25.08 -3.41
C PHE C 411 8.54 -26.28 -3.60
N LEU C 412 7.95 -27.44 -3.88
CA LEU C 412 8.73 -28.66 -4.09
C LEU C 412 8.42 -29.37 -5.41
N PRO C 413 8.65 -28.69 -6.56
CA PRO C 413 8.36 -29.36 -7.82
C PRO C 413 9.41 -30.43 -8.15
N PHE C 414 10.61 -30.26 -7.60
CA PHE C 414 11.68 -31.23 -7.79
C PHE C 414 11.76 -32.20 -6.61
N SER C 415 10.67 -32.27 -5.86
CA SER C 415 10.60 -33.06 -4.63
C SER C 415 11.65 -32.63 -3.62
N ALA C 416 12.03 -33.54 -2.73
CA ALA C 416 13.04 -33.24 -1.73
C ALA C 416 13.75 -34.51 -1.28
N GLY C 417 14.89 -34.34 -0.63
CA GLY C 417 15.65 -35.48 -0.12
C GLY C 417 16.80 -35.87 -1.01
N ARG C 418 17.36 -37.05 -0.73
CA ARG C 418 18.50 -37.56 -1.48
C ARG C 418 18.14 -37.86 -2.94
N ARG C 419 16.89 -38.26 -3.16
CA ARG C 419 16.43 -38.62 -4.50
C ARG C 419 15.89 -37.42 -5.27
N ALA C 420 15.94 -36.24 -4.67
CA ALA C 420 15.45 -35.03 -5.32
C ALA C 420 16.18 -34.82 -6.64
N CYS C 421 15.47 -34.22 -7.60
CA CYS C 421 15.99 -33.99 -8.95
C CYS C 421 17.43 -33.46 -8.95
N LEU C 422 18.31 -34.15 -9.68
CA LEU C 422 19.71 -33.73 -9.75
C LEU C 422 19.89 -32.74 -10.90
N GLY C 423 18.87 -32.63 -11.74
CA GLY C 423 18.92 -31.75 -12.89
C GLY C 423 18.31 -30.38 -12.61
N GLU C 424 17.89 -30.16 -11.38
CA GLU C 424 17.30 -28.89 -10.98
C GLU C 424 18.16 -27.65 -11.28
N PRO C 425 19.48 -27.70 -11.03
CA PRO C 425 20.25 -26.51 -11.37
C PRO C 425 20.25 -26.22 -12.87
N LEU C 426 20.22 -27.27 -13.68
CA LEU C 426 20.17 -27.12 -15.13
C LEU C 426 18.80 -26.61 -15.56
N ALA C 427 17.75 -27.18 -14.96
CA ALA C 427 16.38 -26.80 -15.28
C ALA C 427 16.14 -25.32 -14.98
N ARG C 428 16.64 -24.87 -13.84
CA ARG C 428 16.56 -23.45 -13.47
C ARG C 428 17.22 -22.58 -14.52
N MET C 429 18.34 -23.05 -15.06
CA MET C 429 19.06 -22.31 -16.08
C MET C 429 18.31 -22.33 -17.42
N GLU C 430 17.80 -23.49 -17.80
CA GLU C 430 17.05 -23.62 -19.03
C GLU C 430 15.77 -22.79 -18.99
N LEU C 431 15.02 -22.93 -17.89
CA LEU C 431 13.74 -22.25 -17.76
C LEU C 431 13.87 -20.74 -17.86
N PHE C 432 14.84 -20.17 -17.15
CA PHE C 432 15.00 -18.72 -17.17
C PHE C 432 15.46 -18.22 -18.53
N LEU C 433 16.52 -18.83 -19.07
CA LEU C 433 17.11 -18.35 -20.31
C LEU C 433 16.17 -18.48 -21.51
N PHE C 434 15.45 -19.59 -21.60
CA PHE C 434 14.51 -19.78 -22.70
C PHE C 434 13.30 -18.86 -22.56
N PHE C 435 12.76 -18.76 -21.35
CA PHE C 435 11.54 -18.00 -21.12
C PHE C 435 11.76 -16.50 -21.31
N THR C 436 12.90 -15.99 -20.86
CA THR C 436 13.20 -14.58 -21.00
C THR C 436 13.58 -14.23 -22.44
N SER C 437 14.28 -15.12 -23.12
CA SER C 437 14.70 -14.89 -24.49
C SER C 437 13.50 -14.84 -25.43
N LEU C 438 12.56 -15.76 -25.23
CA LEU C 438 11.36 -15.81 -26.05
C LEU C 438 10.47 -14.59 -25.81
N LEU C 439 10.37 -14.17 -24.55
CA LEU C 439 9.54 -13.02 -24.19
C LEU C 439 10.22 -11.69 -24.50
N GLN C 440 11.54 -11.75 -24.70
CA GLN C 440 12.30 -10.55 -25.01
C GLN C 440 12.01 -10.05 -26.43
N HIS C 441 11.92 -10.97 -27.38
CA HIS C 441 11.78 -10.60 -28.78
C HIS C 441 10.39 -10.87 -29.35
N PHE C 442 9.57 -11.62 -28.62
CA PHE C 442 8.25 -11.98 -29.13
C PHE C 442 7.14 -11.58 -28.17
N SER C 443 5.97 -11.31 -28.74
CA SER C 443 4.77 -11.06 -27.93
C SER C 443 3.73 -12.13 -28.24
N PHE C 444 3.49 -12.98 -27.26
CA PHE C 444 2.64 -14.15 -27.47
C PHE C 444 1.19 -13.87 -27.10
N SER C 445 0.28 -14.37 -27.93
CA SER C 445 -1.15 -14.15 -27.74
C SER C 445 -1.96 -15.25 -28.41
N VAL C 446 -3.19 -15.45 -27.94
CA VAL C 446 -4.10 -16.38 -28.60
C VAL C 446 -4.40 -15.86 -30.00
N PRO C 447 -4.51 -16.78 -30.98
CA PRO C 447 -4.85 -16.38 -32.34
C PRO C 447 -6.25 -15.76 -32.38
N THR C 448 -6.34 -14.54 -32.89
CA THR C 448 -7.63 -13.85 -32.99
C THR C 448 -8.60 -14.67 -33.82
N GLY C 449 -9.76 -14.97 -33.24
CA GLY C 449 -10.75 -15.78 -33.91
C GLY C 449 -10.83 -17.19 -33.35
N GLN C 450 -9.91 -17.51 -32.44
CA GLN C 450 -9.91 -18.82 -31.80
C GLN C 450 -10.41 -18.71 -30.36
N PRO C 451 -11.10 -19.75 -29.87
CA PRO C 451 -11.56 -19.78 -28.49
C PRO C 451 -10.41 -19.85 -27.49
N ARG C 452 -10.56 -19.17 -26.36
CA ARG C 452 -9.57 -19.22 -25.29
C ARG C 452 -9.33 -20.67 -24.85
N PRO C 453 -8.05 -21.08 -24.82
CA PRO C 453 -7.71 -22.45 -24.44
C PRO C 453 -7.88 -22.70 -22.95
N SER C 454 -7.86 -23.97 -22.55
CA SER C 454 -8.00 -24.34 -21.16
C SER C 454 -6.66 -24.36 -20.44
N HIS C 455 -6.63 -23.87 -19.20
CA HIS C 455 -5.45 -24.02 -18.36
C HIS C 455 -5.56 -25.30 -17.52
N HIS C 456 -6.55 -26.12 -17.86
CA HIS C 456 -6.69 -27.44 -17.23
C HIS C 456 -5.91 -28.48 -18.02
N GLY C 457 -5.08 -29.25 -17.34
CA GLY C 457 -4.28 -30.26 -18.00
C GLY C 457 -4.86 -31.65 -17.82
N VAL C 458 -4.63 -32.51 -18.80
CA VAL C 458 -5.04 -33.90 -18.72
C VAL C 458 -4.14 -34.63 -17.72
N PHE C 459 -4.74 -35.22 -16.70
CA PHE C 459 -3.97 -35.84 -15.62
C PHE C 459 -3.25 -37.12 -16.06
N ALA C 460 -1.96 -37.18 -15.74
CA ALA C 460 -1.15 -38.35 -15.97
C ALA C 460 -0.01 -38.33 -14.96
N PHE C 461 1.00 -39.16 -15.17
CA PHE C 461 2.17 -39.12 -14.31
C PHE C 461 3.07 -37.98 -14.75
N LEU C 462 2.84 -37.50 -15.96
CA LEU C 462 3.43 -36.24 -16.43
C LEU C 462 2.35 -35.40 -17.11
N VAL C 463 1.92 -34.33 -16.43
CA VAL C 463 0.80 -33.53 -16.91
C VAL C 463 1.23 -32.44 -17.89
N SER C 464 0.73 -32.55 -19.13
CA SER C 464 1.02 -31.58 -20.17
C SER C 464 -0.13 -30.60 -20.34
N PRO C 465 0.16 -29.41 -20.88
CA PRO C 465 -0.92 -28.47 -21.20
C PRO C 465 -1.89 -29.05 -22.22
N SER C 466 -3.14 -28.61 -22.19
CA SER C 466 -4.09 -28.99 -23.22
C SER C 466 -3.62 -28.39 -24.54
N PRO C 467 -3.76 -29.15 -25.64
CA PRO C 467 -3.33 -28.70 -26.97
C PRO C 467 -3.82 -27.29 -27.31
N TYR C 468 -2.92 -26.47 -27.83
CA TYR C 468 -3.24 -25.08 -28.13
C TYR C 468 -2.29 -24.52 -29.17
N GLU C 469 -2.71 -23.44 -29.83
CA GLU C 469 -1.85 -22.72 -30.75
C GLU C 469 -1.62 -21.30 -30.24
N LEU C 470 -0.61 -20.64 -30.78
CA LEU C 470 -0.34 -19.25 -30.42
C LEU C 470 0.25 -18.48 -31.60
N CYS C 471 0.24 -17.16 -31.50
CA CYS C 471 0.90 -16.33 -32.49
C CYS C 471 2.09 -15.62 -31.87
N ALA C 472 3.21 -15.65 -32.58
CA ALA C 472 4.41 -14.98 -32.12
C ALA C 472 4.76 -13.82 -33.03
N VAL C 473 4.68 -12.61 -32.49
CA VAL C 473 5.01 -11.41 -33.27
C VAL C 473 6.19 -10.68 -32.63
N PRO C 474 7.17 -10.29 -33.45
CA PRO C 474 8.35 -9.57 -32.96
C PRO C 474 7.99 -8.25 -32.30
N ARG C 475 8.71 -7.90 -31.23
CA ARG C 475 8.46 -6.66 -30.51
C ARG C 475 9.22 -5.49 -31.13
N LEU D 11 23.45 39.95 -17.14
CA LEU D 11 23.75 40.07 -15.71
C LEU D 11 22.55 39.74 -14.85
N PRO D 12 22.76 38.97 -13.77
CA PRO D 12 21.70 38.57 -12.84
C PRO D 12 21.13 39.75 -12.07
N PRO D 13 19.80 39.77 -11.84
CA PRO D 13 19.15 40.83 -11.07
C PRO D 13 19.50 40.75 -9.59
N GLY D 14 19.18 41.79 -8.82
CA GLY D 14 19.49 41.79 -7.40
C GLY D 14 19.05 43.04 -6.66
N PRO D 15 19.27 43.05 -5.34
CA PRO D 15 18.93 44.18 -4.47
C PRO D 15 19.68 45.47 -4.84
N LEU D 16 19.07 46.61 -4.53
CA LEU D 16 19.69 47.90 -4.80
C LEU D 16 20.81 48.17 -3.80
N PRO D 17 22.05 48.30 -4.29
CA PRO D 17 23.23 48.53 -3.45
C PRO D 17 23.11 49.78 -2.59
N GLN D 30 23.33 38.72 9.82
CA GLN D 30 23.00 37.70 10.82
C GLN D 30 22.60 36.39 10.15
N ASN D 31 21.29 36.19 10.00
CA ASN D 31 20.79 34.95 9.39
C ASN D 31 20.77 35.06 7.86
N THR D 32 21.33 34.04 7.22
CA THR D 32 21.47 34.05 5.76
C THR D 32 20.48 33.15 4.99
N PRO D 33 20.21 31.92 5.48
CA PRO D 33 19.33 31.04 4.69
C PRO D 33 17.95 31.63 4.39
N TYR D 34 17.38 32.36 5.33
CA TYR D 34 16.05 32.93 5.13
C TYR D 34 16.07 34.01 4.05
N CYS D 35 17.01 34.94 4.15
CA CYS D 35 17.11 36.04 3.20
C CYS D 35 17.43 35.56 1.78
N PHE D 36 18.34 34.60 1.66
CA PHE D 36 18.70 34.04 0.36
C PHE D 36 17.50 33.38 -0.31
N ASP D 37 16.64 32.77 0.49
CA ASP D 37 15.45 32.11 -0.04
C ASP D 37 14.42 33.13 -0.53
N GLN D 38 14.27 34.22 0.22
CA GLN D 38 13.31 35.26 -0.16
C GLN D 38 13.79 36.02 -1.40
N LEU D 39 15.10 36.20 -1.51
CA LEU D 39 15.69 36.81 -2.70
C LEU D 39 15.47 35.91 -3.91
N ARG D 40 15.44 34.61 -3.67
CA ARG D 40 15.22 33.62 -4.73
C ARG D 40 13.80 33.69 -5.25
N ARG D 41 12.84 33.92 -4.36
CA ARG D 41 11.44 34.12 -4.77
C ARG D 41 11.36 35.40 -5.59
N ARG D 42 12.08 36.42 -5.13
CA ARG D 42 12.00 37.76 -5.69
C ARG D 42 12.72 37.89 -7.04
N PHE D 43 13.90 37.28 -7.15
CA PHE D 43 14.74 37.48 -8.34
C PHE D 43 14.97 36.21 -9.16
N GLY D 44 14.85 35.05 -8.54
CA GLY D 44 15.02 33.79 -9.24
C GLY D 44 16.15 32.92 -8.71
N ASP D 45 16.51 31.89 -9.47
CA ASP D 45 17.53 30.94 -9.04
C ASP D 45 18.94 31.54 -9.07
N VAL D 46 19.13 32.58 -9.87
CA VAL D 46 20.43 33.23 -9.98
C VAL D 46 20.32 34.75 -9.80
N PHE D 47 20.89 35.25 -8.70
CA PHE D 47 20.88 36.69 -8.46
C PHE D 47 22.24 37.20 -8.00
N SER D 48 22.37 38.53 -7.90
CA SER D 48 23.64 39.15 -7.57
C SER D 48 23.59 39.88 -6.23
N LEU D 49 24.76 40.01 -5.61
CA LEU D 49 24.88 40.75 -4.35
C LEU D 49 26.16 41.56 -4.33
N GLN D 50 26.15 42.65 -3.58
CA GLN D 50 27.33 43.48 -3.43
C GLN D 50 27.85 43.42 -2.00
N LEU D 51 28.73 42.46 -1.73
CA LEU D 51 29.34 42.31 -0.42
C LEU D 51 30.68 43.03 -0.38
N ALA D 52 30.69 44.20 0.25
CA ALA D 52 31.87 45.05 0.32
C ALA D 52 32.42 45.37 -1.07
N TRP D 53 33.64 44.94 -1.35
CA TRP D 53 34.29 45.21 -2.63
C TRP D 53 34.08 44.07 -3.63
N THR D 54 33.36 43.04 -3.21
CA THR D 54 33.24 41.82 -4.02
C THR D 54 31.86 41.65 -4.64
N PRO D 55 31.81 41.50 -5.97
CA PRO D 55 30.58 41.12 -6.69
C PRO D 55 30.30 39.63 -6.56
N VAL D 56 29.17 39.28 -5.97
CA VAL D 56 28.85 37.89 -5.68
C VAL D 56 27.57 37.42 -6.35
N VAL D 57 27.64 36.28 -7.05
CA VAL D 57 26.47 35.68 -7.66
C VAL D 57 26.08 34.40 -6.92
N VAL D 58 24.86 34.37 -6.40
CA VAL D 58 24.36 33.22 -5.66
C VAL D 58 23.61 32.23 -6.56
N LEU D 59 23.93 30.95 -6.42
CA LEU D 59 23.31 29.91 -7.22
C LEU D 59 22.33 29.09 -6.39
N ASN D 60 21.08 29.04 -6.83
CA ASN D 60 20.04 28.30 -6.10
C ASN D 60 19.39 27.21 -6.95
N GLY D 61 19.07 26.09 -6.32
CA GLY D 61 18.43 24.97 -7.01
C GLY D 61 19.44 24.10 -7.73
N LEU D 62 19.07 22.85 -7.94
CA LEU D 62 19.94 21.88 -8.60
C LEU D 62 20.34 22.30 -10.01
N ALA D 63 19.40 22.93 -10.72
CA ALA D 63 19.64 23.31 -12.12
C ALA D 63 20.75 24.35 -12.24
N ALA D 64 20.67 25.40 -11.43
CA ALA D 64 21.64 26.48 -11.50
C ALA D 64 23.01 26.02 -11.05
N VAL D 65 23.04 25.10 -10.07
CA VAL D 65 24.30 24.62 -9.51
C VAL D 65 25.02 23.67 -10.47
N ARG D 66 24.29 22.69 -11.00
CA ARG D 66 24.87 21.74 -11.94
C ARG D 66 25.35 22.42 -13.21
N GLU D 67 24.56 23.35 -13.72
CA GLU D 67 24.91 24.07 -14.93
C GLU D 67 26.24 24.82 -14.75
N ALA D 68 26.40 25.47 -13.60
CA ALA D 68 27.61 26.23 -13.34
C ALA D 68 28.80 25.35 -12.97
N LEU D 69 28.55 24.27 -12.24
CA LEU D 69 29.64 23.44 -11.71
C LEU D 69 30.00 22.25 -12.60
N VAL D 70 29.05 21.77 -13.40
CA VAL D 70 29.30 20.64 -14.28
C VAL D 70 29.41 21.08 -15.74
N THR D 71 28.33 21.63 -16.27
CA THR D 71 28.27 22.06 -17.67
C THR D 71 29.38 23.08 -17.97
N HIS D 72 29.58 24.01 -17.05
CA HIS D 72 30.67 24.98 -17.18
C HIS D 72 31.75 24.72 -16.13
N GLY D 73 32.02 23.44 -15.88
CA GLY D 73 32.95 23.03 -14.83
C GLY D 73 34.36 23.57 -14.98
N GLU D 74 34.85 23.59 -16.22
CA GLU D 74 36.21 24.04 -16.49
C GLU D 74 36.42 25.50 -16.12
N ASP D 75 35.34 26.26 -16.04
CA ASP D 75 35.42 27.70 -15.87
C ASP D 75 35.04 28.18 -14.47
N THR D 76 34.53 27.27 -13.65
CA THR D 76 34.07 27.64 -12.32
C THR D 76 34.74 26.82 -11.22
N ALA D 77 35.92 26.29 -11.50
CA ALA D 77 36.62 25.44 -10.56
C ALA D 77 37.75 26.17 -9.84
N ASP D 78 37.66 27.49 -9.79
CA ASP D 78 38.72 28.29 -9.17
C ASP D 78 38.27 28.84 -7.82
N ARG D 79 39.21 29.08 -6.92
CA ARG D 79 38.90 29.69 -5.64
C ARG D 79 39.24 31.18 -5.68
N PRO D 80 38.46 31.99 -4.96
CA PRO D 80 38.79 33.41 -4.78
C PRO D 80 40.15 33.57 -4.11
N PRO D 81 40.85 34.67 -4.40
CA PRO D 81 42.16 34.90 -3.79
C PRO D 81 42.05 35.10 -2.27
N VAL D 82 42.83 34.34 -1.51
CA VAL D 82 42.83 34.47 -0.06
C VAL D 82 44.22 34.93 0.40
N PRO D 83 44.42 36.26 0.47
CA PRO D 83 45.72 36.87 0.78
C PRO D 83 46.24 36.52 2.18
N ILE D 84 45.34 36.29 3.12
CA ILE D 84 45.72 36.06 4.52
C ILE D 84 46.52 34.75 4.67
N THR D 85 46.41 33.87 3.69
CA THR D 85 47.05 32.56 3.77
C THR D 85 48.58 32.61 3.63
N GLN D 86 49.11 33.78 3.31
CA GLN D 86 50.56 33.92 3.11
C GLN D 86 51.34 33.75 4.42
N ILE D 87 50.64 33.93 5.54
CA ILE D 87 51.25 33.77 6.85
C ILE D 87 51.37 32.29 7.21
N LEU D 88 50.62 31.45 6.49
CA LEU D 88 50.63 30.02 6.73
C LEU D 88 51.71 29.31 5.91
N GLY D 89 52.21 30.00 4.88
CA GLY D 89 53.26 29.45 4.04
C GLY D 89 52.77 29.12 2.65
N PHE D 90 51.75 29.84 2.19
CA PHE D 90 51.17 29.60 0.88
C PHE D 90 51.95 30.28 -0.24
N GLY D 91 52.48 29.49 -1.15
CA GLY D 91 53.20 30.01 -2.31
C GLY D 91 52.52 29.55 -3.60
N PRO D 92 53.11 29.92 -4.75
CA PRO D 92 52.54 29.54 -6.05
C PRO D 92 52.46 28.04 -6.26
N ARG D 93 53.54 27.32 -5.94
CA ARG D 93 53.57 25.86 -6.09
C ARG D 93 53.36 25.17 -4.75
N SER D 94 52.73 25.87 -3.81
CA SER D 94 52.41 25.29 -2.50
C SER D 94 51.09 25.85 -1.97
N GLN D 95 49.99 25.46 -2.62
CA GLN D 95 48.68 26.01 -2.28
C GLN D 95 47.77 25.00 -1.61
N GLY D 96 48.29 23.81 -1.34
CA GLY D 96 47.48 22.74 -0.80
C GLY D 96 46.44 22.28 -1.81
N VAL D 97 45.24 21.96 -1.33
CA VAL D 97 44.19 21.48 -2.21
C VAL D 97 42.92 22.31 -2.07
N PHE D 98 42.55 22.59 -0.82
CA PHE D 98 41.28 23.22 -0.51
C PHE D 98 41.15 24.65 -1.04
N LEU D 99 42.13 25.49 -0.73
CA LEU D 99 42.09 26.89 -1.14
C LEU D 99 42.94 27.16 -2.37
N ALA D 100 43.41 26.09 -3.01
CA ALA D 100 44.29 26.22 -4.17
C ALA D 100 43.56 26.83 -5.36
N ARG D 101 44.26 27.69 -6.09
CA ARG D 101 43.73 28.26 -7.32
C ARG D 101 43.61 27.18 -8.38
N TYR D 102 42.74 27.36 -9.35
CA TYR D 102 42.61 26.40 -10.43
C TYR D 102 43.86 26.44 -11.31
N GLY D 103 44.48 25.29 -11.48
CA GLY D 103 45.72 25.20 -12.23
C GLY D 103 46.42 23.87 -12.01
N PRO D 104 47.70 23.78 -12.40
CA PRO D 104 48.44 22.52 -12.26
C PRO D 104 48.72 22.17 -10.81
N ALA D 105 49.04 23.17 -9.98
CA ALA D 105 49.34 22.94 -8.57
C ALA D 105 48.17 22.26 -7.86
N TRP D 106 46.96 22.75 -8.09
CA TRP D 106 45.77 22.16 -7.49
C TRP D 106 45.50 20.77 -8.05
N ARG D 107 45.65 20.62 -9.37
CA ARG D 107 45.30 19.38 -10.05
C ARG D 107 46.23 18.24 -9.65
N GLU D 108 47.51 18.56 -9.45
CA GLU D 108 48.49 17.54 -9.10
C GLU D 108 48.20 16.98 -7.70
N GLN D 109 47.90 17.87 -6.76
CA GLN D 109 47.60 17.46 -5.41
C GLN D 109 46.21 16.83 -5.31
N ARG D 110 45.34 17.23 -6.23
CA ARG D 110 44.00 16.65 -6.34
C ARG D 110 44.09 15.18 -6.73
N ARG D 111 44.74 14.91 -7.87
CA ARG D 111 44.88 13.57 -8.39
C ARG D 111 45.66 12.66 -7.43
N PHE D 112 46.64 13.24 -6.74
CA PHE D 112 47.48 12.49 -5.81
C PHE D 112 46.68 12.00 -4.61
N SER D 113 45.96 12.92 -3.96
CA SER D 113 45.17 12.57 -2.79
C SER D 113 44.05 11.59 -3.14
N VAL D 114 43.41 11.81 -4.28
CA VAL D 114 42.31 10.96 -4.73
C VAL D 114 42.81 9.53 -4.98
N SER D 115 43.99 9.40 -5.56
CA SER D 115 44.53 8.08 -5.89
C SER D 115 45.17 7.40 -4.69
N THR D 116 45.78 8.19 -3.80
CA THR D 116 46.44 7.63 -2.62
C THR D 116 45.44 7.01 -1.66
N LEU D 117 44.34 7.72 -1.41
CA LEU D 117 43.28 7.21 -0.55
C LEU D 117 42.72 5.89 -1.09
N ARG D 118 42.63 5.80 -2.41
CA ARG D 118 42.13 4.60 -3.06
C ARG D 118 43.12 3.44 -2.91
N ASN D 119 44.37 3.70 -3.29
CA ASN D 119 45.39 2.65 -3.33
C ASN D 119 45.77 2.09 -1.95
N LEU D 120 45.54 2.88 -0.90
CA LEU D 120 45.86 2.43 0.45
C LEU D 120 44.96 1.28 0.90
N GLY D 121 43.69 1.33 0.47
CA GLY D 121 42.73 0.32 0.86
C GLY D 121 42.72 -0.90 -0.04
N LEU D 122 43.39 -0.80 -1.19
CA LEU D 122 43.43 -1.90 -2.15
C LEU D 122 44.45 -2.97 -1.75
N GLY D 123 45.34 -2.62 -0.81
CA GLY D 123 46.37 -3.53 -0.37
C GLY D 123 45.87 -4.58 0.63
N LYS D 124 45.71 -4.16 1.88
CA LYS D 124 45.29 -5.07 2.93
C LYS D 124 44.04 -4.56 3.65
N LYS D 125 43.09 -4.05 2.88
CA LYS D 125 41.83 -3.54 3.42
C LYS D 125 42.08 -2.43 4.44
N SER D 126 43.16 -1.68 4.26
CA SER D 126 43.58 -0.65 5.22
C SER D 126 42.52 0.43 5.42
N LEU D 127 41.71 0.67 4.40
CA LEU D 127 40.60 1.60 4.52
C LEU D 127 39.61 1.09 5.58
N GLU D 128 38.97 -0.04 5.30
CA GLU D 128 37.99 -0.60 6.21
C GLU D 128 38.59 -0.98 7.57
N GLN D 129 39.82 -1.50 7.56
CA GLN D 129 40.44 -2.03 8.77
C GLN D 129 40.65 -0.93 9.82
N TRP D 130 41.30 0.15 9.44
CA TRP D 130 41.57 1.25 10.37
C TRP D 130 40.29 1.92 10.86
N VAL D 131 39.22 1.81 10.09
CA VAL D 131 37.95 2.42 10.46
C VAL D 131 37.12 1.51 11.37
N THR D 132 37.07 0.22 11.03
CA THR D 132 36.37 -0.75 11.86
C THR D 132 37.02 -0.88 13.22
N GLU D 133 38.34 -0.72 13.26
CA GLU D 133 39.08 -0.77 14.52
C GLU D 133 38.77 0.46 15.38
N GLU D 134 38.76 1.63 14.75
CA GLU D 134 38.48 2.86 15.48
C GLU D 134 37.03 2.88 15.96
N ALA D 135 36.15 2.20 15.24
CA ALA D 135 34.76 2.05 15.66
C ALA D 135 34.70 1.28 16.97
N ALA D 136 35.48 0.20 17.06
CA ALA D 136 35.58 -0.59 18.28
C ALA D 136 36.04 0.28 19.43
N CYS D 137 37.00 1.16 19.16
CA CYS D 137 37.48 2.09 20.18
C CYS D 137 36.40 3.07 20.57
N LEU D 138 35.60 3.48 19.59
CA LEU D 138 34.50 4.41 19.84
C LEU D 138 33.41 3.76 20.69
N CYS D 139 33.03 2.54 20.32
CA CYS D 139 32.03 1.79 21.09
C CYS D 139 32.47 1.58 22.54
N ALA D 140 33.76 1.34 22.73
CA ALA D 140 34.32 1.12 24.07
C ALA D 140 34.35 2.42 24.87
N ALA D 141 34.53 3.54 24.17
CA ALA D 141 34.52 4.85 24.82
C ALA D 141 33.11 5.22 25.26
N PHE D 142 32.14 4.86 24.43
CA PHE D 142 30.73 5.08 24.73
C PHE D 142 30.28 4.23 25.90
N ALA D 143 30.78 3.00 25.97
CA ALA D 143 30.41 2.06 27.02
C ALA D 143 30.92 2.49 28.39
N ASN D 144 31.95 3.33 28.42
CA ASN D 144 32.50 3.84 29.67
C ASN D 144 31.67 4.99 30.22
N HIS D 145 30.75 5.51 29.41
CA HIS D 145 29.85 6.57 29.84
C HIS D 145 28.44 6.03 30.05
N SER D 146 28.32 4.72 30.19
CA SER D 146 27.01 4.07 30.27
C SER D 146 26.27 4.39 31.56
N GLY D 147 26.96 5.01 32.51
CA GLY D 147 26.34 5.42 33.76
C GLY D 147 25.45 6.63 33.58
N ARG D 148 26.06 7.78 33.34
CA ARG D 148 25.33 9.03 33.20
C ARG D 148 25.18 9.46 31.74
N PRO D 149 24.22 10.37 31.47
CA PRO D 149 24.14 10.98 30.14
C PRO D 149 25.37 11.82 29.83
N PHE D 150 25.65 12.05 28.56
CA PHE D 150 26.84 12.79 28.16
C PHE D 150 26.70 13.39 26.75
N ARG D 151 27.56 14.37 26.45
CA ARG D 151 27.63 14.92 25.10
C ARG D 151 28.58 14.08 24.25
N PRO D 152 28.05 13.49 23.17
CA PRO D 152 28.82 12.56 22.33
C PRO D 152 29.76 13.25 21.36
N ASN D 153 29.72 14.57 21.29
CA ASN D 153 30.50 15.33 20.33
C ASN D 153 32.01 15.09 20.42
N GLY D 154 32.55 15.18 21.64
CA GLY D 154 33.97 15.01 21.86
C GLY D 154 34.50 13.66 21.41
N LEU D 155 33.78 12.59 21.74
CA LEU D 155 34.20 11.25 21.36
C LEU D 155 34.16 11.05 19.85
N LEU D 156 33.10 11.58 19.22
CA LEU D 156 32.95 11.49 17.77
C LEU D 156 34.10 12.19 17.05
N ASP D 157 34.52 13.34 17.60
CA ASP D 157 35.67 14.06 17.06
C ASP D 157 36.93 13.21 17.05
N LYS D 158 37.22 12.59 18.20
CA LYS D 158 38.44 11.80 18.35
C LYS D 158 38.46 10.59 17.41
N ALA D 159 37.32 9.92 17.29
CA ALA D 159 37.22 8.74 16.44
C ALA D 159 37.40 9.09 14.97
N VAL D 160 36.82 10.21 14.56
CA VAL D 160 36.94 10.69 13.19
C VAL D 160 38.38 11.17 12.92
N SER D 161 38.94 11.89 13.87
CA SER D 161 40.31 12.39 13.76
C SER D 161 41.33 11.27 13.63
N ASN D 162 41.08 10.16 14.32
CA ASN D 162 42.00 9.03 14.25
C ASN D 162 41.99 8.37 12.88
N VAL D 163 40.84 8.41 12.23
CA VAL D 163 40.70 7.83 10.89
C VAL D 163 41.55 8.58 9.88
N ILE D 164 41.46 9.91 9.88
CA ILE D 164 42.21 10.71 8.91
C ILE D 164 43.70 10.72 9.28
N ALA D 165 43.99 10.70 10.57
CA ALA D 165 45.38 10.63 11.03
C ALA D 165 45.99 9.29 10.66
N SER D 166 45.15 8.27 10.56
CA SER D 166 45.59 6.94 10.17
C SER D 166 45.97 6.87 8.70
N LEU D 167 45.20 7.57 7.85
CA LEU D 167 45.47 7.54 6.42
C LEU D 167 46.58 8.50 6.03
N THR D 168 46.81 9.53 6.85
CA THR D 168 47.87 10.50 6.56
C THR D 168 49.17 10.19 7.28
N CYS D 169 49.10 9.88 8.58
CA CYS D 169 50.31 9.69 9.38
C CYS D 169 50.59 8.22 9.71
N GLY D 170 49.64 7.34 9.40
CA GLY D 170 49.81 5.92 9.64
C GLY D 170 49.73 5.52 11.10
N ARG D 171 48.98 6.29 11.89
CA ARG D 171 48.85 6.00 13.32
C ARG D 171 47.55 6.53 13.90
N ARG D 172 47.19 6.06 15.08
CA ARG D 172 46.07 6.59 15.84
C ARG D 172 46.56 7.12 17.18
N PHE D 173 45.76 7.99 17.79
CA PHE D 173 46.08 8.52 19.11
C PHE D 173 45.07 8.02 20.15
N GLU D 174 45.54 7.79 21.37
CA GLU D 174 44.66 7.42 22.47
C GLU D 174 43.75 8.59 22.80
N TYR D 175 42.58 8.31 23.36
CA TYR D 175 41.59 9.37 23.60
C TYR D 175 41.98 10.27 24.77
N ASP D 176 42.98 9.86 25.53
CA ASP D 176 43.45 10.66 26.67
C ASP D 176 44.80 11.29 26.38
N ASP D 177 45.24 11.18 25.13
CA ASP D 177 46.54 11.71 24.71
C ASP D 177 46.55 13.23 24.75
N PRO D 178 47.48 13.82 25.51
CA PRO D 178 47.63 15.27 25.66
C PRO D 178 47.85 15.99 24.34
N ARG D 179 48.74 15.48 23.50
CA ARG D 179 49.03 16.10 22.20
C ARG D 179 47.82 15.99 21.27
N PHE D 180 47.07 14.91 21.39
CA PHE D 180 45.89 14.69 20.58
C PHE D 180 44.79 15.68 20.94
N LEU D 181 44.60 15.89 22.25
CA LEU D 181 43.57 16.80 22.73
C LEU D 181 43.89 18.25 22.35
N ARG D 182 45.15 18.62 22.44
CA ARG D 182 45.57 19.97 22.07
C ARG D 182 45.39 20.20 20.58
N LEU D 183 45.65 19.15 19.80
CA LEU D 183 45.53 19.23 18.35
C LEU D 183 44.07 19.43 17.92
N LEU D 184 43.17 18.75 18.62
CA LEU D 184 41.74 18.83 18.29
C LEU D 184 41.14 20.15 18.73
N ASP D 185 41.56 20.63 19.90
CA ASP D 185 41.06 21.89 20.44
C ASP D 185 41.46 23.04 19.52
N LEU D 186 42.72 23.05 19.09
CA LEU D 186 43.23 24.09 18.20
C LEU D 186 42.50 24.09 16.86
N ALA D 187 42.13 22.90 16.37
CA ALA D 187 41.46 22.75 15.09
C ALA D 187 40.11 23.45 15.07
N GLN D 188 39.30 23.22 16.10
CA GLN D 188 37.98 23.83 16.18
C GLN D 188 38.09 25.33 16.46
N GLU D 189 39.14 25.71 17.20
CA GLU D 189 39.42 27.13 17.40
C GLU D 189 39.81 27.77 16.07
N GLY D 190 40.54 27.01 15.26
CA GLY D 190 40.96 27.48 13.94
C GLY D 190 39.79 27.55 12.97
N LEU D 191 38.73 26.83 13.29
CA LEU D 191 37.50 26.88 12.50
C LEU D 191 36.76 28.19 12.77
N LYS D 192 36.78 28.62 14.03
CA LYS D 192 36.14 29.87 14.43
C LYS D 192 36.90 31.07 13.91
N GLU D 193 38.18 30.88 13.60
CA GLU D 193 39.02 31.96 13.10
C GLU D 193 38.75 32.24 11.62
N GLU D 194 38.21 31.26 10.91
CA GLU D 194 37.86 31.46 9.51
C GLU D 194 36.49 32.14 9.39
N SER D 195 35.69 32.03 10.44
CA SER D 195 34.38 32.70 10.47
C SER D 195 34.41 33.88 11.42
N GLY D 196 35.39 34.75 11.25
CA GLY D 196 35.53 35.93 12.10
C GLY D 196 35.45 37.22 11.30
N PHE D 197 35.18 38.32 12.01
CA PHE D 197 35.06 39.62 11.37
C PHE D 197 36.44 40.15 10.96
N LEU D 198 37.43 39.93 11.80
CA LEU D 198 38.79 40.41 11.54
C LEU D 198 39.35 39.81 10.26
N ARG D 199 39.08 38.53 10.04
CA ARG D 199 39.62 37.83 8.87
C ARG D 199 39.09 38.41 7.57
N GLU D 200 37.77 38.56 7.47
CA GLU D 200 37.16 39.12 6.28
C GLU D 200 37.67 40.54 6.01
N VAL D 201 37.83 41.32 7.06
CA VAL D 201 38.39 42.66 6.96
C VAL D 201 39.83 42.60 6.45
N LEU D 202 40.63 41.76 7.08
CA LEU D 202 42.03 41.60 6.70
C LEU D 202 42.18 40.90 5.36
N ASN D 203 41.12 40.22 4.92
CA ASN D 203 41.12 39.56 3.62
C ASN D 203 40.78 40.53 2.49
N ALA D 204 40.04 41.58 2.83
CA ALA D 204 39.68 42.59 1.86
C ALA D 204 40.87 43.47 1.50
N VAL D 205 41.77 43.68 2.46
CA VAL D 205 42.95 44.51 2.24
C VAL D 205 44.24 43.75 2.51
N PRO D 206 44.95 43.36 1.44
CA PRO D 206 46.22 42.64 1.56
C PRO D 206 47.38 43.53 1.99
N VAL D 207 47.16 44.84 1.94
CA VAL D 207 48.18 45.81 2.32
C VAL D 207 48.17 46.07 3.83
N LEU D 208 47.06 45.72 4.47
CA LEU D 208 46.90 45.91 5.91
C LEU D 208 47.68 44.85 6.69
N LEU D 209 48.06 43.78 5.99
CA LEU D 209 48.75 42.66 6.62
C LEU D 209 50.22 42.98 6.91
N HIS D 210 50.67 44.16 6.49
CA HIS D 210 52.02 44.61 6.78
C HIS D 210 52.13 44.99 8.25
N ILE D 211 50.98 45.27 8.88
CA ILE D 211 50.91 45.55 10.30
C ILE D 211 51.25 44.31 11.12
N PRO D 212 52.34 44.38 11.90
CA PRO D 212 52.77 43.25 12.72
C PRO D 212 51.83 42.97 13.89
N ALA D 213 50.98 43.94 14.22
CA ALA D 213 50.07 43.81 15.36
C ALA D 213 48.78 43.08 14.95
N LEU D 214 48.36 43.26 13.71
CA LEU D 214 47.15 42.62 13.22
C LEU D 214 47.45 41.33 12.46
N ALA D 215 48.72 41.13 12.11
CA ALA D 215 49.14 39.91 11.45
C ALA D 215 49.85 38.99 12.44
N GLY D 216 49.30 37.80 12.65
CA GLY D 216 49.84 36.87 13.62
C GLY D 216 48.89 36.68 14.77
N LYS D 217 48.18 37.74 15.13
CA LYS D 217 47.16 37.67 16.17
C LYS D 217 45.81 37.37 15.54
N VAL D 218 45.73 37.53 14.22
CA VAL D 218 44.53 37.22 13.47
C VAL D 218 44.30 35.71 13.42
N LEU D 219 45.37 34.94 13.21
CA LEU D 219 45.28 33.49 13.11
C LEU D 219 46.30 32.82 14.00
N ARG D 220 46.21 33.05 15.31
CA ARG D 220 47.17 32.49 16.25
C ARG D 220 46.88 31.02 16.55
N PHE D 221 45.62 30.62 16.44
CA PHE D 221 45.24 29.23 16.64
C PHE D 221 45.53 28.40 15.39
N GLN D 222 45.38 29.04 14.23
CA GLN D 222 45.67 28.36 12.97
C GLN D 222 47.17 28.14 12.80
N LYS D 223 47.97 29.01 13.41
CA LYS D 223 49.41 28.82 13.43
C LYS D 223 49.78 27.78 14.48
N ALA D 224 49.11 27.83 15.62
CA ALA D 224 49.35 26.87 16.70
C ALA D 224 49.02 25.45 16.26
N PHE D 225 48.04 25.34 15.35
CA PHE D 225 47.67 24.04 14.80
C PHE D 225 48.75 23.52 13.86
N LEU D 226 49.22 24.40 12.96
CA LEU D 226 50.27 24.04 12.02
C LEU D 226 51.57 23.69 12.75
N THR D 227 51.86 24.43 13.82
CA THR D 227 53.05 24.18 14.62
C THR D 227 53.00 22.79 15.24
N GLN D 228 51.87 22.47 15.87
CA GLN D 228 51.67 21.16 16.49
C GLN D 228 51.72 20.06 15.43
N LEU D 229 51.26 20.39 14.23
CA LEU D 229 51.23 19.43 13.13
C LEU D 229 52.64 19.20 12.57
N ASP D 230 53.44 20.26 12.54
CA ASP D 230 54.82 20.17 12.09
C ASP D 230 55.63 19.24 12.97
N GLU D 231 55.39 19.33 14.28
CA GLU D 231 56.05 18.48 15.26
C GLU D 231 55.79 17.01 14.99
N LEU D 232 54.54 16.67 14.68
CA LEU D 232 54.15 15.30 14.41
C LEU D 232 54.73 14.81 13.09
N LEU D 233 54.83 15.71 12.12
CA LEU D 233 55.38 15.36 10.81
C LEU D 233 56.88 15.08 10.89
N THR D 234 57.57 15.88 11.69
CA THR D 234 59.00 15.67 11.93
C THR D 234 59.26 14.31 12.56
N GLU D 235 58.42 13.93 13.52
CA GLU D 235 58.54 12.62 14.15
C GLU D 235 58.24 11.50 13.17
N HIS D 236 57.26 11.74 12.30
CA HIS D 236 56.85 10.73 11.33
C HIS D 236 57.92 10.52 10.26
N ARG D 237 58.60 11.60 9.88
CA ARG D 237 59.64 11.53 8.86
C ARG D 237 60.81 10.64 9.32
N MET D 238 61.05 10.62 10.62
CA MET D 238 62.12 9.81 11.20
C MET D 238 61.80 8.32 11.13
N THR D 239 60.53 7.98 11.21
CA THR D 239 60.11 6.57 11.26
C THR D 239 59.82 6.01 9.87
N TRP D 240 59.83 6.88 8.87
CA TRP D 240 59.55 6.47 7.50
C TRP D 240 60.61 5.51 6.95
N ASP D 241 60.14 4.38 6.43
CA ASP D 241 61.03 3.40 5.79
C ASP D 241 60.84 3.44 4.27
N PRO D 242 61.78 4.08 3.56
CA PRO D 242 61.74 4.24 2.11
C PRO D 242 61.92 2.93 1.35
N ALA D 243 62.45 1.92 2.04
CA ALA D 243 62.68 0.62 1.42
C ALA D 243 61.39 -0.17 1.27
N GLN D 244 60.30 0.34 1.84
CA GLN D 244 59.01 -0.32 1.77
C GLN D 244 57.97 0.59 1.12
N PRO D 245 56.95 -0.01 0.49
CA PRO D 245 55.85 0.78 -0.07
C PRO D 245 55.16 1.62 1.00
N PRO D 246 54.70 2.83 0.63
CA PRO D 246 54.08 3.77 1.56
C PRO D 246 52.89 3.18 2.30
N ARG D 247 52.84 3.39 3.61
CA ARG D 247 51.72 2.92 4.43
C ARG D 247 50.62 3.97 4.52
N ASP D 248 51.01 5.24 4.31
CA ASP D 248 50.08 6.35 4.43
C ASP D 248 50.34 7.43 3.39
N LEU D 249 49.54 8.49 3.43
CA LEU D 249 49.59 9.55 2.44
C LEU D 249 50.85 10.40 2.54
N THR D 250 51.37 10.56 3.75
CA THR D 250 52.58 11.34 3.97
C THR D 250 53.82 10.67 3.36
N GLU D 251 53.95 9.37 3.58
CA GLU D 251 55.07 8.61 3.03
C GLU D 251 55.05 8.62 1.51
N ALA D 252 53.87 8.44 0.94
CA ALA D 252 53.69 8.49 -0.51
C ALA D 252 54.05 9.87 -1.05
N PHE D 253 53.66 10.89 -0.30
CA PHE D 253 54.00 12.27 -0.62
C PHE D 253 55.51 12.48 -0.54
N LEU D 254 56.14 11.90 0.48
CA LEU D 254 57.57 12.02 0.68
C LEU D 254 58.35 11.31 -0.43
N ALA D 255 57.81 10.19 -0.91
CA ALA D 255 58.44 9.46 -2.01
C ALA D 255 58.43 10.27 -3.31
N GLU D 256 57.30 10.92 -3.60
CA GLU D 256 57.20 11.77 -4.78
C GLU D 256 58.10 13.00 -4.65
N MET D 257 58.26 13.47 -3.42
CA MET D 257 59.08 14.64 -3.14
C MET D 257 60.55 14.38 -3.48
N GLU D 258 61.01 13.15 -3.24
CA GLU D 258 62.39 12.76 -3.56
C GLU D 258 62.60 12.64 -5.07
N LYS D 259 61.55 12.24 -5.78
CA LYS D 259 61.61 12.12 -7.23
C LYS D 259 61.57 13.51 -7.89
N ALA D 260 61.02 14.48 -7.19
CA ALA D 260 60.80 15.81 -7.75
C ALA D 260 61.88 16.82 -7.36
N LYS D 261 62.96 16.32 -6.76
CA LYS D 261 64.07 17.19 -6.40
C LYS D 261 64.76 17.68 -7.67
N GLY D 262 64.83 19.00 -7.82
CA GLY D 262 65.38 19.60 -9.03
C GLY D 262 64.28 20.00 -9.99
N ASN D 263 63.04 19.74 -9.60
CA ASN D 263 61.88 20.09 -10.42
C ASN D 263 61.10 21.24 -9.78
N PRO D 264 61.30 22.46 -10.29
CA PRO D 264 60.64 23.66 -9.77
C PRO D 264 59.15 23.71 -10.08
N GLU D 265 58.72 22.91 -11.06
CA GLU D 265 57.31 22.90 -11.47
C GLU D 265 56.46 22.02 -10.57
N SER D 266 57.09 21.07 -9.87
CA SER D 266 56.37 20.13 -9.04
C SER D 266 55.80 20.78 -7.78
N SER D 267 54.63 20.31 -7.36
CA SER D 267 53.99 20.82 -6.16
C SER D 267 54.38 20.01 -4.94
N PHE D 268 55.08 18.90 -5.18
CA PHE D 268 55.54 18.03 -4.09
C PHE D 268 56.77 18.60 -3.41
N ASN D 269 56.56 19.48 -2.43
CA ASN D 269 57.65 20.03 -1.64
C ASN D 269 57.27 20.18 -0.16
N ASP D 270 58.26 20.46 0.67
CA ASP D 270 58.08 20.52 2.13
C ASP D 270 57.04 21.53 2.60
N GLU D 271 56.96 22.66 1.90
CA GLU D 271 56.01 23.70 2.28
C GLU D 271 54.57 23.28 1.96
N ASN D 272 54.42 22.47 0.92
CA ASN D 272 53.09 22.04 0.50
C ASN D 272 52.64 20.77 1.22
N LEU D 273 53.60 20.05 1.79
CA LEU D 273 53.30 18.84 2.55
C LEU D 273 52.47 19.17 3.79
N ARG D 274 52.91 20.18 4.53
CA ARG D 274 52.25 20.55 5.78
C ARG D 274 50.90 21.22 5.54
N ILE D 275 50.65 21.62 4.30
CA ILE D 275 49.39 22.29 3.97
C ILE D 275 48.35 21.29 3.47
N VAL D 276 48.77 20.38 2.61
CA VAL D 276 47.89 19.32 2.12
C VAL D 276 47.39 18.47 3.28
N VAL D 277 48.32 18.12 4.18
CA VAL D 277 47.97 17.37 5.38
C VAL D 277 47.00 18.16 6.26
N ALA D 278 47.28 19.44 6.45
CA ALA D 278 46.42 20.31 7.24
C ALA D 278 45.04 20.45 6.60
N ASP D 279 45.00 20.52 5.28
CA ASP D 279 43.74 20.59 4.55
C ASP D 279 42.91 19.33 4.76
N LEU D 280 43.49 18.18 4.46
CA LEU D 280 42.81 16.90 4.60
C LEU D 280 42.34 16.64 6.04
N PHE D 281 43.20 16.94 7.00
CA PHE D 281 42.90 16.66 8.40
C PHE D 281 41.71 17.46 8.90
N SER D 282 41.78 18.78 8.74
CA SER D 282 40.75 19.68 9.25
C SER D 282 39.44 19.55 8.49
N ALA D 283 39.51 19.34 7.18
CA ALA D 283 38.31 19.25 6.35
C ALA D 283 37.60 17.92 6.54
N GLY D 284 38.35 16.90 6.91
CA GLY D 284 37.78 15.58 7.10
C GLY D 284 37.38 15.30 8.54
N MET D 285 37.61 16.29 9.40
CA MET D 285 37.33 16.14 10.82
C MET D 285 36.02 16.81 11.20
N VAL D 286 35.97 18.12 11.04
CA VAL D 286 34.84 18.93 11.48
C VAL D 286 33.55 18.57 10.72
N THR D 287 33.69 17.95 9.55
CA THR D 287 32.52 17.60 8.76
C THR D 287 31.94 16.23 9.15
N THR D 288 32.77 15.19 9.08
CA THR D 288 32.31 13.83 9.34
C THR D 288 31.79 13.65 10.76
N SER D 289 32.44 14.31 11.70
CA SER D 289 32.05 14.21 13.10
C SER D 289 30.73 14.94 13.36
N THR D 290 30.56 16.10 12.74
CA THR D 290 29.34 16.89 12.90
C THR D 290 28.15 16.14 12.30
N THR D 291 28.37 15.47 11.18
CA THR D 291 27.34 14.66 10.56
C THR D 291 26.91 13.54 11.50
N LEU D 292 27.87 12.91 12.16
CA LEU D 292 27.57 11.87 13.14
C LEU D 292 26.91 12.44 14.39
N ALA D 293 27.25 13.67 14.74
CA ALA D 293 26.60 14.34 15.86
C ALA D 293 25.14 14.62 15.53
N TRP D 294 24.87 14.92 14.26
CA TRP D 294 23.50 15.10 13.78
C TRP D 294 22.76 13.78 13.80
N GLY D 295 23.43 12.72 13.36
CA GLY D 295 22.85 11.40 13.31
C GLY D 295 22.31 10.92 14.64
N LEU D 296 23.16 10.94 15.66
CA LEU D 296 22.77 10.47 16.99
C LEU D 296 21.65 11.32 17.58
N LEU D 297 21.63 12.61 17.23
CA LEU D 297 20.58 13.50 17.70
C LEU D 297 19.24 13.13 17.08
N LEU D 298 19.25 12.84 15.78
CA LEU D 298 18.03 12.48 15.08
C LEU D 298 17.53 11.11 15.50
N MET D 299 18.40 10.31 16.09
CA MET D 299 18.04 8.97 16.53
C MET D 299 17.38 8.98 17.91
N ILE D 300 17.66 10.01 18.70
CA ILE D 300 17.03 10.13 20.00
C ILE D 300 15.77 11.00 19.92
N LEU D 301 15.65 11.73 18.82
CA LEU D 301 14.43 12.49 18.54
C LEU D 301 13.42 11.62 17.82
N HIS D 302 13.91 10.62 17.10
CA HIS D 302 13.04 9.72 16.34
C HIS D 302 13.39 8.26 16.60
N PRO D 303 13.08 7.76 17.82
CA PRO D 303 13.43 6.39 18.23
C PRO D 303 12.78 5.33 17.35
N ASP D 304 11.65 5.67 16.73
CA ASP D 304 10.99 4.74 15.81
C ASP D 304 11.90 4.41 14.65
N VAL D 305 12.63 5.42 14.17
CA VAL D 305 13.59 5.23 13.10
C VAL D 305 14.78 4.40 13.59
N GLN D 306 15.23 4.72 14.80
CA GLN D 306 16.36 4.04 15.40
C GLN D 306 16.11 2.53 15.55
N ARG D 307 14.90 2.18 16.00
CA ARG D 307 14.53 0.78 16.18
C ARG D 307 14.49 0.03 14.86
N ARG D 308 14.05 0.71 13.80
CA ARG D 308 13.96 0.07 12.49
C ARG D 308 15.35 -0.17 11.90
N VAL D 309 16.29 0.73 12.17
CA VAL D 309 17.67 0.55 11.74
C VAL D 309 18.31 -0.59 12.50
N GLN D 310 18.13 -0.59 13.82
CA GLN D 310 18.65 -1.64 14.68
C GLN D 310 18.07 -3.00 14.31
N GLN D 311 16.79 -3.02 13.93
CA GLN D 311 16.15 -4.26 13.50
C GLN D 311 16.74 -4.73 12.17
N GLU D 312 17.16 -3.78 11.35
CA GLU D 312 17.78 -4.11 10.06
C GLU D 312 19.20 -4.64 10.26
N ILE D 313 19.87 -4.11 11.28
CA ILE D 313 21.22 -4.57 11.62
C ILE D 313 21.20 -6.02 12.10
N ASP D 314 20.20 -6.34 12.92
CA ASP D 314 20.07 -7.68 13.47
C ASP D 314 19.71 -8.72 12.40
N ASP D 315 19.00 -8.27 11.37
CA ASP D 315 18.54 -9.18 10.32
C ASP D 315 19.61 -9.41 9.24
N VAL D 316 20.56 -8.50 9.14
CA VAL D 316 21.57 -8.55 8.09
C VAL D 316 22.95 -8.88 8.64
N ILE D 317 23.29 -8.29 9.78
CA ILE D 317 24.63 -8.45 10.35
C ILE D 317 24.62 -9.28 11.63
N GLY D 318 23.72 -8.93 12.55
CA GLY D 318 23.67 -9.58 13.84
C GLY D 318 24.34 -8.73 14.90
N GLN D 319 24.45 -9.25 16.12
CA GLN D 319 25.06 -8.50 17.20
C GLN D 319 26.37 -9.16 17.67
N VAL D 320 27.02 -9.88 16.75
CA VAL D 320 28.29 -10.52 17.06
C VAL D 320 29.39 -10.05 16.11
N ARG D 321 29.07 -10.02 14.82
CA ARG D 321 30.04 -9.64 13.79
C ARG D 321 30.10 -8.12 13.61
N ARG D 322 31.29 -7.61 13.31
CA ARG D 322 31.45 -6.20 12.99
C ARG D 322 30.84 -5.89 11.62
N PRO D 323 30.27 -4.68 11.48
CA PRO D 323 29.68 -4.25 10.20
C PRO D 323 30.72 -4.10 9.09
N GLU D 324 30.37 -4.54 7.89
CA GLU D 324 31.27 -4.43 6.74
C GLU D 324 30.57 -3.69 5.60
N MET D 325 31.36 -3.12 4.70
CA MET D 325 30.83 -2.29 3.62
C MET D 325 29.94 -3.09 2.66
N GLY D 326 30.13 -4.39 2.61
CA GLY D 326 29.31 -5.24 1.76
C GLY D 326 27.89 -5.37 2.25
N ASP D 327 27.64 -4.92 3.48
CA ASP D 327 26.32 -5.00 4.08
C ASP D 327 25.44 -3.82 3.68
N GLN D 328 26.05 -2.77 3.13
CA GLN D 328 25.32 -1.57 2.75
C GLN D 328 24.33 -1.85 1.63
N ALA D 329 24.71 -2.74 0.71
CA ALA D 329 23.87 -3.09 -0.42
C ALA D 329 22.66 -3.92 0.00
N HIS D 330 22.66 -4.37 1.26
CA HIS D 330 21.57 -5.19 1.76
C HIS D 330 20.81 -4.49 2.90
N MET D 331 21.21 -3.27 3.20
CA MET D 331 20.54 -2.47 4.23
C MET D 331 20.05 -1.16 3.66
N PRO D 332 18.96 -1.20 2.87
CA PRO D 332 18.43 0.00 2.19
C PRO D 332 17.90 1.06 3.15
N TYR D 333 17.25 0.65 4.23
CA TYR D 333 16.68 1.61 5.17
C TYR D 333 17.76 2.39 5.89
N THR D 334 18.78 1.69 6.39
CA THR D 334 19.90 2.33 7.08
C THR D 334 20.57 3.35 6.16
N THR D 335 20.88 2.94 4.94
CA THR D 335 21.49 3.81 3.94
C THR D 335 20.61 5.04 3.68
N ALA D 336 19.30 4.85 3.71
CA ALA D 336 18.37 5.95 3.54
C ALA D 336 18.38 6.88 4.75
N VAL D 337 18.57 6.30 5.93
CA VAL D 337 18.62 7.09 7.16
C VAL D 337 19.87 7.96 7.17
N ILE D 338 21.01 7.37 6.82
CA ILE D 338 22.27 8.08 6.78
C ILE D 338 22.23 9.25 5.78
N HIS D 339 21.67 8.99 4.60
CA HIS D 339 21.54 10.04 3.60
C HIS D 339 20.59 11.14 4.06
N GLU D 340 19.55 10.77 4.79
CA GLU D 340 18.58 11.73 5.29
C GLU D 340 19.15 12.55 6.44
N VAL D 341 20.06 11.95 7.19
CA VAL D 341 20.82 12.68 8.21
C VAL D 341 21.63 13.78 7.54
N GLN D 342 22.31 13.43 6.45
CA GLN D 342 23.10 14.38 5.70
C GLN D 342 22.24 15.47 5.06
N ARG D 343 21.09 15.09 4.52
CA ARG D 343 20.20 16.04 3.88
C ARG D 343 19.58 17.00 4.89
N PHE D 344 19.07 16.45 5.99
CA PHE D 344 18.45 17.26 7.03
C PHE D 344 19.50 18.09 7.77
N GLY D 345 20.63 17.45 8.07
CA GLY D 345 21.73 18.10 8.76
C GLY D 345 22.18 19.34 8.03
N ASP D 346 22.49 19.19 6.73
CA ASP D 346 22.84 20.31 5.87
C ASP D 346 23.98 21.10 6.49
N ILE D 347 25.07 20.40 6.80
CA ILE D 347 26.14 20.97 7.61
C ILE D 347 26.93 22.05 6.87
N VAL D 348 26.95 21.98 5.55
CA VAL D 348 27.58 23.03 4.75
C VAL D 348 26.53 23.68 3.84
N PRO D 349 25.76 24.62 4.41
CA PRO D 349 24.60 25.21 3.73
C PRO D 349 24.95 26.05 2.50
N LEU D 350 26.03 26.82 2.58
CA LEU D 350 26.43 27.70 1.48
C LEU D 350 27.63 27.15 0.73
N GLY D 351 27.99 25.92 1.03
CA GLY D 351 29.12 25.27 0.37
C GLY D 351 30.41 26.04 0.54
N VAL D 352 31.37 25.76 -0.33
CA VAL D 352 32.61 26.51 -0.37
C VAL D 352 32.59 27.40 -1.60
N THR D 353 33.02 28.66 -1.44
CA THR D 353 32.96 29.63 -2.53
C THR D 353 33.80 29.23 -3.74
N HIS D 354 33.24 29.46 -4.93
CA HIS D 354 33.95 29.27 -6.19
C HIS D 354 34.21 30.61 -6.85
N MET D 355 35.06 30.63 -7.87
CA MET D 355 35.27 31.83 -8.67
C MET D 355 35.36 31.47 -10.14
N THR D 356 34.75 32.29 -10.99
CA THR D 356 34.80 32.07 -12.43
C THR D 356 36.16 32.46 -12.98
N SER D 357 36.80 31.52 -13.69
CA SER D 357 38.10 31.77 -14.29
C SER D 357 37.97 32.43 -15.67
N ARG D 358 36.75 32.41 -16.20
CA ARG D 358 36.43 33.15 -17.42
C ARG D 358 34.94 33.52 -17.45
N ASP D 359 34.45 33.97 -18.60
CA ASP D 359 33.05 34.36 -18.73
C ASP D 359 32.17 33.16 -19.04
N ILE D 360 31.02 33.08 -18.37
CA ILE D 360 30.08 31.99 -18.57
C ILE D 360 28.63 32.46 -18.64
N GLU D 361 27.75 31.58 -19.07
CA GLU D 361 26.32 31.87 -19.13
C GLU D 361 25.53 30.85 -18.35
N VAL D 362 24.86 31.30 -17.30
CA VAL D 362 24.03 30.43 -16.47
C VAL D 362 22.60 30.96 -16.41
N GLN D 363 21.64 30.09 -16.70
CA GLN D 363 20.22 30.43 -16.70
C GLN D 363 19.93 31.63 -17.61
N GLY D 364 20.71 31.77 -18.67
CA GLY D 364 20.53 32.85 -19.62
C GLY D 364 21.34 34.10 -19.30
N PHE D 365 21.63 34.31 -18.01
CA PHE D 365 22.38 35.49 -17.58
C PHE D 365 23.87 35.32 -17.86
N ARG D 366 24.61 36.43 -17.77
CA ARG D 366 26.04 36.42 -18.03
C ARG D 366 26.86 36.65 -16.76
N ILE D 367 27.79 35.74 -16.49
CA ILE D 367 28.67 35.86 -15.32
C ILE D 367 30.07 36.26 -15.74
N PRO D 368 30.47 37.50 -15.38
CA PRO D 368 31.81 38.02 -15.70
C PRO D 368 32.92 37.22 -15.06
N LYS D 369 34.12 37.27 -15.64
CA LYS D 369 35.29 36.60 -15.08
C LYS D 369 35.68 37.21 -13.73
N GLY D 370 36.08 36.37 -12.78
CA GLY D 370 36.50 36.84 -11.48
C GLY D 370 35.33 37.07 -10.54
N THR D 371 34.18 36.49 -10.90
CA THR D 371 32.99 36.60 -10.06
C THR D 371 32.98 35.48 -9.02
N THR D 372 32.79 35.86 -7.75
CA THR D 372 32.69 34.89 -6.68
C THR D 372 31.34 34.18 -6.72
N LEU D 373 31.37 32.86 -6.88
CA LEU D 373 30.14 32.07 -6.90
C LEU D 373 29.86 31.45 -5.53
N ILE D 374 28.64 31.63 -5.05
CA ILE D 374 28.20 30.93 -3.86
C ILE D 374 27.19 29.86 -4.24
N THR D 375 27.55 28.60 -4.00
CA THR D 375 26.66 27.48 -4.24
C THR D 375 25.76 27.26 -3.04
N ASN D 376 24.50 27.66 -3.17
CA ASN D 376 23.53 27.44 -2.09
C ASN D 376 23.09 25.99 -2.05
N LEU D 377 23.90 25.15 -1.42
CA LEU D 377 23.61 23.73 -1.30
C LEU D 377 22.35 23.49 -0.47
N SER D 378 22.07 24.41 0.45
CA SER D 378 20.87 24.35 1.27
C SER D 378 19.61 24.45 0.42
N SER D 379 19.64 25.30 -0.59
CA SER D 379 18.51 25.48 -1.49
C SER D 379 18.27 24.23 -2.34
N VAL D 380 19.29 23.39 -2.42
CA VAL D 380 19.19 22.15 -3.18
C VAL D 380 18.69 21.01 -2.30
N LEU D 381 19.18 20.96 -1.07
CA LEU D 381 18.82 19.90 -0.14
C LEU D 381 17.45 20.13 0.50
N LYS D 382 17.00 21.38 0.51
CA LYS D 382 15.72 21.73 1.11
C LYS D 382 14.76 22.31 0.07
N ASP D 383 14.86 21.82 -1.17
CA ASP D 383 14.04 22.32 -2.27
C ASP D 383 12.62 21.76 -2.22
N GLU D 384 11.64 22.65 -2.13
CA GLU D 384 10.24 22.28 -1.99
C GLU D 384 9.70 21.50 -3.19
N ALA D 385 10.31 21.69 -4.35
CA ALA D 385 9.85 21.05 -5.58
C ALA D 385 10.50 19.68 -5.81
N VAL D 386 11.28 19.23 -4.84
CA VAL D 386 11.96 17.94 -4.96
C VAL D 386 11.64 17.02 -3.79
N TRP D 387 11.74 17.54 -2.58
CA TRP D 387 11.54 16.74 -1.38
C TRP D 387 10.14 16.92 -0.80
N GLU D 388 9.49 15.80 -0.48
CA GLU D 388 8.12 15.81 0.04
C GLU D 388 8.01 16.62 1.33
N LYS D 389 8.90 16.34 2.28
CA LYS D 389 8.90 17.05 3.55
C LYS D 389 10.27 17.66 3.82
N PRO D 390 10.59 18.75 3.11
CA PRO D 390 11.94 19.35 3.08
C PRO D 390 12.49 19.78 4.44
N PHE D 391 11.63 19.97 5.44
CA PHE D 391 12.09 20.46 6.73
C PHE D 391 11.82 19.46 7.86
N ARG D 392 11.51 18.23 7.49
CA ARG D 392 11.34 17.16 8.46
C ARG D 392 12.41 16.09 8.24
N PHE D 393 12.70 15.33 9.30
CA PHE D 393 13.58 14.18 9.16
C PHE D 393 12.77 13.02 8.61
N HIS D 394 12.81 12.85 7.29
CA HIS D 394 11.95 11.91 6.60
C HIS D 394 12.75 10.95 5.74
N PRO D 395 13.17 9.81 6.32
CA PRO D 395 14.01 8.83 5.62
C PRO D 395 13.37 8.29 4.34
N GLU D 396 12.06 8.41 4.21
CA GLU D 396 11.37 7.94 3.01
C GLU D 396 11.69 8.80 1.79
N HIS D 397 12.43 9.88 2.00
CA HIS D 397 12.95 10.70 0.91
C HIS D 397 13.84 9.87 -0.01
N PHE D 398 14.51 8.87 0.57
CA PHE D 398 15.45 8.04 -0.18
C PHE D 398 14.92 6.62 -0.34
N LEU D 399 13.60 6.48 -0.32
CA LEU D 399 12.95 5.18 -0.47
C LEU D 399 11.78 5.27 -1.45
N ASP D 400 11.68 4.28 -2.34
CA ASP D 400 10.54 4.20 -3.24
C ASP D 400 9.39 3.43 -2.59
N ALA D 401 8.45 2.96 -3.40
CA ALA D 401 7.31 2.21 -2.90
C ALA D 401 7.69 0.76 -2.57
N GLN D 402 8.89 0.36 -2.99
CA GLN D 402 9.34 -1.01 -2.78
C GLN D 402 10.28 -1.13 -1.58
N GLY D 403 10.66 0.00 -1.00
CA GLY D 403 11.55 0.00 0.14
C GLY D 403 13.01 0.01 -0.25
N HIS D 404 13.28 0.01 -1.55
CA HIS D 404 14.65 0.08 -2.05
C HIS D 404 15.23 1.47 -1.82
N PHE D 405 16.55 1.57 -1.81
CA PHE D 405 17.22 2.86 -1.66
C PHE D 405 17.34 3.57 -3.01
N VAL D 406 16.85 4.81 -3.05
CA VAL D 406 16.99 5.63 -4.25
C VAL D 406 17.56 6.99 -3.89
N LYS D 407 18.55 7.44 -4.66
CA LYS D 407 19.23 8.71 -4.38
C LYS D 407 18.87 9.77 -5.41
N PRO D 408 18.06 10.76 -5.02
CA PRO D 408 17.68 11.88 -5.89
C PRO D 408 18.90 12.70 -6.31
N GLU D 409 18.87 13.26 -7.52
CA GLU D 409 19.99 14.05 -8.01
C GLU D 409 20.21 15.32 -7.19
N ALA D 410 19.19 15.72 -6.43
CA ALA D 410 19.27 16.91 -5.61
C ALA D 410 20.07 16.67 -4.33
N PHE D 411 20.49 15.43 -4.11
CA PHE D 411 21.33 15.11 -2.97
C PHE D 411 22.77 15.53 -3.26
N LEU D 412 23.11 16.77 -2.93
CA LEU D 412 24.45 17.31 -3.14
C LEU D 412 25.09 17.89 -1.89
N PRO D 413 25.32 17.07 -0.86
CA PRO D 413 26.00 17.60 0.34
C PRO D 413 27.50 17.77 0.11
N PHE D 414 28.03 17.10 -0.91
CA PHE D 414 29.44 17.20 -1.27
C PHE D 414 29.63 18.09 -2.50
N SER D 415 28.63 18.91 -2.80
CA SER D 415 28.63 19.77 -3.99
C SER D 415 28.80 18.97 -5.28
N ALA D 416 29.29 19.62 -6.33
CA ALA D 416 29.42 18.99 -7.63
C ALA D 416 30.55 19.58 -8.46
N GLY D 417 30.92 18.91 -9.54
CA GLY D 417 31.95 19.39 -10.42
C GLY D 417 33.34 18.90 -10.04
N ARG D 418 34.36 19.61 -10.53
CA ARG D 418 35.75 19.24 -10.31
C ARG D 418 36.21 19.43 -8.86
N ARG D 419 35.79 20.54 -8.25
CA ARG D 419 36.18 20.85 -6.88
C ARG D 419 35.33 20.13 -5.83
N ALA D 420 34.44 19.24 -6.28
CA ALA D 420 33.61 18.46 -5.37
C ALA D 420 34.48 17.73 -4.35
N CYS D 421 33.91 17.45 -3.17
CA CYS D 421 34.65 16.84 -2.07
C CYS D 421 35.41 15.59 -2.51
N LEU D 422 36.71 15.57 -2.26
CA LEU D 422 37.54 14.43 -2.63
C LEU D 422 37.53 13.37 -1.53
N GLY D 423 37.04 13.74 -0.37
CA GLY D 423 36.99 12.84 0.76
C GLY D 423 35.65 12.14 0.89
N GLU D 424 34.77 12.34 -0.08
CA GLU D 424 33.45 11.72 -0.07
C GLU D 424 33.49 10.18 0.03
N PRO D 425 34.33 9.50 -0.76
CA PRO D 425 34.38 8.04 -0.60
C PRO D 425 34.77 7.61 0.81
N LEU D 426 35.66 8.39 1.44
CA LEU D 426 36.07 8.10 2.81
C LEU D 426 34.97 8.47 3.80
N ALA D 427 34.25 9.54 3.51
CA ALA D 427 33.14 9.98 4.36
C ALA D 427 32.01 8.96 4.36
N ARG D 428 31.72 8.39 3.19
CA ARG D 428 30.69 7.37 3.06
C ARG D 428 31.01 6.15 3.92
N MET D 429 32.27 5.74 3.91
CA MET D 429 32.72 4.60 4.69
C MET D 429 32.64 4.87 6.19
N GLU D 430 33.11 6.05 6.60
CA GLU D 430 33.09 6.43 8.01
C GLU D 430 31.65 6.52 8.53
N LEU D 431 30.78 7.19 7.77
CA LEU D 431 29.41 7.39 8.19
C LEU D 431 28.67 6.06 8.36
N PHE D 432 28.88 5.13 7.43
CA PHE D 432 28.20 3.84 7.50
C PHE D 432 28.73 2.97 8.65
N LEU D 433 30.05 2.84 8.72
CA LEU D 433 30.67 1.95 9.71
C LEU D 433 30.52 2.46 11.14
N PHE D 434 30.66 3.77 11.34
CA PHE D 434 30.51 4.34 12.69
C PHE D 434 29.06 4.30 13.17
N PHE D 435 28.13 4.62 12.27
CA PHE D 435 26.71 4.71 12.64
C PHE D 435 26.11 3.33 12.91
N THR D 436 26.46 2.35 12.08
CA THR D 436 25.94 1.00 12.26
C THR D 436 26.53 0.32 13.49
N SER D 437 27.83 0.56 13.73
CA SER D 437 28.51 -0.05 14.88
C SER D 437 27.93 0.45 16.20
N LEU D 438 27.65 1.75 16.26
CA LEU D 438 27.07 2.35 17.45
C LEU D 438 25.66 1.86 17.70
N LEU D 439 24.84 1.82 16.65
CA LEU D 439 23.46 1.37 16.78
C LEU D 439 23.36 -0.14 17.00
N GLN D 440 24.39 -0.86 16.58
CA GLN D 440 24.42 -2.31 16.73
C GLN D 440 24.49 -2.73 18.21
N HIS D 441 25.21 -1.96 19.01
CA HIS D 441 25.45 -2.34 20.39
C HIS D 441 24.86 -1.38 21.41
N PHE D 442 24.22 -0.31 20.94
CA PHE D 442 23.63 0.66 21.84
C PHE D 442 22.24 1.09 21.41
N SER D 443 21.42 1.45 22.39
CA SER D 443 20.12 2.05 22.13
C SER D 443 20.14 3.47 22.68
N PHE D 444 20.16 4.45 21.79
CA PHE D 444 20.28 5.84 22.19
C PHE D 444 18.92 6.48 22.41
N SER D 445 18.84 7.32 23.44
CA SER D 445 17.59 7.95 23.81
C SER D 445 17.82 9.23 24.61
N VAL D 446 16.83 10.11 24.62
CA VAL D 446 16.92 11.32 25.41
C VAL D 446 16.93 10.97 26.90
N PRO D 447 17.77 11.65 27.67
CA PRO D 447 17.86 11.41 29.12
C PRO D 447 16.55 11.73 29.82
N THR D 448 15.96 10.76 30.52
CA THR D 448 14.68 10.95 31.19
C THR D 448 14.73 12.14 32.15
N GLY D 449 13.75 13.02 32.03
CA GLY D 449 13.71 14.22 32.84
C GLY D 449 14.04 15.46 32.04
N GLN D 450 15.07 15.36 31.20
CA GLN D 450 15.50 16.48 30.37
C GLN D 450 14.50 16.71 29.24
N PRO D 451 14.34 17.99 28.84
CA PRO D 451 13.44 18.32 27.73
C PRO D 451 14.00 17.88 26.38
N ARG D 452 13.11 17.53 25.45
CA ARG D 452 13.51 17.12 24.11
C ARG D 452 14.35 18.22 23.43
N PRO D 453 15.55 17.86 22.97
CA PRO D 453 16.49 18.81 22.38
C PRO D 453 16.02 19.37 21.04
N SER D 454 16.46 20.57 20.71
CA SER D 454 16.08 21.22 19.47
C SER D 454 16.74 20.57 18.25
N HIS D 455 15.95 20.30 17.21
CA HIS D 455 16.49 19.79 15.96
C HIS D 455 16.86 20.95 15.03
N HIS D 456 16.90 22.15 15.60
CA HIS D 456 17.31 23.35 14.88
C HIS D 456 18.76 23.68 15.23
N GLY D 457 19.58 23.88 14.20
CA GLY D 457 20.97 24.20 14.40
C GLY D 457 21.28 25.66 14.18
N VAL D 458 22.21 26.21 14.96
CA VAL D 458 22.63 27.59 14.79
C VAL D 458 23.44 27.74 13.50
N PHE D 459 23.04 28.70 12.66
CA PHE D 459 23.64 28.87 11.34
C PHE D 459 25.10 29.34 11.40
N ALA D 460 25.90 28.78 10.51
CA ALA D 460 27.31 29.14 10.36
C ALA D 460 27.80 28.64 9.02
N PHE D 461 29.11 28.66 8.81
CA PHE D 461 29.69 28.08 7.60
C PHE D 461 29.61 26.56 7.70
N LEU D 462 29.81 26.04 8.91
CA LEU D 462 29.56 24.64 9.19
C LEU D 462 28.53 24.50 10.32
N VAL D 463 27.34 24.04 9.97
CA VAL D 463 26.23 23.96 10.92
C VAL D 463 26.31 22.73 11.83
N SER D 464 26.40 22.99 13.13
CA SER D 464 26.41 21.92 14.12
C SER D 464 25.07 21.86 14.85
N PRO D 465 24.72 20.68 15.39
CA PRO D 465 23.51 20.56 16.21
C PRO D 465 23.60 21.40 17.47
N SER D 466 22.46 21.78 18.03
CA SER D 466 22.45 22.44 19.33
C SER D 466 22.97 21.44 20.36
N PRO D 467 23.76 21.93 21.33
CA PRO D 467 24.36 21.09 22.38
C PRO D 467 23.32 20.22 23.10
N TYR D 468 23.50 18.91 23.00
CA TYR D 468 22.54 17.97 23.57
C TYR D 468 23.27 16.87 24.31
N GLU D 469 22.54 16.16 25.16
CA GLU D 469 23.07 15.00 25.83
C GLU D 469 22.22 13.79 25.49
N LEU D 470 22.81 12.59 25.58
CA LEU D 470 22.06 11.37 25.34
C LEU D 470 22.49 10.27 26.31
N CYS D 471 21.72 9.20 26.33
CA CYS D 471 22.09 8.02 27.11
C CYS D 471 22.36 6.85 26.18
N ALA D 472 23.43 6.11 26.46
CA ALA D 472 23.79 4.95 25.66
C ALA D 472 23.74 3.69 26.51
N VAL D 473 22.69 2.89 26.31
CA VAL D 473 22.54 1.64 27.03
C VAL D 473 22.73 0.45 26.10
N PRO D 474 23.62 -0.47 26.47
CA PRO D 474 23.93 -1.69 25.70
C PRO D 474 22.68 -2.53 25.41
N ARG D 475 22.70 -3.25 24.29
CA ARG D 475 21.56 -4.06 23.88
C ARG D 475 21.73 -5.52 24.30
CHA HEM E . -14.83 34.41 9.32
CHB HEM E . -12.47 31.91 5.89
CHC HEM E . -16.28 32.48 2.91
CHD HEM E . -18.41 35.36 6.19
C1A HEM E . -13.85 33.71 8.65
C2A HEM E . -12.54 33.40 9.17
C3A HEM E . -11.88 32.71 8.23
C4A HEM E . -12.75 32.56 7.08
CMA HEM E . -10.47 32.19 8.37
CAA HEM E . -12.02 33.81 10.57
CBA HEM E . -12.53 32.82 11.61
CGA HEM E . -12.01 33.22 12.96
O1A HEM E . -12.00 34.44 13.27
O2A HEM E . -11.59 32.33 13.73
C1B HEM E . -13.29 31.82 4.79
C2B HEM E . -13.03 31.08 3.57
C3B HEM E . -14.09 31.23 2.74
C4B HEM E . -15.05 32.08 3.41
CMB HEM E . -11.76 30.30 3.34
CAB HEM E . -14.34 30.68 1.32
CBB HEM E . -13.49 29.91 0.64
C1C HEM E . -17.23 33.24 3.56
C2C HEM E . -18.60 33.46 3.15
C3C HEM E . -19.19 34.26 4.06
C4C HEM E . -18.21 34.56 5.07
CMC HEM E . -19.20 32.87 1.90
CAC HEM E . -20.64 34.82 4.14
CBC HEM E . -21.65 34.49 3.33
C1D HEM E . -17.65 35.33 7.34
C2D HEM E . -17.95 36.02 8.58
C3D HEM E . -16.97 35.76 9.45
C4D HEM E . -16.00 34.91 8.78
CMD HEM E . -19.17 36.86 8.86
CAD HEM E . -16.86 36.26 10.90
CBD HEM E . -17.61 35.33 11.84
CGD HEM E . -17.47 35.81 13.26
O1D HEM E . -18.13 35.24 14.17
O2D HEM E . -16.69 36.77 13.50
NA HEM E . -13.95 33.19 7.38
NB HEM E . -14.53 32.42 4.65
NC HEM E . -17.02 33.94 4.74
ND HEM E . -16.45 34.67 7.49
FE HEM E . -15.55 33.41 6.10
ZN ZN F . -35.82 41.18 -0.80
ZN ZN G . -11.88 3.77 2.36
C1 P6U H . -11.37 41.75 5.69
C2 P6U H . -12.81 42.21 5.74
C3 P6U H . -13.76 41.00 5.90
C4 P6U H . -15.22 41.42 5.97
S1 P6U H . -15.58 42.54 7.31
C5 P6U H . -14.02 43.34 7.50
N1 P6U H . -12.96 43.17 6.84
N2 P6U H . -14.05 44.25 8.48
C6 P6U H . -13.18 42.93 4.43
C7 P6U H . -13.65 44.24 4.49
C8 P6U H . -13.97 44.97 3.35
C9 P6U H . -13.79 44.35 2.13
C10 P6U H . -13.34 43.06 2.01
C11 P6U H . -13.05 42.38 3.17
F1 P6U H . -12.67 41.09 3.07
F2 P6U H . -14.07 45.05 1.02
C12 P6U H . -14.55 46.37 3.46
N3 P6U H . -15.98 46.46 3.72
C13 P6U H . -16.47 47.72 4.34
C14 P6U H . -17.71 48.41 3.83
C15 P6U H . -16.35 49.05 3.66
C16 P6U H . -16.29 47.61 5.83
F3 P6U H . -17.08 48.44 6.49
F4 P6U H . -16.57 46.39 6.27
F5 P6U H . -15.04 47.89 6.21
CHA HEM I . -34.38 -18.40 1.08
CHB HEM I . -29.98 -18.09 3.10
CHC HEM I . -32.00 -16.59 7.26
CHD HEM I . -36.38 -17.43 5.39
C1A HEM I . -33.02 -18.44 1.25
C2A HEM I . -32.04 -18.85 0.27
C3A HEM I . -30.83 -18.77 0.82
C4A HEM I . -30.99 -18.30 2.19
CMA HEM I . -29.52 -19.09 0.16
CAA HEM I . -32.33 -19.31 -1.19
CBA HEM I . -32.82 -18.14 -2.03
CGA HEM I . -33.14 -18.62 -3.42
O1A HEM I . -34.22 -19.22 -3.62
O2A HEM I . -32.30 -18.41 -4.34
C1B HEM I . -30.13 -17.66 4.40
C2B HEM I . -29.07 -17.44 5.36
C3B HEM I . -29.63 -17.03 6.52
C4B HEM I . -31.06 -16.97 6.32
CMB HEM I . -27.61 -17.67 5.03
CAB HEM I . -28.96 -16.65 7.86
CBB HEM I . -27.65 -16.53 8.08
C1C HEM I . -33.36 -16.62 7.10
C2C HEM I . -34.35 -16.09 8.02
C3C HEM I . -35.57 -16.32 7.49
C4C HEM I . -35.38 -17.01 6.23
CMC HEM I . -33.99 -15.41 9.31
CAC HEM I . -36.99 -15.98 8.03
CBC HEM I . -37.24 -15.35 9.19
C1D HEM I . -36.24 -17.74 4.06
C2D HEM I . -37.31 -17.98 3.11
C3D HEM I . -36.75 -18.24 1.92
C4D HEM I . -35.31 -18.18 2.08
CMD HEM I . -38.79 -17.94 3.40
CAD HEM I . -37.51 -18.57 0.61
CBD HEM I . -37.88 -17.26 -0.10
CGD HEM I . -38.60 -17.59 -1.38
O1D HEM I . -39.11 -16.66 -2.04
O2D HEM I . -38.66 -18.81 -1.73
NA HEM I . -32.35 -18.12 2.41
NB HEM I . -31.33 -17.37 5.03
NC HEM I . -34.03 -17.18 6.02
ND HEM I . -35.04 -17.87 3.39
FE HEM I . -33.17 -17.50 4.18
ZN ZN J . -49.94 -13.02 18.93
C1 P6U K . -34.84 -26.66 4.20
C2 P6U K . -36.19 -26.23 4.74
C3 P6U K . -36.28 -24.69 4.83
C4 P6U K . -37.62 -24.21 5.33
S1 P6U K . -39.00 -24.75 4.31
C5 P6U K . -38.36 -26.24 3.65
N1 P6U K . -37.24 -26.79 3.86
N2 P6U K . -39.24 -26.83 2.83
C6 P6U K . -36.44 -26.82 6.14
C7 P6U K . -37.56 -27.60 6.36
C8 P6U K . -37.83 -28.18 7.60
C9 P6U K . -36.92 -27.96 8.61
C10 P6U K . -35.80 -27.19 8.45
C11 P6U K . -35.59 -26.64 7.21
F1 P6U K . -34.51 -25.84 7.06
F2 P6U K . -37.17 -28.53 9.81
C12 P6U K . -39.10 -28.97 7.83
N3 P6U K . -40.28 -28.18 8.22
C13 P6U K . -41.62 -28.76 7.93
C14 P6U K . -42.76 -28.54 8.86
C15 P6U K . -42.19 -29.91 8.67
C16 P6U K . -41.89 -28.61 6.45
F3 P6U K . -43.18 -28.60 6.17
F4 P6U K . -41.37 -27.48 5.97
F5 P6U K . -41.35 -29.60 5.74
CHA HEM L . 14.19 -36.87 -10.48
CHB HEM L . 11.17 -33.17 -11.39
CHC HEM L . 14.24 -31.58 -14.81
CHD HEM L . 16.98 -35.53 -14.19
C1A HEM L . 13.11 -36.01 -10.44
C2A HEM L . 11.99 -36.14 -9.53
C3A HEM L . 11.15 -35.13 -9.77
C4A HEM L . 11.72 -34.31 -10.83
CMA HEM L . 9.85 -34.89 -9.05
CAA HEM L . 11.83 -37.27 -8.50
CBA HEM L . 12.46 -36.86 -7.18
CGA HEM L . 12.18 -37.93 -6.16
O1A HEM L . 12.19 -39.13 -6.54
O2A HEM L . 11.95 -37.60 -4.97
C1B HEM L . 11.74 -32.40 -12.39
C2B HEM L . 11.20 -31.18 -12.96
C3B HEM L . 12.05 -30.74 -13.90
C4B HEM L . 13.16 -31.67 -13.96
CMB HEM L . 9.90 -30.56 -12.51
CAB HEM L . 11.99 -29.49 -14.82
CBB HEM L . 11.14 -28.47 -14.69
C1C HEM L . 15.29 -32.47 -14.89
C2C HEM L . 16.53 -32.28 -15.63
C3C HEM L . 17.28 -33.39 -15.45
C4C HEM L . 16.55 -34.29 -14.61
CMC HEM L . 16.84 -31.04 -16.43
CAC HEM L . 18.69 -33.75 -16.01
CBC HEM L . 19.43 -32.97 -16.80
C1D HEM L . 16.49 -36.24 -13.12
C2D HEM L . 17.08 -37.42 -12.53
C3D HEM L . 16.31 -37.79 -11.50
C4D HEM L . 15.20 -36.85 -11.41
CMD HEM L . 18.33 -38.12 -12.98
CAD HEM L . 16.54 -39.00 -10.58
CBD HEM L . 17.38 -38.56 -9.38
CGD HEM L . 17.59 -39.72 -8.45
O1D HEM L . 18.38 -39.58 -7.48
O2D HEM L . 16.97 -40.79 -8.67
NA HEM L . 12.91 -34.89 -11.21
NB HEM L . 12.93 -32.67 -13.03
NC HEM L . 15.33 -33.71 -14.28
ND HEM L . 15.35 -35.91 -12.41
FE HEM L . 14.21 -34.20 -12.64
ZN ZN M . 32.10 -35.47 -26.60
C1 P6U N . 9.95 -41.21 -16.49
C2 P6U N . 11.32 -41.60 -17.02
C3 P6U N . 12.40 -40.64 -16.48
C4 P6U N . 13.80 -41.00 -16.98
S1 P6U N . 14.29 -42.65 -16.48
C5 P6U N . 12.74 -43.46 -16.37
N1 P6U N . 11.59 -42.99 -16.61
N2 P6U N . 12.87 -44.73 -16.01
C6 P6U N . 11.36 -41.55 -18.55
C7 P6U N . 11.71 -42.71 -19.25
C8 P6U N . 11.76 -42.73 -20.65
C9 P6U N . 11.40 -41.58 -21.32
C10 P6U N . 11.05 -40.42 -20.67
C11 P6U N . 11.04 -40.44 -19.29
F1 P6U N . 10.75 -39.29 -18.65
F2 P6U N . 11.41 -41.60 -22.66
C12 P6U N . 12.23 -43.96 -21.39
N3 P6U N . 13.66 -43.99 -21.74
C13 P6U N . 14.31 -45.32 -21.80
C14 P6U N . 15.41 -45.58 -22.79
C15 P6U N . 14.09 -46.29 -22.92
C16 P6U N . 14.49 -45.82 -20.40
F3 P6U N . 15.48 -46.71 -20.30
F4 P6U N . 14.79 -44.85 -19.54
F5 P6U N . 13.40 -46.43 -19.93
CHA HEM O . 35.48 19.96 -0.33
CHB HEM O . 31.52 18.46 2.04
CHC HEM O . 34.18 15.09 4.31
CHD HEM O . 38.18 16.77 2.15
C1A HEM O . 34.19 19.85 0.12
C2A HEM O . 33.10 20.71 -0.26
C3A HEM O . 31.99 20.31 0.39
C4A HEM O . 32.36 19.17 1.21
CMA HEM O . 30.63 20.93 0.28
CAA HEM O . 33.19 21.89 -1.26
CBA HEM O . 33.10 21.39 -2.69
CGA HEM O . 33.16 22.57 -3.62
O1A HEM O . 33.63 23.65 -3.18
O2A HEM O . 32.74 22.44 -4.79
C1B HEM O . 31.89 17.42 2.88
C2B HEM O . 31.01 16.68 3.77
C3B HEM O . 31.76 15.74 4.40
C4B HEM O . 33.11 15.86 3.91
CMB HEM O . 29.54 16.98 3.90
CAB HEM O . 31.35 14.67 5.44
CBB HEM O . 30.10 14.44 5.85
C1C HEM O . 35.49 15.20 3.88
C2C HEM O . 36.57 14.28 4.17
C3C HEM O . 37.68 14.76 3.57
C4C HEM O . 37.32 15.99 2.89
CMC HEM O . 36.40 13.04 5.00
CAC HEM O . 39.13 14.20 3.54
CBC HEM O . 39.53 13.05 4.11
C1D HEM O . 37.81 17.78 1.29
C2D HEM O . 38.69 18.56 0.44
C3D HEM O . 37.95 19.44 -0.24
C4D HEM O . 36.57 19.24 0.14
CMD HEM O . 40.19 18.42 0.35
CAD HEM O . 38.46 20.48 -1.27
CBD HEM O . 38.35 19.86 -2.66
CGD HEM O . 38.93 20.80 -3.69
O1D HEM O . 39.11 20.37 -4.86
O2D HEM O . 39.18 21.99 -3.35
NA HEM O . 33.71 18.92 1.02
NB HEM O . 33.16 16.89 3.00
NC HEM O . 35.98 16.22 3.10
ND HEM O . 36.52 18.23 1.08
FE HEM O . 34.81 17.48 1.96
ZN ZN P . 53.85 6.54 8.06
C1 P6U Q . 37.16 25.66 6.44
C2 P6U Q . 38.54 25.01 6.34
C3 P6U Q . 38.44 23.66 5.59
C4 P6U Q . 39.78 22.96 5.49
S1 P6U Q . 40.99 23.94 4.61
C5 P6U Q . 40.43 25.57 4.96
N1 P6U Q . 39.46 25.94 5.66
N2 P6U Q . 41.22 26.50 4.39
C6 P6U Q . 39.11 24.74 7.74
C7 P6U Q . 40.33 25.31 8.10
C8 P6U Q . 40.91 25.10 9.34
C9 P6U Q . 40.22 24.32 10.24
C10 P6U Q . 39.01 23.73 9.95
C11 P6U Q . 38.49 23.97 8.70
F1 P6U Q . 37.31 23.37 8.40
F2 P6U Q . 40.76 24.12 11.46
C12 P6U Q . 42.27 25.67 9.68
N3 P6U Q . 43.42 24.79 9.45
C13 P6U Q . 44.62 25.41 8.84
C14 P6U Q . 45.95 25.32 9.53
C15 P6U Q . 45.26 26.65 9.38
C16 P6U Q . 44.56 25.20 7.35
F3 P6U Q . 45.70 25.55 6.75
F4 P6U Q . 44.33 23.93 7.03
F5 P6U Q . 43.59 25.92 6.79
#